data_1M45
# 
_entry.id   1M45 
# 
_audit_conform.dict_name       mmcif_pdbx.dic 
_audit_conform.dict_version    5.386 
_audit_conform.dict_location   http://mmcif.pdb.org/dictionaries/ascii/mmcif_pdbx.dic 
# 
loop_
_database_2.database_id 
_database_2.database_code 
_database_2.pdbx_database_accession 
_database_2.pdbx_DOI 
PDB   1M45         pdb_00001m45 10.2210/pdb1m45/pdb 
RCSB  RCSB016574   ?            ?                   
WWPDB D_1000016574 ?            ?                   
# 
loop_
_pdbx_audit_revision_history.ordinal 
_pdbx_audit_revision_history.data_content_type 
_pdbx_audit_revision_history.major_revision 
_pdbx_audit_revision_history.minor_revision 
_pdbx_audit_revision_history.revision_date 
1 'Structure model' 1 0 2003-02-11 
2 'Structure model' 1 1 2008-04-28 
3 'Structure model' 1 2 2011-07-13 
4 'Structure model' 1 3 2024-02-14 
# 
_pdbx_audit_revision_details.ordinal             1 
_pdbx_audit_revision_details.revision_ordinal    1 
_pdbx_audit_revision_details.data_content_type   'Structure model' 
_pdbx_audit_revision_details.provider            repository 
_pdbx_audit_revision_details.type                'Initial release' 
_pdbx_audit_revision_details.description         ? 
_pdbx_audit_revision_details.details             ? 
# 
loop_
_pdbx_audit_revision_group.ordinal 
_pdbx_audit_revision_group.revision_ordinal 
_pdbx_audit_revision_group.data_content_type 
_pdbx_audit_revision_group.group 
1 2 'Structure model' 'Version format compliance' 
2 3 'Structure model' 'Version format compliance' 
3 4 'Structure model' 'Data collection'           
4 4 'Structure model' 'Database references'       
# 
loop_
_pdbx_audit_revision_category.ordinal 
_pdbx_audit_revision_category.revision_ordinal 
_pdbx_audit_revision_category.data_content_type 
_pdbx_audit_revision_category.category 
1 4 'Structure model' chem_comp_atom 
2 4 'Structure model' chem_comp_bond 
3 4 'Structure model' database_2     
# 
loop_
_pdbx_audit_revision_item.ordinal 
_pdbx_audit_revision_item.revision_ordinal 
_pdbx_audit_revision_item.data_content_type 
_pdbx_audit_revision_item.item 
1 4 'Structure model' '_database_2.pdbx_DOI'                
2 4 'Structure model' '_database_2.pdbx_database_accession' 
# 
_pdbx_database_status.status_code                     REL 
_pdbx_database_status.entry_id                        1M45 
_pdbx_database_status.recvd_initial_deposition_date   2002-07-02 
_pdbx_database_status.deposit_site                    RCSB 
_pdbx_database_status.process_site                    RCSB 
_pdbx_database_status.SG_entry                        . 
_pdbx_database_status.pdb_format_compatible           Y 
_pdbx_database_status.status_code_mr                  ? 
_pdbx_database_status.status_code_sf                  ? 
_pdbx_database_status.status_code_cs                  ? 
_pdbx_database_status.status_code_nmr_data            ? 
_pdbx_database_status.methods_development_category    ? 
# 
_pdbx_database_related.db_name        PDB 
_pdbx_database_related.db_id          1M46 
_pdbx_database_related.details        'CRYSTAL STRUCTURE OF MLC1P BOUND TO IQ4 OF MYO2P, A CLASS V MYOSIN' 
_pdbx_database_related.content_type   unspecified 
# 
loop_
_audit_author.name 
_audit_author.pdbx_ordinal 
'Terrak, M.'    1 
'Dominguez, R.' 2 
# 
loop_
_citation.id 
_citation.title 
_citation.journal_abbrev 
_citation.journal_volume 
_citation.page_first 
_citation.page_last 
_citation.year 
_citation.journal_id_ASTM 
_citation.country 
_citation.journal_id_ISSN 
_citation.journal_id_CSD 
_citation.book_publisher 
_citation.pdbx_database_id_PubMed 
_citation.pdbx_database_id_DOI 
primary 
;Two distinct myosin light chain structures are induced by specific variations 
within the bound IQ motifs-functional implications
;
'Embo J.'                  22 362  371  2003 EMJODG UK 0261-4189 0897 ? 12554638 10.1093/emboj/cdg058      
1       
;Crystallisation, X-ray characterization and selenomethionine     
phasing of Mlc1p bound to IQ motifs from myosin V
;
'Acta Crystallogr.,Sect.D' 58 1882 1885 2002 ABCRE6 DK 0907-4449 0766 ? ?        10.1107/S0907444902013951 
# 
loop_
_citation_author.citation_id 
_citation_author.name 
_citation_author.ordinal 
_citation_author.identifier_ORCID 
primary 'Terrak, M.'      1  ? 
primary 'Wu, G.'          2  ? 
primary 'Stafford, W.F.'  3  ? 
primary 'Lu, R.C.'        4  ? 
primary 'Dominguez, R.'   5  ? 
1       'Terrak, M.'      6  ? 
1       'Otterbein, L.R.' 7  ? 
1       'Wu, G.'          8  ? 
1       'Palecanda, L.A.' 9  ? 
1       'Lu, R.C.'        10 ? 
1       'Dominguez, R.'   11 ? 
# 
loop_
_entity.id 
_entity.type 
_entity.src_method 
_entity.pdbx_description 
_entity.formula_weight 
_entity.pdbx_number_of_molecules 
_entity.pdbx_ec 
_entity.pdbx_mutation 
_entity.pdbx_fragment 
_entity.details 
1 polymer man 'Myosin light chain'                     16332.213 1   ? ? ? ? 
2 polymer syn 'IQ2 Motif from MYO2P, A Class V Myosin' 2993.420  1   ? ? ? ? 
3 water   nat water                                    18.015    252 ? ? ? ? 
# 
loop_
_entity_name_com.entity_id 
_entity_name_com.name 
1 MLC1P 
2 IQ2   
# 
loop_
_entity_poly.entity_id 
_entity_poly.type 
_entity_poly.nstd_linkage 
_entity_poly.nstd_monomer 
_entity_poly.pdbx_seq_one_letter_code 
_entity_poly.pdbx_seq_one_letter_code_can 
_entity_poly.pdbx_strand_id 
_entity_poly.pdbx_target_identifier 
1 'polypeptide(L)' no no 
;SATRANKDIFTLFDKKGQGAIAKDSLGDYLRAIGYNPTNQLVQDIINADSSLRDASSLTLDQITGLIEVNEKELDATTKA
KTEDFVKAFQVFDKESTGKVSVGDLRYMLTGLGEKLTDAEVDELLKGVEVDSNGEIDYKKFIEDVLRQ
;
;SATRANKDIFTLFDKKGQGAIAKDSLGDYLRAIGYNPTNQLVQDIINADSSLRDASSLTLDQITGLIEVNEKELDATTKA
KTEDFVKAFQVFDKESTGKVSVGDLRYMLTGLGEKLTDAEVDELLKGVEVDSNGEIDYKKFIEDVLRQ
;
A ? 
2 'polypeptide(L)' no no QISQAIKYLQNNIKGFIIRQRVNDE QISQAIKYLQNNIKGFIIRQRVNDE B ? 
# 
_pdbx_entity_nonpoly.entity_id   3 
_pdbx_entity_nonpoly.name        water 
_pdbx_entity_nonpoly.comp_id     HOH 
# 
loop_
_entity_poly_seq.entity_id 
_entity_poly_seq.num 
_entity_poly_seq.mon_id 
_entity_poly_seq.hetero 
1 1   SER n 
1 2   ALA n 
1 3   THR n 
1 4   ARG n 
1 5   ALA n 
1 6   ASN n 
1 7   LYS n 
1 8   ASP n 
1 9   ILE n 
1 10  PHE n 
1 11  THR n 
1 12  LEU n 
1 13  PHE n 
1 14  ASP n 
1 15  LYS n 
1 16  LYS n 
1 17  GLY n 
1 18  GLN n 
1 19  GLY n 
1 20  ALA n 
1 21  ILE n 
1 22  ALA n 
1 23  LYS n 
1 24  ASP n 
1 25  SER n 
1 26  LEU n 
1 27  GLY n 
1 28  ASP n 
1 29  TYR n 
1 30  LEU n 
1 31  ARG n 
1 32  ALA n 
1 33  ILE n 
1 34  GLY n 
1 35  TYR n 
1 36  ASN n 
1 37  PRO n 
1 38  THR n 
1 39  ASN n 
1 40  GLN n 
1 41  LEU n 
1 42  VAL n 
1 43  GLN n 
1 44  ASP n 
1 45  ILE n 
1 46  ILE n 
1 47  ASN n 
1 48  ALA n 
1 49  ASP n 
1 50  SER n 
1 51  SER n 
1 52  LEU n 
1 53  ARG n 
1 54  ASP n 
1 55  ALA n 
1 56  SER n 
1 57  SER n 
1 58  LEU n 
1 59  THR n 
1 60  LEU n 
1 61  ASP n 
1 62  GLN n 
1 63  ILE n 
1 64  THR n 
1 65  GLY n 
1 66  LEU n 
1 67  ILE n 
1 68  GLU n 
1 69  VAL n 
1 70  ASN n 
1 71  GLU n 
1 72  LYS n 
1 73  GLU n 
1 74  LEU n 
1 75  ASP n 
1 76  ALA n 
1 77  THR n 
1 78  THR n 
1 79  LYS n 
1 80  ALA n 
1 81  LYS n 
1 82  THR n 
1 83  GLU n 
1 84  ASP n 
1 85  PHE n 
1 86  VAL n 
1 87  LYS n 
1 88  ALA n 
1 89  PHE n 
1 90  GLN n 
1 91  VAL n 
1 92  PHE n 
1 93  ASP n 
1 94  LYS n 
1 95  GLU n 
1 96  SER n 
1 97  THR n 
1 98  GLY n 
1 99  LYS n 
1 100 VAL n 
1 101 SER n 
1 102 VAL n 
1 103 GLY n 
1 104 ASP n 
1 105 LEU n 
1 106 ARG n 
1 107 TYR n 
1 108 MET n 
1 109 LEU n 
1 110 THR n 
1 111 GLY n 
1 112 LEU n 
1 113 GLY n 
1 114 GLU n 
1 115 LYS n 
1 116 LEU n 
1 117 THR n 
1 118 ASP n 
1 119 ALA n 
1 120 GLU n 
1 121 VAL n 
1 122 ASP n 
1 123 GLU n 
1 124 LEU n 
1 125 LEU n 
1 126 LYS n 
1 127 GLY n 
1 128 VAL n 
1 129 GLU n 
1 130 VAL n 
1 131 ASP n 
1 132 SER n 
1 133 ASN n 
1 134 GLY n 
1 135 GLU n 
1 136 ILE n 
1 137 ASP n 
1 138 TYR n 
1 139 LYS n 
1 140 LYS n 
1 141 PHE n 
1 142 ILE n 
1 143 GLU n 
1 144 ASP n 
1 145 VAL n 
1 146 LEU n 
1 147 ARG n 
1 148 GLN n 
2 1   GLN n 
2 2   ILE n 
2 3   SER n 
2 4   GLN n 
2 5   ALA n 
2 6   ILE n 
2 7   LYS n 
2 8   TYR n 
2 9   LEU n 
2 10  GLN n 
2 11  ASN n 
2 12  ASN n 
2 13  ILE n 
2 14  LYS n 
2 15  GLY n 
2 16  PHE n 
2 17  ILE n 
2 18  ILE n 
2 19  ARG n 
2 20  GLN n 
2 21  ARG n 
2 22  VAL n 
2 23  ASN n 
2 24  ASP n 
2 25  GLU n 
# 
_entity_src_gen.entity_id                          1 
_entity_src_gen.pdbx_src_id                        1 
_entity_src_gen.pdbx_alt_source_flag               sample 
_entity_src_gen.pdbx_seq_type                      ? 
_entity_src_gen.pdbx_beg_seq_num                   ? 
_entity_src_gen.pdbx_end_seq_num                   ? 
_entity_src_gen.gene_src_common_name               
;baker's yeast
;
_entity_src_gen.gene_src_genus                     Saccharomyces 
_entity_src_gen.pdbx_gene_src_gene                 MLC1 
_entity_src_gen.gene_src_species                   ? 
_entity_src_gen.gene_src_strain                    ? 
_entity_src_gen.gene_src_tissue                    ? 
_entity_src_gen.gene_src_tissue_fraction           ? 
_entity_src_gen.gene_src_details                   ? 
_entity_src_gen.pdbx_gene_src_fragment             ? 
_entity_src_gen.pdbx_gene_src_scientific_name      'Saccharomyces cerevisiae' 
_entity_src_gen.pdbx_gene_src_ncbi_taxonomy_id     4932 
_entity_src_gen.pdbx_gene_src_variant              ? 
_entity_src_gen.pdbx_gene_src_cell_line            ? 
_entity_src_gen.pdbx_gene_src_atcc                 ? 
_entity_src_gen.pdbx_gene_src_organ                ? 
_entity_src_gen.pdbx_gene_src_organelle            ? 
_entity_src_gen.pdbx_gene_src_cell                 ? 
_entity_src_gen.pdbx_gene_src_cellular_location    ? 
_entity_src_gen.host_org_common_name               ? 
_entity_src_gen.pdbx_host_org_scientific_name      'Escherichia coli BL21(DE3)' 
_entity_src_gen.pdbx_host_org_ncbi_taxonomy_id     469008 
_entity_src_gen.host_org_genus                     Escherichia 
_entity_src_gen.pdbx_host_org_gene                 ? 
_entity_src_gen.pdbx_host_org_organ                ? 
_entity_src_gen.host_org_species                   'Escherichia coli' 
_entity_src_gen.pdbx_host_org_tissue               ? 
_entity_src_gen.pdbx_host_org_tissue_fraction      ? 
_entity_src_gen.pdbx_host_org_strain               'BL21 (DE3)' 
_entity_src_gen.pdbx_host_org_variant              ? 
_entity_src_gen.pdbx_host_org_cell_line            ? 
_entity_src_gen.pdbx_host_org_atcc                 ? 
_entity_src_gen.pdbx_host_org_culture_collection   ? 
_entity_src_gen.pdbx_host_org_cell                 ? 
_entity_src_gen.pdbx_host_org_organelle            ? 
_entity_src_gen.pdbx_host_org_cellular_location    ? 
_entity_src_gen.pdbx_host_org_vector_type          Plasmid 
_entity_src_gen.pdbx_host_org_vector               ? 
_entity_src_gen.host_org_details                   ? 
_entity_src_gen.expression_system_id               ? 
_entity_src_gen.plasmid_name                       pAED4 
_entity_src_gen.plasmid_details                    ? 
_entity_src_gen.pdbx_description                   ? 
# 
_pdbx_entity_src_syn.entity_id              2 
_pdbx_entity_src_syn.pdbx_src_id            1 
_pdbx_entity_src_syn.pdbx_alt_source_flag   sample 
_pdbx_entity_src_syn.pdbx_beg_seq_num       ? 
_pdbx_entity_src_syn.pdbx_end_seq_num       ? 
_pdbx_entity_src_syn.organism_scientific    ? 
_pdbx_entity_src_syn.organism_common_name   ? 
_pdbx_entity_src_syn.ncbi_taxonomy_id       ? 
_pdbx_entity_src_syn.details                
;The peptide was chemically synthesized. The sequence of the peptide is naturally found in Saccharomyces cerevisiae (Baker's yeast).
;
# 
loop_
_chem_comp.id 
_chem_comp.type 
_chem_comp.mon_nstd_flag 
_chem_comp.name 
_chem_comp.pdbx_synonyms 
_chem_comp.formula 
_chem_comp.formula_weight 
ALA 'L-peptide linking' y ALANINE         ? 'C3 H7 N O2'     89.093  
ARG 'L-peptide linking' y ARGININE        ? 'C6 H15 N4 O2 1' 175.209 
ASN 'L-peptide linking' y ASPARAGINE      ? 'C4 H8 N2 O3'    132.118 
ASP 'L-peptide linking' y 'ASPARTIC ACID' ? 'C4 H7 N O4'     133.103 
GLN 'L-peptide linking' y GLUTAMINE       ? 'C5 H10 N2 O3'   146.144 
GLU 'L-peptide linking' y 'GLUTAMIC ACID' ? 'C5 H9 N O4'     147.129 
GLY 'peptide linking'   y GLYCINE         ? 'C2 H5 N O2'     75.067  
HOH non-polymer         . WATER           ? 'H2 O'           18.015  
ILE 'L-peptide linking' y ISOLEUCINE      ? 'C6 H13 N O2'    131.173 
LEU 'L-peptide linking' y LEUCINE         ? 'C6 H13 N O2'    131.173 
LYS 'L-peptide linking' y LYSINE          ? 'C6 H15 N2 O2 1' 147.195 
MET 'L-peptide linking' y METHIONINE      ? 'C5 H11 N O2 S'  149.211 
PHE 'L-peptide linking' y PHENYLALANINE   ? 'C9 H11 N O2'    165.189 
PRO 'L-peptide linking' y PROLINE         ? 'C5 H9 N O2'     115.130 
SER 'L-peptide linking' y SERINE          ? 'C3 H7 N O3'     105.093 
THR 'L-peptide linking' y THREONINE       ? 'C4 H9 N O3'     119.119 
TYR 'L-peptide linking' y TYROSINE        ? 'C9 H11 N O3'    181.189 
VAL 'L-peptide linking' y VALINE          ? 'C5 H11 N O2'    117.146 
# 
loop_
_pdbx_poly_seq_scheme.asym_id 
_pdbx_poly_seq_scheme.entity_id 
_pdbx_poly_seq_scheme.seq_id 
_pdbx_poly_seq_scheme.mon_id 
_pdbx_poly_seq_scheme.ndb_seq_num 
_pdbx_poly_seq_scheme.pdb_seq_num 
_pdbx_poly_seq_scheme.auth_seq_num 
_pdbx_poly_seq_scheme.pdb_mon_id 
_pdbx_poly_seq_scheme.auth_mon_id 
_pdbx_poly_seq_scheme.pdb_strand_id 
_pdbx_poly_seq_scheme.pdb_ins_code 
_pdbx_poly_seq_scheme.hetero 
A 1 1   SER 1   2   ?   ?   ?   A . n 
A 1 2   ALA 2   3   ?   ?   ?   A . n 
A 1 3   THR 3   4   4   THR THR A . n 
A 1 4   ARG 4   5   5   ARG ARG A . n 
A 1 5   ALA 5   6   6   ALA ALA A . n 
A 1 6   ASN 6   7   7   ASN ASN A . n 
A 1 7   LYS 7   8   8   LYS LYS A . n 
A 1 8   ASP 8   9   9   ASP ASP A . n 
A 1 9   ILE 9   10  10  ILE ILE A . n 
A 1 10  PHE 10  11  11  PHE PHE A . n 
A 1 11  THR 11  12  12  THR THR A . n 
A 1 12  LEU 12  13  13  LEU LEU A . n 
A 1 13  PHE 13  14  14  PHE PHE A . n 
A 1 14  ASP 14  15  15  ASP ASP A . n 
A 1 15  LYS 15  16  16  LYS LYS A . n 
A 1 16  LYS 16  17  17  LYS LYS A . n 
A 1 17  GLY 17  18  18  GLY GLY A . n 
A 1 18  GLN 18  19  19  GLN GLN A . n 
A 1 19  GLY 19  20  20  GLY GLY A . n 
A 1 20  ALA 20  21  21  ALA ALA A . n 
A 1 21  ILE 21  22  22  ILE ILE A . n 
A 1 22  ALA 22  23  23  ALA ALA A . n 
A 1 23  LYS 23  24  24  LYS LYS A . n 
A 1 24  ASP 24  25  25  ASP ASP A . n 
A 1 25  SER 25  26  26  SER SER A . n 
A 1 26  LEU 26  27  27  LEU LEU A . n 
A 1 27  GLY 27  28  28  GLY GLY A . n 
A 1 28  ASP 28  29  29  ASP ASP A . n 
A 1 29  TYR 29  30  30  TYR TYR A . n 
A 1 30  LEU 30  31  31  LEU LEU A . n 
A 1 31  ARG 31  32  32  ARG ARG A . n 
A 1 32  ALA 32  33  33  ALA ALA A . n 
A 1 33  ILE 33  34  34  ILE ILE A . n 
A 1 34  GLY 34  35  35  GLY GLY A . n 
A 1 35  TYR 35  36  36  TYR TYR A . n 
A 1 36  ASN 36  37  37  ASN ASN A . n 
A 1 37  PRO 37  38  38  PRO PRO A . n 
A 1 38  THR 38  39  39  THR THR A . n 
A 1 39  ASN 39  40  40  ASN ASN A . n 
A 1 40  GLN 40  41  41  GLN GLN A . n 
A 1 41  LEU 41  42  42  LEU LEU A . n 
A 1 42  VAL 42  43  43  VAL VAL A . n 
A 1 43  GLN 43  44  44  GLN GLN A . n 
A 1 44  ASP 44  45  45  ASP ASP A . n 
A 1 45  ILE 45  46  46  ILE ILE A . n 
A 1 46  ILE 46  47  47  ILE ILE A . n 
A 1 47  ASN 47  48  48  ASN ASN A . n 
A 1 48  ALA 48  49  49  ALA ALA A . n 
A 1 49  ASP 49  50  ?   ?   ?   A . n 
A 1 50  SER 50  51  ?   ?   ?   A . n 
A 1 51  SER 51  52  52  SER SER A . n 
A 1 52  LEU 52  53  53  LEU LEU A . n 
A 1 53  ARG 53  54  ?   ?   ?   A . n 
A 1 54  ASP 54  55  ?   ?   ?   A . n 
A 1 55  ALA 55  56  56  ALA ALA A . n 
A 1 56  SER 56  57  57  SER SER A . n 
A 1 57  SER 57  58  58  SER SER A . n 
A 1 58  LEU 58  59  59  LEU LEU A . n 
A 1 59  THR 59  60  60  THR THR A . n 
A 1 60  LEU 60  61  61  LEU LEU A . n 
A 1 61  ASP 61  62  62  ASP ASP A . n 
A 1 62  GLN 62  63  63  GLN GLN A . n 
A 1 63  ILE 63  64  64  ILE ILE A . n 
A 1 64  THR 64  65  65  THR THR A . n 
A 1 65  GLY 65  66  66  GLY GLY A . n 
A 1 66  LEU 66  67  67  LEU LEU A . n 
A 1 67  ILE 67  68  68  ILE ILE A . n 
A 1 68  GLU 68  69  69  GLU GLU A . n 
A 1 69  VAL 69  70  70  VAL VAL A . n 
A 1 70  ASN 70  71  71  ASN ASN A . n 
A 1 71  GLU 71  72  72  GLU GLU A . n 
A 1 72  LYS 72  73  73  LYS LYS A . n 
A 1 73  GLU 73  74  74  GLU GLU A . n 
A 1 74  LEU 74  75  75  LEU LEU A . n 
A 1 75  ASP 75  76  76  ASP ASP A . n 
A 1 76  ALA 76  77  77  ALA ALA A . n 
A 1 77  THR 77  78  78  THR THR A . n 
A 1 78  THR 78  79  79  THR THR A . n 
A 1 79  LYS 79  80  80  LYS LYS A . n 
A 1 80  ALA 80  81  81  ALA ALA A . n 
A 1 81  LYS 81  82  82  LYS LYS A . n 
A 1 82  THR 82  83  83  THR THR A . n 
A 1 83  GLU 83  84  84  GLU GLU A . n 
A 1 84  ASP 84  85  85  ASP ASP A . n 
A 1 85  PHE 85  86  86  PHE PHE A . n 
A 1 86  VAL 86  87  87  VAL VAL A . n 
A 1 87  LYS 87  88  88  LYS LYS A . n 
A 1 88  ALA 88  89  89  ALA ALA A . n 
A 1 89  PHE 89  90  90  PHE PHE A . n 
A 1 90  GLN 90  91  91  GLN GLN A . n 
A 1 91  VAL 91  92  92  VAL VAL A . n 
A 1 92  PHE 92  93  93  PHE PHE A . n 
A 1 93  ASP 93  94  94  ASP ASP A . n 
A 1 94  LYS 94  95  95  LYS LYS A . n 
A 1 95  GLU 95  96  96  GLU GLU A . n 
A 1 96  SER 96  97  97  SER SER A . n 
A 1 97  THR 97  98  98  THR THR A . n 
A 1 98  GLY 98  99  99  GLY GLY A . n 
A 1 99  LYS 99  100 100 LYS LYS A . n 
A 1 100 VAL 100 101 101 VAL VAL A . n 
A 1 101 SER 101 102 102 SER SER A . n 
A 1 102 VAL 102 103 103 VAL VAL A . n 
A 1 103 GLY 103 104 104 GLY GLY A . n 
A 1 104 ASP 104 105 105 ASP ASP A . n 
A 1 105 LEU 105 106 106 LEU LEU A . n 
A 1 106 ARG 106 107 107 ARG ARG A . n 
A 1 107 TYR 107 108 108 TYR TYR A . n 
A 1 108 MET 108 109 109 MET MET A . n 
A 1 109 LEU 109 110 110 LEU LEU A . n 
A 1 110 THR 110 111 111 THR THR A . n 
A 1 111 GLY 111 112 112 GLY GLY A . n 
A 1 112 LEU 112 113 113 LEU LEU A . n 
A 1 113 GLY 113 114 114 GLY GLY A . n 
A 1 114 GLU 114 115 115 GLU GLU A . n 
A 1 115 LYS 115 116 116 LYS LYS A . n 
A 1 116 LEU 116 117 117 LEU LEU A . n 
A 1 117 THR 117 118 118 THR THR A . n 
A 1 118 ASP 118 119 119 ASP ASP A . n 
A 1 119 ALA 119 120 120 ALA ALA A . n 
A 1 120 GLU 120 121 121 GLU GLU A . n 
A 1 121 VAL 121 122 122 VAL VAL A . n 
A 1 122 ASP 122 123 123 ASP ASP A . n 
A 1 123 GLU 123 124 124 GLU GLU A . n 
A 1 124 LEU 124 125 125 LEU LEU A . n 
A 1 125 LEU 125 126 126 LEU LEU A . n 
A 1 126 LYS 126 127 127 LYS LYS A . n 
A 1 127 GLY 127 128 128 GLY GLY A . n 
A 1 128 VAL 128 129 129 VAL VAL A . n 
A 1 129 GLU 129 130 130 GLU GLU A . n 
A 1 130 VAL 130 131 131 VAL VAL A . n 
A 1 131 ASP 131 132 132 ASP ASP A . n 
A 1 132 SER 132 133 133 SER SER A . n 
A 1 133 ASN 133 134 134 ASN ASN A . n 
A 1 134 GLY 134 135 135 GLY GLY A . n 
A 1 135 GLU 135 136 136 GLU GLU A . n 
A 1 136 ILE 136 137 137 ILE ILE A . n 
A 1 137 ASP 137 138 138 ASP ASP A . n 
A 1 138 TYR 138 139 139 TYR TYR A . n 
A 1 139 LYS 139 140 140 LYS LYS A . n 
A 1 140 LYS 140 141 141 LYS LYS A . n 
A 1 141 PHE 141 142 142 PHE PHE A . n 
A 1 142 ILE 142 143 143 ILE ILE A . n 
A 1 143 GLU 143 144 144 GLU GLU A . n 
A 1 144 ASP 144 145 145 ASP ASP A . n 
A 1 145 VAL 145 146 146 VAL VAL A . n 
A 1 146 LEU 146 147 147 LEU LEU A . n 
A 1 147 ARG 147 148 148 ARG ARG A . n 
A 1 148 GLN 148 149 149 GLN GLN A . n 
B 2 1   GLN 1   806 806 GLN GLN B . n 
B 2 2   ILE 2   807 807 ILE ILE B . n 
B 2 3   SER 3   808 808 SER SER B . n 
B 2 4   GLN 4   809 809 GLN GLN B . n 
B 2 5   ALA 5   810 810 ALA ALA B . n 
B 2 6   ILE 6   811 811 ILE ILE B . n 
B 2 7   LYS 7   812 812 LYS LYS B . n 
B 2 8   TYR 8   813 813 TYR TYR B . n 
B 2 9   LEU 9   814 814 LEU LEU B . n 
B 2 10  GLN 10  815 815 GLN GLN B . n 
B 2 11  ASN 11  816 816 ASN ASN B . n 
B 2 12  ASN 12  817 817 ASN ASN B . n 
B 2 13  ILE 13  818 818 ILE ILE B . n 
B 2 14  LYS 14  819 819 LYS LYS B . n 
B 2 15  GLY 15  820 820 GLY GLY B . n 
B 2 16  PHE 16  821 821 PHE PHE B . n 
B 2 17  ILE 17  822 822 ILE ILE B . n 
B 2 18  ILE 18  823 823 ILE ILE B . n 
B 2 19  ARG 19  824 824 ARG ARG B . n 
B 2 20  GLN 20  825 825 GLN GLN B . n 
B 2 21  ARG 21  826 826 ARG ARG B . n 
B 2 22  VAL 22  827 827 VAL VAL B . n 
B 2 23  ASN 23  828 828 ASN ASN B . n 
B 2 24  ASP 24  829 829 ASP ASP B . n 
B 2 25  GLU 25  830 830 GLU GLU B . n 
# 
loop_
_pdbx_nonpoly_scheme.asym_id 
_pdbx_nonpoly_scheme.entity_id 
_pdbx_nonpoly_scheme.mon_id 
_pdbx_nonpoly_scheme.ndb_seq_num 
_pdbx_nonpoly_scheme.pdb_seq_num 
_pdbx_nonpoly_scheme.auth_seq_num 
_pdbx_nonpoly_scheme.pdb_mon_id 
_pdbx_nonpoly_scheme.auth_mon_id 
_pdbx_nonpoly_scheme.pdb_strand_id 
_pdbx_nonpoly_scheme.pdb_ins_code 
C 3 HOH 1   150 1   HOH HOH A . 
C 3 HOH 2   151 2   HOH HOH A . 
C 3 HOH 3   152 4   HOH HOH A . 
C 3 HOH 4   153 5   HOH HOH A . 
C 3 HOH 5   154 6   HOH HOH A . 
C 3 HOH 6   155 7   HOH HOH A . 
C 3 HOH 7   156 8   HOH HOH A . 
C 3 HOH 8   157 9   HOH HOH A . 
C 3 HOH 9   158 10  HOH HOH A . 
C 3 HOH 10  159 11  HOH HOH A . 
C 3 HOH 11  160 13  HOH HOH A . 
C 3 HOH 12  161 15  HOH HOH A . 
C 3 HOH 13  162 16  HOH HOH A . 
C 3 HOH 14  163 17  HOH HOH A . 
C 3 HOH 15  164 18  HOH HOH A . 
C 3 HOH 16  165 19  HOH HOH A . 
C 3 HOH 17  166 20  HOH HOH A . 
C 3 HOH 18  167 22  HOH HOH A . 
C 3 HOH 19  168 24  HOH HOH A . 
C 3 HOH 20  169 25  HOH HOH A . 
C 3 HOH 21  170 26  HOH HOH A . 
C 3 HOH 22  171 27  HOH HOH A . 
C 3 HOH 23  172 28  HOH HOH A . 
C 3 HOH 24  173 30  HOH HOH A . 
C 3 HOH 25  174 31  HOH HOH A . 
C 3 HOH 26  175 32  HOH HOH A . 
C 3 HOH 27  176 33  HOH HOH A . 
C 3 HOH 28  177 34  HOH HOH A . 
C 3 HOH 29  178 35  HOH HOH A . 
C 3 HOH 30  179 37  HOH HOH A . 
C 3 HOH 31  180 39  HOH HOH A . 
C 3 HOH 32  181 41  HOH HOH A . 
C 3 HOH 33  182 42  HOH HOH A . 
C 3 HOH 34  183 43  HOH HOH A . 
C 3 HOH 35  184 44  HOH HOH A . 
C 3 HOH 36  185 45  HOH HOH A . 
C 3 HOH 37  186 46  HOH HOH A . 
C 3 HOH 38  187 47  HOH HOH A . 
C 3 HOH 39  188 48  HOH HOH A . 
C 3 HOH 40  189 51  HOH HOH A . 
C 3 HOH 41  190 53  HOH HOH A . 
C 3 HOH 42  191 54  HOH HOH A . 
C 3 HOH 43  192 55  HOH HOH A . 
C 3 HOH 44  193 56  HOH HOH A . 
C 3 HOH 45  194 57  HOH HOH A . 
C 3 HOH 46  195 58  HOH HOH A . 
C 3 HOH 47  196 59  HOH HOH A . 
C 3 HOH 48  197 60  HOH HOH A . 
C 3 HOH 49  198 61  HOH HOH A . 
C 3 HOH 50  199 62  HOH HOH A . 
C 3 HOH 51  200 63  HOH HOH A . 
C 3 HOH 52  201 64  HOH HOH A . 
C 3 HOH 53  202 65  HOH HOH A . 
C 3 HOH 54  203 66  HOH HOH A . 
C 3 HOH 55  204 67  HOH HOH A . 
C 3 HOH 56  205 68  HOH HOH A . 
C 3 HOH 57  206 69  HOH HOH A . 
C 3 HOH 58  207 71  HOH HOH A . 
C 3 HOH 59  208 72  HOH HOH A . 
C 3 HOH 60  209 73  HOH HOH A . 
C 3 HOH 61  210 74  HOH HOH A . 
C 3 HOH 62  211 75  HOH HOH A . 
C 3 HOH 63  212 76  HOH HOH A . 
C 3 HOH 64  213 77  HOH HOH A . 
C 3 HOH 65  214 78  HOH HOH A . 
C 3 HOH 66  215 80  HOH HOH A . 
C 3 HOH 67  216 81  HOH HOH A . 
C 3 HOH 68  217 83  HOH HOH A . 
C 3 HOH 69  218 84  HOH HOH A . 
C 3 HOH 70  219 85  HOH HOH A . 
C 3 HOH 71  220 86  HOH HOH A . 
C 3 HOH 72  221 87  HOH HOH A . 
C 3 HOH 73  222 88  HOH HOH A . 
C 3 HOH 74  223 89  HOH HOH A . 
C 3 HOH 75  224 90  HOH HOH A . 
C 3 HOH 76  225 91  HOH HOH A . 
C 3 HOH 77  226 92  HOH HOH A . 
C 3 HOH 78  227 93  HOH HOH A . 
C 3 HOH 79  228 95  HOH HOH A . 
C 3 HOH 80  229 96  HOH HOH A . 
C 3 HOH 81  230 97  HOH HOH A . 
C 3 HOH 82  231 98  HOH HOH A . 
C 3 HOH 83  232 99  HOH HOH A . 
C 3 HOH 84  233 100 HOH HOH A . 
C 3 HOH 85  234 101 HOH HOH A . 
C 3 HOH 86  235 102 HOH HOH A . 
C 3 HOH 87  236 103 HOH HOH A . 
C 3 HOH 88  237 104 HOH HOH A . 
C 3 HOH 89  238 107 HOH HOH A . 
C 3 HOH 90  239 108 HOH HOH A . 
C 3 HOH 91  240 110 HOH HOH A . 
C 3 HOH 92  241 111 HOH HOH A . 
C 3 HOH 93  242 112 HOH HOH A . 
C 3 HOH 94  243 113 HOH HOH A . 
C 3 HOH 95  244 114 HOH HOH A . 
C 3 HOH 96  245 115 HOH HOH A . 
C 3 HOH 97  246 116 HOH HOH A . 
C 3 HOH 98  247 117 HOH HOH A . 
C 3 HOH 99  248 118 HOH HOH A . 
C 3 HOH 100 249 119 HOH HOH A . 
C 3 HOH 101 250 120 HOH HOH A . 
C 3 HOH 102 251 121 HOH HOH A . 
C 3 HOH 103 252 122 HOH HOH A . 
C 3 HOH 104 253 123 HOH HOH A . 
C 3 HOH 105 254 124 HOH HOH A . 
C 3 HOH 106 255 125 HOH HOH A . 
C 3 HOH 107 256 126 HOH HOH A . 
C 3 HOH 108 257 127 HOH HOH A . 
C 3 HOH 109 258 129 HOH HOH A . 
C 3 HOH 110 259 130 HOH HOH A . 
C 3 HOH 111 260 131 HOH HOH A . 
C 3 HOH 112 261 134 HOH HOH A . 
C 3 HOH 113 262 135 HOH HOH A . 
C 3 HOH 114 263 136 HOH HOH A . 
C 3 HOH 115 264 137 HOH HOH A . 
C 3 HOH 116 265 138 HOH HOH A . 
C 3 HOH 117 266 139 HOH HOH A . 
C 3 HOH 118 267 140 HOH HOH A . 
C 3 HOH 119 268 141 HOH HOH A . 
C 3 HOH 120 269 142 HOH HOH A . 
C 3 HOH 121 270 143 HOH HOH A . 
C 3 HOH 122 271 144 HOH HOH A . 
C 3 HOH 123 272 145 HOH HOH A . 
C 3 HOH 124 273 146 HOH HOH A . 
C 3 HOH 125 274 147 HOH HOH A . 
C 3 HOH 126 275 148 HOH HOH A . 
C 3 HOH 127 276 149 HOH HOH A . 
C 3 HOH 128 277 150 HOH HOH A . 
C 3 HOH 129 278 151 HOH HOH A . 
C 3 HOH 130 279 152 HOH HOH A . 
C 3 HOH 131 280 153 HOH HOH A . 
C 3 HOH 132 281 154 HOH HOH A . 
C 3 HOH 133 282 155 HOH HOH A . 
C 3 HOH 134 283 156 HOH HOH A . 
C 3 HOH 135 284 157 HOH HOH A . 
C 3 HOH 136 285 158 HOH HOH A . 
C 3 HOH 137 286 159 HOH HOH A . 
C 3 HOH 138 287 160 HOH HOH A . 
C 3 HOH 139 288 161 HOH HOH A . 
C 3 HOH 140 289 162 HOH HOH A . 
C 3 HOH 141 290 163 HOH HOH A . 
C 3 HOH 142 291 165 HOH HOH A . 
C 3 HOH 143 292 166 HOH HOH A . 
C 3 HOH 144 293 167 HOH HOH A . 
C 3 HOH 145 294 168 HOH HOH A . 
C 3 HOH 146 295 170 HOH HOH A . 
C 3 HOH 147 296 171 HOH HOH A . 
C 3 HOH 148 297 172 HOH HOH A . 
C 3 HOH 149 298 174 HOH HOH A . 
C 3 HOH 150 299 175 HOH HOH A . 
C 3 HOH 151 300 176 HOH HOH A . 
C 3 HOH 152 301 177 HOH HOH A . 
C 3 HOH 153 302 178 HOH HOH A . 
C 3 HOH 154 303 179 HOH HOH A . 
C 3 HOH 155 304 180 HOH HOH A . 
C 3 HOH 156 305 181 HOH HOH A . 
C 3 HOH 157 306 182 HOH HOH A . 
C 3 HOH 158 307 183 HOH HOH A . 
C 3 HOH 159 308 184 HOH HOH A . 
C 3 HOH 160 309 185 HOH HOH A . 
C 3 HOH 161 310 188 HOH HOH A . 
C 3 HOH 162 311 189 HOH HOH A . 
C 3 HOH 163 312 190 HOH HOH A . 
C 3 HOH 164 313 191 HOH HOH A . 
C 3 HOH 165 314 192 HOH HOH A . 
C 3 HOH 166 315 194 HOH HOH A . 
C 3 HOH 167 316 195 HOH HOH A . 
C 3 HOH 168 317 196 HOH HOH A . 
C 3 HOH 169 318 197 HOH HOH A . 
C 3 HOH 170 319 198 HOH HOH A . 
C 3 HOH 171 320 199 HOH HOH A . 
C 3 HOH 172 321 200 HOH HOH A . 
C 3 HOH 173 322 201 HOH HOH A . 
C 3 HOH 174 323 202 HOH HOH A . 
C 3 HOH 175 324 203 HOH HOH A . 
C 3 HOH 176 325 204 HOH HOH A . 
C 3 HOH 177 326 205 HOH HOH A . 
C 3 HOH 178 327 206 HOH HOH A . 
C 3 HOH 179 328 207 HOH HOH A . 
C 3 HOH 180 329 208 HOH HOH A . 
C 3 HOH 181 330 209 HOH HOH A . 
C 3 HOH 182 331 210 HOH HOH A . 
C 3 HOH 183 332 212 HOH HOH A . 
C 3 HOH 184 333 214 HOH HOH A . 
C 3 HOH 185 334 215 HOH HOH A . 
C 3 HOH 186 335 216 HOH HOH A . 
C 3 HOH 187 336 217 HOH HOH A . 
C 3 HOH 188 337 218 HOH HOH A . 
C 3 HOH 189 338 219 HOH HOH A . 
C 3 HOH 190 339 220 HOH HOH A . 
C 3 HOH 191 340 221 HOH HOH A . 
C 3 HOH 192 341 222 HOH HOH A . 
C 3 HOH 193 342 223 HOH HOH A . 
C 3 HOH 194 343 224 HOH HOH A . 
C 3 HOH 195 344 225 HOH HOH A . 
C 3 HOH 196 345 226 HOH HOH A . 
C 3 HOH 197 346 227 HOH HOH A . 
C 3 HOH 198 347 228 HOH HOH A . 
C 3 HOH 199 348 229 HOH HOH A . 
C 3 HOH 200 349 231 HOH HOH A . 
C 3 HOH 201 350 232 HOH HOH A . 
C 3 HOH 202 351 233 HOH HOH A . 
C 3 HOH 203 352 234 HOH HOH A . 
C 3 HOH 204 353 235 HOH HOH A . 
C 3 HOH 205 354 236 HOH HOH A . 
C 3 HOH 206 355 237 HOH HOH A . 
C 3 HOH 207 356 238 HOH HOH A . 
C 3 HOH 208 357 239 HOH HOH A . 
C 3 HOH 209 358 240 HOH HOH A . 
C 3 HOH 210 359 241 HOH HOH A . 
C 3 HOH 211 360 242 HOH HOH A . 
C 3 HOH 212 361 243 HOH HOH A . 
C 3 HOH 213 362 244 HOH HOH A . 
C 3 HOH 214 363 245 HOH HOH A . 
C 3 HOH 215 364 246 HOH HOH A . 
C 3 HOH 216 365 248 HOH HOH A . 
C 3 HOH 217 366 249 HOH HOH A . 
C 3 HOH 218 367 250 HOH HOH A . 
C 3 HOH 219 368 251 HOH HOH A . 
C 3 HOH 220 369 252 HOH HOH A . 
D 3 HOH 1   3   3   HOH HOH B . 
D 3 HOH 2   12  12  HOH HOH B . 
D 3 HOH 3   14  14  HOH HOH B . 
D 3 HOH 4   21  21  HOH HOH B . 
D 3 HOH 5   23  23  HOH HOH B . 
D 3 HOH 6   29  29  HOH HOH B . 
D 3 HOH 7   36  36  HOH HOH B . 
D 3 HOH 8   38  38  HOH HOH B . 
D 3 HOH 9   40  40  HOH HOH B . 
D 3 HOH 10  49  49  HOH HOH B . 
D 3 HOH 11  50  50  HOH HOH B . 
D 3 HOH 12  52  52  HOH HOH B . 
D 3 HOH 13  70  70  HOH HOH B . 
D 3 HOH 14  79  79  HOH HOH B . 
D 3 HOH 15  82  82  HOH HOH B . 
D 3 HOH 16  94  94  HOH HOH B . 
D 3 HOH 17  105 105 HOH HOH B . 
D 3 HOH 18  106 106 HOH HOH B . 
D 3 HOH 19  109 109 HOH HOH B . 
D 3 HOH 20  128 128 HOH HOH B . 
D 3 HOH 21  132 132 HOH HOH B . 
D 3 HOH 22  133 133 HOH HOH B . 
D 3 HOH 23  164 164 HOH HOH B . 
D 3 HOH 24  169 169 HOH HOH B . 
D 3 HOH 25  173 173 HOH HOH B . 
D 3 HOH 26  186 186 HOH HOH B . 
D 3 HOH 27  187 187 HOH HOH B . 
D 3 HOH 28  193 193 HOH HOH B . 
D 3 HOH 29  211 211 HOH HOH B . 
D 3 HOH 30  213 213 HOH HOH B . 
D 3 HOH 31  230 230 HOH HOH B . 
D 3 HOH 32  247 247 HOH HOH B . 
# 
loop_
_software.name 
_software.classification 
_software.version 
_software.citation_id 
_software.pdbx_ordinal 
HKL-2000  'data collection' .   ? 1 
SCALEPACK 'data scaling'    .   ? 2 
AMoRE     phasing           .   ? 3 
REFMAC    refinement        5.0 ? 4 
HKL-2000  'data reduction'  .   ? 5 
# 
_cell.entry_id           1M45 
_cell.length_a           43.594 
_cell.length_b           56.455 
_cell.length_c           56.928 
_cell.angle_alpha        90.00 
_cell.angle_beta         90.00 
_cell.angle_gamma        90.00 
_cell.Z_PDB              4 
_cell.pdbx_unique_axis   ? 
# 
_symmetry.entry_id                         1M45 
_symmetry.space_group_name_H-M             'P 21 21 21' 
_symmetry.pdbx_full_space_group_name_H-M   ? 
_symmetry.cell_setting                     ? 
_symmetry.Int_Tables_number                19 
# 
_exptl.entry_id          1M45 
_exptl.method            'X-RAY DIFFRACTION' 
_exptl.crystals_number   1 
# 
_exptl_crystal.id                    1 
_exptl_crystal.density_meas          ? 
_exptl_crystal.density_percent_sol   32.13 
_exptl_crystal.density_Matthews      1.81 
_exptl_crystal.description           ? 
# 
_exptl_crystal_grow.crystal_id      1 
_exptl_crystal_grow.method          'VAPOR DIFFUSION, HANGING DROP' 
_exptl_crystal_grow.temp            293 
_exptl_crystal_grow.temp_details    ? 
_exptl_crystal_grow.pH              ? 
_exptl_crystal_grow.pdbx_details    'PEG 3350, sodium chloride, VAPOR DIFFUSION, HANGING DROP, temperature 293K' 
_exptl_crystal_grow.pdbx_pH_range   . 
# 
_diffrn.id                     1 
_diffrn.ambient_temp           100.0 
_diffrn.ambient_temp_details   ? 
_diffrn.crystal_id             1 
# 
_diffrn_detector.diffrn_id              1 
_diffrn_detector.detector               CCD 
_diffrn_detector.type                   'ADSC QUANTUM 4' 
_diffrn_detector.pdbx_collection_date   2000-06-01 
_diffrn_detector.details                ? 
# 
_diffrn_radiation.diffrn_id                        1 
_diffrn_radiation.wavelength_id                    1 
_diffrn_radiation.pdbx_monochromatic_or_laue_m_l   M 
_diffrn_radiation.monochromator                    'Si(111) double-crystal monochromator' 
_diffrn_radiation.pdbx_diffrn_protocol             'SINGLE WAVELENGTH' 
_diffrn_radiation.pdbx_scattering_type             x-ray 
# 
_diffrn_radiation_wavelength.id           1 
_diffrn_radiation_wavelength.wavelength   1.0 
_diffrn_radiation_wavelength.wt           1.0 
# 
_diffrn_source.diffrn_id                   1 
_diffrn_source.source                      SYNCHROTRON 
_diffrn_source.type                        'APS BEAMLINE 14-BM-D' 
_diffrn_source.pdbx_synchrotron_site       APS 
_diffrn_source.pdbx_synchrotron_beamline   14-BM-D 
_diffrn_source.pdbx_wavelength             ? 
_diffrn_source.pdbx_wavelength_list        1.0 
# 
_reflns.entry_id                     1M45 
_reflns.observed_criterion_sigma_F   0 
_reflns.observed_criterion_sigma_I   0 
_reflns.d_resolution_high            1.640 
_reflns.d_resolution_low             25.400 
_reflns.number_all                   17258 
_reflns.number_obs                   17258 
_reflns.percent_possible_obs         97.1 
_reflns.pdbx_Rmerge_I_obs            0.036 
_reflns.pdbx_Rsym_value              ? 
_reflns.pdbx_netI_over_sigmaI        25.6 
_reflns.B_iso_Wilson_estimate        ? 
_reflns.pdbx_redundancy              10.3 
_reflns.R_free_details               ? 
_reflns.limit_h_max                  ? 
_reflns.limit_h_min                  ? 
_reflns.limit_k_max                  ? 
_reflns.limit_k_min                  ? 
_reflns.limit_l_max                  ? 
_reflns.limit_l_min                  ? 
_reflns.observed_criterion_F_max     ? 
_reflns.observed_criterion_F_min     ? 
_reflns.pdbx_diffrn_id               1 
_reflns.pdbx_ordinal                 1 
# 
_reflns_shell.d_res_high             1.640 
_reflns_shell.d_res_low              1.710 
_reflns_shell.percent_possible_all   86.0 
_reflns_shell.Rmerge_I_obs           0.2 
_reflns_shell.pdbx_Rsym_value        ? 
_reflns_shell.meanI_over_sigI_obs    6.1 
_reflns_shell.pdbx_redundancy        ? 
_reflns_shell.percent_possible_obs   ? 
_reflns_shell.number_unique_all      ? 
_reflns_shell.pdbx_diffrn_id         ? 
_reflns_shell.pdbx_ordinal           1 
# 
_refine.entry_id                                 1M45 
_refine.ls_number_reflns_obs                     16255 
_refine.ls_number_reflns_all                     16255 
_refine.pdbx_ls_sigma_I                          ? 
_refine.pdbx_ls_sigma_F                          0.0 
_refine.pdbx_data_cutoff_high_absF               ? 
_refine.pdbx_data_cutoff_low_absF                ? 
_refine.ls_d_res_low                             25.000 
_refine.ls_d_res_high                            1.650 
_refine.ls_percent_reflns_obs                    98.00 
_refine.ls_R_factor_obs                          0.19284 
_refine.ls_R_factor_all                          ? 
_refine.ls_R_factor_R_work                       0.19084 
_refine.ls_R_factor_R_free                       0.22788 
_refine.ls_R_factor_R_free_error                 ? 
_refine.ls_R_factor_R_free_error_details         ? 
_refine.ls_percent_reflns_R_free                 5.1 
_refine.ls_number_reflns_R_free                  869 
_refine.ls_number_parameters                     ? 
_refine.ls_number_restraints                     ? 
_refine.occupancy_min                            ? 
_refine.occupancy_max                            ? 
_refine.correlation_coeff_Fo_to_Fc               0.952 
_refine.correlation_coeff_Fo_to_Fc_free          0.936 
_refine.B_iso_mean                               24.235 
_refine.aniso_B[1][1]                            0.55 
_refine.aniso_B[2][2]                            0.12 
_refine.aniso_B[3][3]                            -0.67 
_refine.aniso_B[1][2]                            0.00 
_refine.aniso_B[1][3]                            0.00 
_refine.aniso_B[2][3]                            0.00 
_refine.solvent_model_details                    'BABINET MODEL WITH MASK' 
_refine.solvent_model_param_ksol                 ? 
_refine.solvent_model_param_bsol                 ? 
_refine.pdbx_solvent_vdw_probe_radii             1.40 
_refine.pdbx_solvent_ion_probe_radii             0.80 
_refine.pdbx_solvent_shrinkage_radii             0.80 
_refine.pdbx_ls_cross_valid_method               THROUGHOUT 
_refine.details                                  'CNS 1.0 was also used at the beginning of the refinement of this structure' 
_refine.pdbx_starting_model                      ? 
_refine.pdbx_method_to_determine_struct          
;MOLECULAR REPLACEMENT, Structure of MLC1P bound to IQ 2 AND 3
(SOLVED BY MAD METHOD)
;
_refine.pdbx_isotropic_thermal_model             'overall anisotropic' 
_refine.pdbx_stereochemistry_target_values       'MAXIMUM LIKELIHOOD' 
_refine.pdbx_stereochem_target_val_spec_case     ? 
_refine.pdbx_R_Free_selection_details            RANDOM 
_refine.pdbx_overall_ESU_R_Free                  0.121 
_refine.overall_SU_B                             2.229 
_refine.ls_redundancy_reflns_obs                 ? 
_refine.B_iso_min                                ? 
_refine.B_iso_max                                ? 
_refine.overall_SU_R_Cruickshank_DPI             ? 
_refine.overall_SU_R_free                        ? 
_refine.overall_SU_ML                            0.076 
_refine.pdbx_overall_ESU_R                       0.131 
_refine.pdbx_data_cutoff_high_rms_absF           ? 
_refine.pdbx_refine_id                           'X-RAY DIFFRACTION' 
_refine.pdbx_diffrn_id                           1 
_refine.pdbx_TLS_residual_ADP_flag               ? 
_refine.pdbx_overall_phase_error                 ? 
_refine.pdbx_overall_SU_R_free_Cruickshank_DPI   ? 
_refine.pdbx_overall_SU_R_Blow_DPI               ? 
_refine.pdbx_overall_SU_R_free_Blow_DPI          ? 
# 
_refine_hist.pdbx_refine_id                   'X-RAY DIFFRACTION' 
_refine_hist.cycle_id                         LAST 
_refine_hist.pdbx_number_atoms_protein        1379 
_refine_hist.pdbx_number_atoms_nucleic_acid   0 
_refine_hist.pdbx_number_atoms_ligand         0 
_refine_hist.number_atoms_solvent             252 
_refine_hist.number_atoms_total               1631 
_refine_hist.d_res_high                       1.650 
_refine_hist.d_res_low                        25.000 
# 
loop_
_refine_ls_restr.type 
_refine_ls_restr.dev_ideal 
_refine_ls_restr.dev_ideal_target 
_refine_ls_restr.weight 
_refine_ls_restr.number 
_refine_ls_restr.pdbx_refine_id 
_refine_ls_restr.pdbx_restraint_function 
r_bond_refined_d         0.013  0.022  ? 1395 'X-RAY DIFFRACTION' ? 
r_angle_refined_deg      1.365  1.974  ? 1882 'X-RAY DIFFRACTION' ? 
r_dihedral_angle_1_deg   3.089  3.000  ? 178  'X-RAY DIFFRACTION' ? 
r_dihedral_angle_3_deg   11.580 15.000 ? 273  'X-RAY DIFFRACTION' ? 
r_chiral_restr           0.097  0.200  ? 218  'X-RAY DIFFRACTION' ? 
r_gen_planes_refined     0.007  0.020  ? 1047 'X-RAY DIFFRACTION' ? 
r_nbd_refined            0.220  0.200  ? 751  'X-RAY DIFFRACTION' ? 
r_xyhbond_nbd_refined    0.159  0.200  ? 185  'X-RAY DIFFRACTION' ? 
r_symmetry_vdw_refined   0.208  0.200  ? 66   'X-RAY DIFFRACTION' ? 
r_symmetry_hbond_refined 0.150  0.200  ? 40   'X-RAY DIFFRACTION' ? 
r_mcbond_it              1.009  1.500  ? 869  'X-RAY DIFFRACTION' ? 
r_mcangle_it             1.816  2.000  ? 1405 'X-RAY DIFFRACTION' ? 
r_scbond_it              2.864  3.000  ? 526  'X-RAY DIFFRACTION' ? 
r_scangle_it             4.751  4.500  ? 477  'X-RAY DIFFRACTION' ? 
# 
_refine_ls_shell.pdbx_total_number_of_bins_used   20 
_refine_ls_shell.d_res_high                       1.650 
_refine_ls_shell.d_res_low                        1.693 
_refine_ls_shell.number_reflns_R_work             1109 
_refine_ls_shell.R_factor_R_work                  0.229 
_refine_ls_shell.percent_reflns_obs               ? 
_refine_ls_shell.R_factor_R_free                  0.275 
_refine_ls_shell.R_factor_R_free_error            ? 
_refine_ls_shell.percent_reflns_R_free            ? 
_refine_ls_shell.number_reflns_R_free             56 
_refine_ls_shell.number_reflns_obs                1109 
_refine_ls_shell.redundancy_reflns_obs            ? 
_refine_ls_shell.number_reflns_all                ? 
_refine_ls_shell.pdbx_refine_id                   'X-RAY DIFFRACTION' 
_refine_ls_shell.R_factor_all                     ? 
# 
_struct.entry_id                  1M45 
_struct.title                     'CRYSTAL STRUCTURE OF MLC1P BOUND TO IQ2 OF MYO2P, A CLASS V MYOSIN' 
_struct.pdbx_model_details        ? 
_struct.pdbx_CASP_flag            ? 
_struct.pdbx_model_type_details   ? 
# 
_struct_keywords.entry_id        1M45 
_struct_keywords.pdbx_keywords   'CELL CYCLE PROTEIN' 
_struct_keywords.text            'Protein-Peptide complex, IQ motif, myosin light chain, CELL CYCLE PROTEIN' 
# 
loop_
_struct_asym.id 
_struct_asym.pdbx_blank_PDB_chainid_flag 
_struct_asym.pdbx_modified 
_struct_asym.entity_id 
_struct_asym.details 
A N N 1 ? 
B N N 2 ? 
C N N 3 ? 
D N N 3 ? 
# 
loop_
_struct_ref.id 
_struct_ref.db_name 
_struct_ref.db_code 
_struct_ref.entity_id 
_struct_ref.pdbx_seq_one_letter_code 
_struct_ref.pdbx_align_begin 
_struct_ref.pdbx_db_accession 
_struct_ref.pdbx_db_isoform 
1 UNP MLC1_YEAST 1 
;SATRANKDIFTLFDKKGQGAIAKDSLGDYLRAIGYNPTNQLVQDIINADSSLRDASSLTLDQITGLIEVNEKELDATTKA
KTEDFVKAFQVFDKESTGKVSVGDLRYMLTGLGEKLTDAEVDELLKGVEVDSNGEIDYKKFIEDVLRQ
;
2   P53141 ? 
2 UNP MYO2_YEAST 2 QISQAIKYLQNNIKGFIIRQRVNDE 806 P19524 ? 
# 
loop_
_struct_ref_seq.align_id 
_struct_ref_seq.ref_id 
_struct_ref_seq.pdbx_PDB_id_code 
_struct_ref_seq.pdbx_strand_id 
_struct_ref_seq.seq_align_beg 
_struct_ref_seq.pdbx_seq_align_beg_ins_code 
_struct_ref_seq.seq_align_end 
_struct_ref_seq.pdbx_seq_align_end_ins_code 
_struct_ref_seq.pdbx_db_accession 
_struct_ref_seq.db_align_beg 
_struct_ref_seq.pdbx_db_align_beg_ins_code 
_struct_ref_seq.db_align_end 
_struct_ref_seq.pdbx_db_align_end_ins_code 
_struct_ref_seq.pdbx_auth_seq_align_beg 
_struct_ref_seq.pdbx_auth_seq_align_end 
1 1 1M45 A 1 ? 148 ? P53141 2   ? 149 ? 2   149 
2 2 1M45 B 1 ? 25  ? P19524 806 ? 830 ? 806 830 
# 
_pdbx_struct_assembly.id                   1 
_pdbx_struct_assembly.details              author_and_software_defined_assembly 
_pdbx_struct_assembly.method_details       PISA 
_pdbx_struct_assembly.oligomeric_details   dimeric 
_pdbx_struct_assembly.oligomeric_count     2 
# 
loop_
_pdbx_struct_assembly_prop.biol_id 
_pdbx_struct_assembly_prop.type 
_pdbx_struct_assembly_prop.value 
_pdbx_struct_assembly_prop.details 
1 'ABSA (A^2)' 2630 ? 
1 MORE         -18  ? 
1 'SSA (A^2)'  9600 ? 
# 
_pdbx_struct_assembly_gen.assembly_id       1 
_pdbx_struct_assembly_gen.oper_expression   1 
_pdbx_struct_assembly_gen.asym_id_list      A,B,C,D 
# 
_pdbx_struct_oper_list.id                   1 
_pdbx_struct_oper_list.type                 'identity operation' 
_pdbx_struct_oper_list.name                 1_555 
_pdbx_struct_oper_list.symmetry_operation   x,y,z 
_pdbx_struct_oper_list.matrix[1][1]         1.0000000000 
_pdbx_struct_oper_list.matrix[1][2]         0.0000000000 
_pdbx_struct_oper_list.matrix[1][3]         0.0000000000 
_pdbx_struct_oper_list.vector[1]            0.0000000000 
_pdbx_struct_oper_list.matrix[2][1]         0.0000000000 
_pdbx_struct_oper_list.matrix[2][2]         1.0000000000 
_pdbx_struct_oper_list.matrix[2][3]         0.0000000000 
_pdbx_struct_oper_list.vector[2]            0.0000000000 
_pdbx_struct_oper_list.matrix[3][1]         0.0000000000 
_pdbx_struct_oper_list.matrix[3][2]         0.0000000000 
_pdbx_struct_oper_list.matrix[3][3]         1.0000000000 
_pdbx_struct_oper_list.vector[3]            0.0000000000 
# 
_struct_biol.id                    1 
_struct_biol.pdbx_parent_biol_id   ? 
_struct_biol.details               ? 
# 
loop_
_struct_conf.conf_type_id 
_struct_conf.id 
_struct_conf.pdbx_PDB_helix_id 
_struct_conf.beg_label_comp_id 
_struct_conf.beg_label_asym_id 
_struct_conf.beg_label_seq_id 
_struct_conf.pdbx_beg_PDB_ins_code 
_struct_conf.end_label_comp_id 
_struct_conf.end_label_asym_id 
_struct_conf.end_label_seq_id 
_struct_conf.pdbx_end_PDB_ins_code 
_struct_conf.beg_auth_comp_id 
_struct_conf.beg_auth_asym_id 
_struct_conf.beg_auth_seq_id 
_struct_conf.end_auth_comp_id 
_struct_conf.end_auth_asym_id 
_struct_conf.end_auth_seq_id 
_struct_conf.pdbx_PDB_helix_class 
_struct_conf.details 
_struct_conf.pdbx_PDB_helix_length 
HELX_P HELX_P1  1  ILE A 9   ? ASP A 14  ? ILE A 10  ASP A 15  1 ? 6  
HELX_P HELX_P2  2  SER A 25  ? ILE A 33  ? SER A 26  ILE A 34  1 ? 9  
HELX_P HELX_P3  3  THR A 38  ? ALA A 48  ? THR A 39  ALA A 49  1 ? 11 
HELX_P HELX_P4  4  LEU A 60  ? ASN A 70  ? LEU A 61  ASN A 71  1 ? 11 
HELX_P HELX_P5  5  ASN A 70  ? ALA A 76  ? ASN A 71  ALA A 77  1 ? 7  
HELX_P HELX_P6  6  THR A 77  ? LYS A 79  ? THR A 78  LYS A 80  5 ? 3  
HELX_P HELX_P7  7  THR A 82  ? VAL A 91  ? THR A 83  VAL A 92  1 ? 10 
HELX_P HELX_P8  8  VAL A 102 ? LEU A 112 ? VAL A 103 LEU A 113 1 ? 11 
HELX_P HELX_P9  9  THR A 117 ? LYS A 126 ? THR A 118 LYS A 127 1 ? 10 
HELX_P HELX_P10 10 TYR A 138 ? ARG A 147 ? TYR A 139 ARG A 148 1 ? 10 
HELX_P HELX_P11 11 GLN B 1   ? GLU B 25  ? GLN B 806 GLU B 830 1 ? 25 
# 
_struct_conf_type.id          HELX_P 
_struct_conf_type.criteria    ? 
_struct_conf_type.reference   ? 
# 
loop_
_struct_sheet.id 
_struct_sheet.type 
_struct_sheet.number_strands 
_struct_sheet.details 
A ? 2 ? 
B ? 2 ? 
# 
loop_
_struct_sheet_order.sheet_id 
_struct_sheet_order.range_id_1 
_struct_sheet_order.range_id_2 
_struct_sheet_order.offset 
_struct_sheet_order.sense 
A 1 2 ? anti-parallel 
B 1 2 ? anti-parallel 
# 
loop_
_struct_sheet_range.sheet_id 
_struct_sheet_range.id 
_struct_sheet_range.beg_label_comp_id 
_struct_sheet_range.beg_label_asym_id 
_struct_sheet_range.beg_label_seq_id 
_struct_sheet_range.pdbx_beg_PDB_ins_code 
_struct_sheet_range.end_label_comp_id 
_struct_sheet_range.end_label_asym_id 
_struct_sheet_range.end_label_seq_id 
_struct_sheet_range.pdbx_end_PDB_ins_code 
_struct_sheet_range.beg_auth_comp_id 
_struct_sheet_range.beg_auth_asym_id 
_struct_sheet_range.beg_auth_seq_id 
_struct_sheet_range.end_auth_comp_id 
_struct_sheet_range.end_auth_asym_id 
_struct_sheet_range.end_auth_seq_id 
A 1 ALA A 20  ? ALA A 22  ? ALA A 21  ALA A 23  
A 2 SER A 57  ? THR A 59  ? SER A 58  THR A 60  
B 1 LYS A 99  ? SER A 101 ? LYS A 100 SER A 102 
B 2 GLU A 135 ? ASP A 137 ? GLU A 136 ASP A 138 
# 
loop_
_pdbx_struct_sheet_hbond.sheet_id 
_pdbx_struct_sheet_hbond.range_id_1 
_pdbx_struct_sheet_hbond.range_id_2 
_pdbx_struct_sheet_hbond.range_1_label_atom_id 
_pdbx_struct_sheet_hbond.range_1_label_comp_id 
_pdbx_struct_sheet_hbond.range_1_label_asym_id 
_pdbx_struct_sheet_hbond.range_1_label_seq_id 
_pdbx_struct_sheet_hbond.range_1_PDB_ins_code 
_pdbx_struct_sheet_hbond.range_1_auth_atom_id 
_pdbx_struct_sheet_hbond.range_1_auth_comp_id 
_pdbx_struct_sheet_hbond.range_1_auth_asym_id 
_pdbx_struct_sheet_hbond.range_1_auth_seq_id 
_pdbx_struct_sheet_hbond.range_2_label_atom_id 
_pdbx_struct_sheet_hbond.range_2_label_comp_id 
_pdbx_struct_sheet_hbond.range_2_label_asym_id 
_pdbx_struct_sheet_hbond.range_2_label_seq_id 
_pdbx_struct_sheet_hbond.range_2_PDB_ins_code 
_pdbx_struct_sheet_hbond.range_2_auth_atom_id 
_pdbx_struct_sheet_hbond.range_2_auth_comp_id 
_pdbx_struct_sheet_hbond.range_2_auth_asym_id 
_pdbx_struct_sheet_hbond.range_2_auth_seq_id 
A 1 2 N ILE A 21  ? N ILE A 22  O LEU A 58  ? O LEU A 59  
B 1 2 N VAL A 100 ? N VAL A 101 O ILE A 136 ? O ILE A 137 
# 
_pdbx_validate_close_contact.id               1 
_pdbx_validate_close_contact.PDB_model_num    1 
_pdbx_validate_close_contact.auth_atom_id_1   OE1 
_pdbx_validate_close_contact.auth_asym_id_1   A 
_pdbx_validate_close_contact.auth_comp_id_1   GLU 
_pdbx_validate_close_contact.auth_seq_id_1    124 
_pdbx_validate_close_contact.PDB_ins_code_1   ? 
_pdbx_validate_close_contact.label_alt_id_1   ? 
_pdbx_validate_close_contact.auth_atom_id_2   O 
_pdbx_validate_close_contact.auth_asym_id_2   A 
_pdbx_validate_close_contact.auth_comp_id_2   HOH 
_pdbx_validate_close_contact.auth_seq_id_2    172 
_pdbx_validate_close_contact.PDB_ins_code_2   ? 
_pdbx_validate_close_contact.label_alt_id_2   ? 
_pdbx_validate_close_contact.dist             2.02 
# 
loop_
_pdbx_validate_rmsd_angle.id 
_pdbx_validate_rmsd_angle.PDB_model_num 
_pdbx_validate_rmsd_angle.auth_atom_id_1 
_pdbx_validate_rmsd_angle.auth_asym_id_1 
_pdbx_validate_rmsd_angle.auth_comp_id_1 
_pdbx_validate_rmsd_angle.auth_seq_id_1 
_pdbx_validate_rmsd_angle.PDB_ins_code_1 
_pdbx_validate_rmsd_angle.label_alt_id_1 
_pdbx_validate_rmsd_angle.auth_atom_id_2 
_pdbx_validate_rmsd_angle.auth_asym_id_2 
_pdbx_validate_rmsd_angle.auth_comp_id_2 
_pdbx_validate_rmsd_angle.auth_seq_id_2 
_pdbx_validate_rmsd_angle.PDB_ins_code_2 
_pdbx_validate_rmsd_angle.label_alt_id_2 
_pdbx_validate_rmsd_angle.auth_atom_id_3 
_pdbx_validate_rmsd_angle.auth_asym_id_3 
_pdbx_validate_rmsd_angle.auth_comp_id_3 
_pdbx_validate_rmsd_angle.auth_seq_id_3 
_pdbx_validate_rmsd_angle.PDB_ins_code_3 
_pdbx_validate_rmsd_angle.label_alt_id_3 
_pdbx_validate_rmsd_angle.angle_value 
_pdbx_validate_rmsd_angle.angle_target_value 
_pdbx_validate_rmsd_angle.angle_deviation 
_pdbx_validate_rmsd_angle.angle_standard_deviation 
_pdbx_validate_rmsd_angle.linker_flag 
1 1 CB A ASP 138 ? ? CG A ASP 138 ? ? OD2 A ASP 138 ? ? 123.73 118.30 5.43 0.90 N 
2 1 CB A ASP 145 ? ? CG A ASP 145 ? ? OD2 A ASP 145 ? ? 124.45 118.30 6.15 0.90 N 
# 
_pdbx_validate_torsion.id              1 
_pdbx_validate_torsion.PDB_model_num   1 
_pdbx_validate_torsion.auth_comp_id    LYS 
_pdbx_validate_torsion.auth_asym_id    A 
_pdbx_validate_torsion.auth_seq_id     116 
_pdbx_validate_torsion.PDB_ins_code    ? 
_pdbx_validate_torsion.label_alt_id    ? 
_pdbx_validate_torsion.phi             48.98 
_pdbx_validate_torsion.psi             87.23 
# 
loop_
_pdbx_unobs_or_zero_occ_residues.id 
_pdbx_unobs_or_zero_occ_residues.PDB_model_num 
_pdbx_unobs_or_zero_occ_residues.polymer_flag 
_pdbx_unobs_or_zero_occ_residues.occupancy_flag 
_pdbx_unobs_or_zero_occ_residues.auth_asym_id 
_pdbx_unobs_or_zero_occ_residues.auth_comp_id 
_pdbx_unobs_or_zero_occ_residues.auth_seq_id 
_pdbx_unobs_or_zero_occ_residues.PDB_ins_code 
_pdbx_unobs_or_zero_occ_residues.label_asym_id 
_pdbx_unobs_or_zero_occ_residues.label_comp_id 
_pdbx_unobs_or_zero_occ_residues.label_seq_id 
1 1 Y 1 A SER 2  ? A SER 1  
2 1 Y 1 A ALA 3  ? A ALA 2  
3 1 Y 1 A ASP 50 ? A ASP 49 
4 1 Y 1 A SER 51 ? A SER 50 
5 1 Y 1 A ARG 54 ? A ARG 53 
6 1 Y 1 A ASP 55 ? A ASP 54 
# 
loop_
_chem_comp_atom.comp_id 
_chem_comp_atom.atom_id 
_chem_comp_atom.type_symbol 
_chem_comp_atom.pdbx_aromatic_flag 
_chem_comp_atom.pdbx_stereo_config 
_chem_comp_atom.pdbx_ordinal 
ALA N    N N N 1   
ALA CA   C N S 2   
ALA C    C N N 3   
ALA O    O N N 4   
ALA CB   C N N 5   
ALA OXT  O N N 6   
ALA H    H N N 7   
ALA H2   H N N 8   
ALA HA   H N N 9   
ALA HB1  H N N 10  
ALA HB2  H N N 11  
ALA HB3  H N N 12  
ALA HXT  H N N 13  
ARG N    N N N 14  
ARG CA   C N S 15  
ARG C    C N N 16  
ARG O    O N N 17  
ARG CB   C N N 18  
ARG CG   C N N 19  
ARG CD   C N N 20  
ARG NE   N N N 21  
ARG CZ   C N N 22  
ARG NH1  N N N 23  
ARG NH2  N N N 24  
ARG OXT  O N N 25  
ARG H    H N N 26  
ARG H2   H N N 27  
ARG HA   H N N 28  
ARG HB2  H N N 29  
ARG HB3  H N N 30  
ARG HG2  H N N 31  
ARG HG3  H N N 32  
ARG HD2  H N N 33  
ARG HD3  H N N 34  
ARG HE   H N N 35  
ARG HH11 H N N 36  
ARG HH12 H N N 37  
ARG HH21 H N N 38  
ARG HH22 H N N 39  
ARG HXT  H N N 40  
ASN N    N N N 41  
ASN CA   C N S 42  
ASN C    C N N 43  
ASN O    O N N 44  
ASN CB   C N N 45  
ASN CG   C N N 46  
ASN OD1  O N N 47  
ASN ND2  N N N 48  
ASN OXT  O N N 49  
ASN H    H N N 50  
ASN H2   H N N 51  
ASN HA   H N N 52  
ASN HB2  H N N 53  
ASN HB3  H N N 54  
ASN HD21 H N N 55  
ASN HD22 H N N 56  
ASN HXT  H N N 57  
ASP N    N N N 58  
ASP CA   C N S 59  
ASP C    C N N 60  
ASP O    O N N 61  
ASP CB   C N N 62  
ASP CG   C N N 63  
ASP OD1  O N N 64  
ASP OD2  O N N 65  
ASP OXT  O N N 66  
ASP H    H N N 67  
ASP H2   H N N 68  
ASP HA   H N N 69  
ASP HB2  H N N 70  
ASP HB3  H N N 71  
ASP HD2  H N N 72  
ASP HXT  H N N 73  
GLN N    N N N 74  
GLN CA   C N S 75  
GLN C    C N N 76  
GLN O    O N N 77  
GLN CB   C N N 78  
GLN CG   C N N 79  
GLN CD   C N N 80  
GLN OE1  O N N 81  
GLN NE2  N N N 82  
GLN OXT  O N N 83  
GLN H    H N N 84  
GLN H2   H N N 85  
GLN HA   H N N 86  
GLN HB2  H N N 87  
GLN HB3  H N N 88  
GLN HG2  H N N 89  
GLN HG3  H N N 90  
GLN HE21 H N N 91  
GLN HE22 H N N 92  
GLN HXT  H N N 93  
GLU N    N N N 94  
GLU CA   C N S 95  
GLU C    C N N 96  
GLU O    O N N 97  
GLU CB   C N N 98  
GLU CG   C N N 99  
GLU CD   C N N 100 
GLU OE1  O N N 101 
GLU OE2  O N N 102 
GLU OXT  O N N 103 
GLU H    H N N 104 
GLU H2   H N N 105 
GLU HA   H N N 106 
GLU HB2  H N N 107 
GLU HB3  H N N 108 
GLU HG2  H N N 109 
GLU HG3  H N N 110 
GLU HE2  H N N 111 
GLU HXT  H N N 112 
GLY N    N N N 113 
GLY CA   C N N 114 
GLY C    C N N 115 
GLY O    O N N 116 
GLY OXT  O N N 117 
GLY H    H N N 118 
GLY H2   H N N 119 
GLY HA2  H N N 120 
GLY HA3  H N N 121 
GLY HXT  H N N 122 
HOH O    O N N 123 
HOH H1   H N N 124 
HOH H2   H N N 125 
ILE N    N N N 126 
ILE CA   C N S 127 
ILE C    C N N 128 
ILE O    O N N 129 
ILE CB   C N S 130 
ILE CG1  C N N 131 
ILE CG2  C N N 132 
ILE CD1  C N N 133 
ILE OXT  O N N 134 
ILE H    H N N 135 
ILE H2   H N N 136 
ILE HA   H N N 137 
ILE HB   H N N 138 
ILE HG12 H N N 139 
ILE HG13 H N N 140 
ILE HG21 H N N 141 
ILE HG22 H N N 142 
ILE HG23 H N N 143 
ILE HD11 H N N 144 
ILE HD12 H N N 145 
ILE HD13 H N N 146 
ILE HXT  H N N 147 
LEU N    N N N 148 
LEU CA   C N S 149 
LEU C    C N N 150 
LEU O    O N N 151 
LEU CB   C N N 152 
LEU CG   C N N 153 
LEU CD1  C N N 154 
LEU CD2  C N N 155 
LEU OXT  O N N 156 
LEU H    H N N 157 
LEU H2   H N N 158 
LEU HA   H N N 159 
LEU HB2  H N N 160 
LEU HB3  H N N 161 
LEU HG   H N N 162 
LEU HD11 H N N 163 
LEU HD12 H N N 164 
LEU HD13 H N N 165 
LEU HD21 H N N 166 
LEU HD22 H N N 167 
LEU HD23 H N N 168 
LEU HXT  H N N 169 
LYS N    N N N 170 
LYS CA   C N S 171 
LYS C    C N N 172 
LYS O    O N N 173 
LYS CB   C N N 174 
LYS CG   C N N 175 
LYS CD   C N N 176 
LYS CE   C N N 177 
LYS NZ   N N N 178 
LYS OXT  O N N 179 
LYS H    H N N 180 
LYS H2   H N N 181 
LYS HA   H N N 182 
LYS HB2  H N N 183 
LYS HB3  H N N 184 
LYS HG2  H N N 185 
LYS HG3  H N N 186 
LYS HD2  H N N 187 
LYS HD3  H N N 188 
LYS HE2  H N N 189 
LYS HE3  H N N 190 
LYS HZ1  H N N 191 
LYS HZ2  H N N 192 
LYS HZ3  H N N 193 
LYS HXT  H N N 194 
MET N    N N N 195 
MET CA   C N S 196 
MET C    C N N 197 
MET O    O N N 198 
MET CB   C N N 199 
MET CG   C N N 200 
MET SD   S N N 201 
MET CE   C N N 202 
MET OXT  O N N 203 
MET H    H N N 204 
MET H2   H N N 205 
MET HA   H N N 206 
MET HB2  H N N 207 
MET HB3  H N N 208 
MET HG2  H N N 209 
MET HG3  H N N 210 
MET HE1  H N N 211 
MET HE2  H N N 212 
MET HE3  H N N 213 
MET HXT  H N N 214 
PHE N    N N N 215 
PHE CA   C N S 216 
PHE C    C N N 217 
PHE O    O N N 218 
PHE CB   C N N 219 
PHE CG   C Y N 220 
PHE CD1  C Y N 221 
PHE CD2  C Y N 222 
PHE CE1  C Y N 223 
PHE CE2  C Y N 224 
PHE CZ   C Y N 225 
PHE OXT  O N N 226 
PHE H    H N N 227 
PHE H2   H N N 228 
PHE HA   H N N 229 
PHE HB2  H N N 230 
PHE HB3  H N N 231 
PHE HD1  H N N 232 
PHE HD2  H N N 233 
PHE HE1  H N N 234 
PHE HE2  H N N 235 
PHE HZ   H N N 236 
PHE HXT  H N N 237 
PRO N    N N N 238 
PRO CA   C N S 239 
PRO C    C N N 240 
PRO O    O N N 241 
PRO CB   C N N 242 
PRO CG   C N N 243 
PRO CD   C N N 244 
PRO OXT  O N N 245 
PRO H    H N N 246 
PRO HA   H N N 247 
PRO HB2  H N N 248 
PRO HB3  H N N 249 
PRO HG2  H N N 250 
PRO HG3  H N N 251 
PRO HD2  H N N 252 
PRO HD3  H N N 253 
PRO HXT  H N N 254 
SER N    N N N 255 
SER CA   C N S 256 
SER C    C N N 257 
SER O    O N N 258 
SER CB   C N N 259 
SER OG   O N N 260 
SER OXT  O N N 261 
SER H    H N N 262 
SER H2   H N N 263 
SER HA   H N N 264 
SER HB2  H N N 265 
SER HB3  H N N 266 
SER HG   H N N 267 
SER HXT  H N N 268 
THR N    N N N 269 
THR CA   C N S 270 
THR C    C N N 271 
THR O    O N N 272 
THR CB   C N R 273 
THR OG1  O N N 274 
THR CG2  C N N 275 
THR OXT  O N N 276 
THR H    H N N 277 
THR H2   H N N 278 
THR HA   H N N 279 
THR HB   H N N 280 
THR HG1  H N N 281 
THR HG21 H N N 282 
THR HG22 H N N 283 
THR HG23 H N N 284 
THR HXT  H N N 285 
TYR N    N N N 286 
TYR CA   C N S 287 
TYR C    C N N 288 
TYR O    O N N 289 
TYR CB   C N N 290 
TYR CG   C Y N 291 
TYR CD1  C Y N 292 
TYR CD2  C Y N 293 
TYR CE1  C Y N 294 
TYR CE2  C Y N 295 
TYR CZ   C Y N 296 
TYR OH   O N N 297 
TYR OXT  O N N 298 
TYR H    H N N 299 
TYR H2   H N N 300 
TYR HA   H N N 301 
TYR HB2  H N N 302 
TYR HB3  H N N 303 
TYR HD1  H N N 304 
TYR HD2  H N N 305 
TYR HE1  H N N 306 
TYR HE2  H N N 307 
TYR HH   H N N 308 
TYR HXT  H N N 309 
VAL N    N N N 310 
VAL CA   C N S 311 
VAL C    C N N 312 
VAL O    O N N 313 
VAL CB   C N N 314 
VAL CG1  C N N 315 
VAL CG2  C N N 316 
VAL OXT  O N N 317 
VAL H    H N N 318 
VAL H2   H N N 319 
VAL HA   H N N 320 
VAL HB   H N N 321 
VAL HG11 H N N 322 
VAL HG12 H N N 323 
VAL HG13 H N N 324 
VAL HG21 H N N 325 
VAL HG22 H N N 326 
VAL HG23 H N N 327 
VAL HXT  H N N 328 
# 
loop_
_chem_comp_bond.comp_id 
_chem_comp_bond.atom_id_1 
_chem_comp_bond.atom_id_2 
_chem_comp_bond.value_order 
_chem_comp_bond.pdbx_aromatic_flag 
_chem_comp_bond.pdbx_stereo_config 
_chem_comp_bond.pdbx_ordinal 
ALA N   CA   sing N N 1   
ALA N   H    sing N N 2   
ALA N   H2   sing N N 3   
ALA CA  C    sing N N 4   
ALA CA  CB   sing N N 5   
ALA CA  HA   sing N N 6   
ALA C   O    doub N N 7   
ALA C   OXT  sing N N 8   
ALA CB  HB1  sing N N 9   
ALA CB  HB2  sing N N 10  
ALA CB  HB3  sing N N 11  
ALA OXT HXT  sing N N 12  
ARG N   CA   sing N N 13  
ARG N   H    sing N N 14  
ARG N   H2   sing N N 15  
ARG CA  C    sing N N 16  
ARG CA  CB   sing N N 17  
ARG CA  HA   sing N N 18  
ARG C   O    doub N N 19  
ARG C   OXT  sing N N 20  
ARG CB  CG   sing N N 21  
ARG CB  HB2  sing N N 22  
ARG CB  HB3  sing N N 23  
ARG CG  CD   sing N N 24  
ARG CG  HG2  sing N N 25  
ARG CG  HG3  sing N N 26  
ARG CD  NE   sing N N 27  
ARG CD  HD2  sing N N 28  
ARG CD  HD3  sing N N 29  
ARG NE  CZ   sing N N 30  
ARG NE  HE   sing N N 31  
ARG CZ  NH1  sing N N 32  
ARG CZ  NH2  doub N N 33  
ARG NH1 HH11 sing N N 34  
ARG NH1 HH12 sing N N 35  
ARG NH2 HH21 sing N N 36  
ARG NH2 HH22 sing N N 37  
ARG OXT HXT  sing N N 38  
ASN N   CA   sing N N 39  
ASN N   H    sing N N 40  
ASN N   H2   sing N N 41  
ASN CA  C    sing N N 42  
ASN CA  CB   sing N N 43  
ASN CA  HA   sing N N 44  
ASN C   O    doub N N 45  
ASN C   OXT  sing N N 46  
ASN CB  CG   sing N N 47  
ASN CB  HB2  sing N N 48  
ASN CB  HB3  sing N N 49  
ASN CG  OD1  doub N N 50  
ASN CG  ND2  sing N N 51  
ASN ND2 HD21 sing N N 52  
ASN ND2 HD22 sing N N 53  
ASN OXT HXT  sing N N 54  
ASP N   CA   sing N N 55  
ASP N   H    sing N N 56  
ASP N   H2   sing N N 57  
ASP CA  C    sing N N 58  
ASP CA  CB   sing N N 59  
ASP CA  HA   sing N N 60  
ASP C   O    doub N N 61  
ASP C   OXT  sing N N 62  
ASP CB  CG   sing N N 63  
ASP CB  HB2  sing N N 64  
ASP CB  HB3  sing N N 65  
ASP CG  OD1  doub N N 66  
ASP CG  OD2  sing N N 67  
ASP OD2 HD2  sing N N 68  
ASP OXT HXT  sing N N 69  
GLN N   CA   sing N N 70  
GLN N   H    sing N N 71  
GLN N   H2   sing N N 72  
GLN CA  C    sing N N 73  
GLN CA  CB   sing N N 74  
GLN CA  HA   sing N N 75  
GLN C   O    doub N N 76  
GLN C   OXT  sing N N 77  
GLN CB  CG   sing N N 78  
GLN CB  HB2  sing N N 79  
GLN CB  HB3  sing N N 80  
GLN CG  CD   sing N N 81  
GLN CG  HG2  sing N N 82  
GLN CG  HG3  sing N N 83  
GLN CD  OE1  doub N N 84  
GLN CD  NE2  sing N N 85  
GLN NE2 HE21 sing N N 86  
GLN NE2 HE22 sing N N 87  
GLN OXT HXT  sing N N 88  
GLU N   CA   sing N N 89  
GLU N   H    sing N N 90  
GLU N   H2   sing N N 91  
GLU CA  C    sing N N 92  
GLU CA  CB   sing N N 93  
GLU CA  HA   sing N N 94  
GLU C   O    doub N N 95  
GLU C   OXT  sing N N 96  
GLU CB  CG   sing N N 97  
GLU CB  HB2  sing N N 98  
GLU CB  HB3  sing N N 99  
GLU CG  CD   sing N N 100 
GLU CG  HG2  sing N N 101 
GLU CG  HG3  sing N N 102 
GLU CD  OE1  doub N N 103 
GLU CD  OE2  sing N N 104 
GLU OE2 HE2  sing N N 105 
GLU OXT HXT  sing N N 106 
GLY N   CA   sing N N 107 
GLY N   H    sing N N 108 
GLY N   H2   sing N N 109 
GLY CA  C    sing N N 110 
GLY CA  HA2  sing N N 111 
GLY CA  HA3  sing N N 112 
GLY C   O    doub N N 113 
GLY C   OXT  sing N N 114 
GLY OXT HXT  sing N N 115 
HOH O   H1   sing N N 116 
HOH O   H2   sing N N 117 
ILE N   CA   sing N N 118 
ILE N   H    sing N N 119 
ILE N   H2   sing N N 120 
ILE CA  C    sing N N 121 
ILE CA  CB   sing N N 122 
ILE CA  HA   sing N N 123 
ILE C   O    doub N N 124 
ILE C   OXT  sing N N 125 
ILE CB  CG1  sing N N 126 
ILE CB  CG2  sing N N 127 
ILE CB  HB   sing N N 128 
ILE CG1 CD1  sing N N 129 
ILE CG1 HG12 sing N N 130 
ILE CG1 HG13 sing N N 131 
ILE CG2 HG21 sing N N 132 
ILE CG2 HG22 sing N N 133 
ILE CG2 HG23 sing N N 134 
ILE CD1 HD11 sing N N 135 
ILE CD1 HD12 sing N N 136 
ILE CD1 HD13 sing N N 137 
ILE OXT HXT  sing N N 138 
LEU N   CA   sing N N 139 
LEU N   H    sing N N 140 
LEU N   H2   sing N N 141 
LEU CA  C    sing N N 142 
LEU CA  CB   sing N N 143 
LEU CA  HA   sing N N 144 
LEU C   O    doub N N 145 
LEU C   OXT  sing N N 146 
LEU CB  CG   sing N N 147 
LEU CB  HB2  sing N N 148 
LEU CB  HB3  sing N N 149 
LEU CG  CD1  sing N N 150 
LEU CG  CD2  sing N N 151 
LEU CG  HG   sing N N 152 
LEU CD1 HD11 sing N N 153 
LEU CD1 HD12 sing N N 154 
LEU CD1 HD13 sing N N 155 
LEU CD2 HD21 sing N N 156 
LEU CD2 HD22 sing N N 157 
LEU CD2 HD23 sing N N 158 
LEU OXT HXT  sing N N 159 
LYS N   CA   sing N N 160 
LYS N   H    sing N N 161 
LYS N   H2   sing N N 162 
LYS CA  C    sing N N 163 
LYS CA  CB   sing N N 164 
LYS CA  HA   sing N N 165 
LYS C   O    doub N N 166 
LYS C   OXT  sing N N 167 
LYS CB  CG   sing N N 168 
LYS CB  HB2  sing N N 169 
LYS CB  HB3  sing N N 170 
LYS CG  CD   sing N N 171 
LYS CG  HG2  sing N N 172 
LYS CG  HG3  sing N N 173 
LYS CD  CE   sing N N 174 
LYS CD  HD2  sing N N 175 
LYS CD  HD3  sing N N 176 
LYS CE  NZ   sing N N 177 
LYS CE  HE2  sing N N 178 
LYS CE  HE3  sing N N 179 
LYS NZ  HZ1  sing N N 180 
LYS NZ  HZ2  sing N N 181 
LYS NZ  HZ3  sing N N 182 
LYS OXT HXT  sing N N 183 
MET N   CA   sing N N 184 
MET N   H    sing N N 185 
MET N   H2   sing N N 186 
MET CA  C    sing N N 187 
MET CA  CB   sing N N 188 
MET CA  HA   sing N N 189 
MET C   O    doub N N 190 
MET C   OXT  sing N N 191 
MET CB  CG   sing N N 192 
MET CB  HB2  sing N N 193 
MET CB  HB3  sing N N 194 
MET CG  SD   sing N N 195 
MET CG  HG2  sing N N 196 
MET CG  HG3  sing N N 197 
MET SD  CE   sing N N 198 
MET CE  HE1  sing N N 199 
MET CE  HE2  sing N N 200 
MET CE  HE3  sing N N 201 
MET OXT HXT  sing N N 202 
PHE N   CA   sing N N 203 
PHE N   H    sing N N 204 
PHE N   H2   sing N N 205 
PHE CA  C    sing N N 206 
PHE CA  CB   sing N N 207 
PHE CA  HA   sing N N 208 
PHE C   O    doub N N 209 
PHE C   OXT  sing N N 210 
PHE CB  CG   sing N N 211 
PHE CB  HB2  sing N N 212 
PHE CB  HB3  sing N N 213 
PHE CG  CD1  doub Y N 214 
PHE CG  CD2  sing Y N 215 
PHE CD1 CE1  sing Y N 216 
PHE CD1 HD1  sing N N 217 
PHE CD2 CE2  doub Y N 218 
PHE CD2 HD2  sing N N 219 
PHE CE1 CZ   doub Y N 220 
PHE CE1 HE1  sing N N 221 
PHE CE2 CZ   sing Y N 222 
PHE CE2 HE2  sing N N 223 
PHE CZ  HZ   sing N N 224 
PHE OXT HXT  sing N N 225 
PRO N   CA   sing N N 226 
PRO N   CD   sing N N 227 
PRO N   H    sing N N 228 
PRO CA  C    sing N N 229 
PRO CA  CB   sing N N 230 
PRO CA  HA   sing N N 231 
PRO C   O    doub N N 232 
PRO C   OXT  sing N N 233 
PRO CB  CG   sing N N 234 
PRO CB  HB2  sing N N 235 
PRO CB  HB3  sing N N 236 
PRO CG  CD   sing N N 237 
PRO CG  HG2  sing N N 238 
PRO CG  HG3  sing N N 239 
PRO CD  HD2  sing N N 240 
PRO CD  HD3  sing N N 241 
PRO OXT HXT  sing N N 242 
SER N   CA   sing N N 243 
SER N   H    sing N N 244 
SER N   H2   sing N N 245 
SER CA  C    sing N N 246 
SER CA  CB   sing N N 247 
SER CA  HA   sing N N 248 
SER C   O    doub N N 249 
SER C   OXT  sing N N 250 
SER CB  OG   sing N N 251 
SER CB  HB2  sing N N 252 
SER CB  HB3  sing N N 253 
SER OG  HG   sing N N 254 
SER OXT HXT  sing N N 255 
THR N   CA   sing N N 256 
THR N   H    sing N N 257 
THR N   H2   sing N N 258 
THR CA  C    sing N N 259 
THR CA  CB   sing N N 260 
THR CA  HA   sing N N 261 
THR C   O    doub N N 262 
THR C   OXT  sing N N 263 
THR CB  OG1  sing N N 264 
THR CB  CG2  sing N N 265 
THR CB  HB   sing N N 266 
THR OG1 HG1  sing N N 267 
THR CG2 HG21 sing N N 268 
THR CG2 HG22 sing N N 269 
THR CG2 HG23 sing N N 270 
THR OXT HXT  sing N N 271 
TYR N   CA   sing N N 272 
TYR N   H    sing N N 273 
TYR N   H2   sing N N 274 
TYR CA  C    sing N N 275 
TYR CA  CB   sing N N 276 
TYR CA  HA   sing N N 277 
TYR C   O    doub N N 278 
TYR C   OXT  sing N N 279 
TYR CB  CG   sing N N 280 
TYR CB  HB2  sing N N 281 
TYR CB  HB3  sing N N 282 
TYR CG  CD1  doub Y N 283 
TYR CG  CD2  sing Y N 284 
TYR CD1 CE1  sing Y N 285 
TYR CD1 HD1  sing N N 286 
TYR CD2 CE2  doub Y N 287 
TYR CD2 HD2  sing N N 288 
TYR CE1 CZ   doub Y N 289 
TYR CE1 HE1  sing N N 290 
TYR CE2 CZ   sing Y N 291 
TYR CE2 HE2  sing N N 292 
TYR CZ  OH   sing N N 293 
TYR OH  HH   sing N N 294 
TYR OXT HXT  sing N N 295 
VAL N   CA   sing N N 296 
VAL N   H    sing N N 297 
VAL N   H2   sing N N 298 
VAL CA  C    sing N N 299 
VAL CA  CB   sing N N 300 
VAL CA  HA   sing N N 301 
VAL C   O    doub N N 302 
VAL C   OXT  sing N N 303 
VAL CB  CG1  sing N N 304 
VAL CB  CG2  sing N N 305 
VAL CB  HB   sing N N 306 
VAL CG1 HG11 sing N N 307 
VAL CG1 HG12 sing N N 308 
VAL CG1 HG13 sing N N 309 
VAL CG2 HG21 sing N N 310 
VAL CG2 HG22 sing N N 311 
VAL CG2 HG23 sing N N 312 
VAL OXT HXT  sing N N 313 
# 
_atom_sites.entry_id                    1M45 
_atom_sites.fract_transf_matrix[1][1]   -0.00463146 
_atom_sites.fract_transf_matrix[1][2]   0.01980949 
_atom_sites.fract_transf_matrix[1][3]   0.01059866 
_atom_sites.fract_transf_matrix[2][1]   -0.01731218 
_atom_sites.fract_transf_matrix[2][2]   -0.00368506 
_atom_sites.fract_transf_matrix[2][3]   -0.00067759 
_atom_sites.fract_transf_matrix[3][1]   0.00110821 
_atom_sites.fract_transf_matrix[3][2]   -0.00806815 
_atom_sites.fract_transf_matrix[3][3]   0.01556410 
_atom_sites.fract_transf_vector[1]      0.295058 
_atom_sites.fract_transf_vector[2]      0.211631 
_atom_sites.fract_transf_vector[3]      0.258594 
# 
loop_
_atom_type.symbol 
C 
N 
O 
S 
# 
loop_
_atom_site.group_PDB 
_atom_site.id 
_atom_site.type_symbol 
_atom_site.label_atom_id 
_atom_site.label_alt_id 
_atom_site.label_comp_id 
_atom_site.label_asym_id 
_atom_site.label_entity_id 
_atom_site.label_seq_id 
_atom_site.pdbx_PDB_ins_code 
_atom_site.Cartn_x 
_atom_site.Cartn_y 
_atom_site.Cartn_z 
_atom_site.occupancy 
_atom_site.B_iso_or_equiv 
_atom_site.pdbx_formal_charge 
_atom_site.auth_seq_id 
_atom_site.auth_comp_id 
_atom_site.auth_asym_id 
_atom_site.auth_atom_id 
_atom_site.pdbx_PDB_model_num 
ATOM   1    N N   . THR A 1 3   ? 7.839   -7.181  -14.582 1.00 36.91 ? 4   THR A N   1 
ATOM   2    C CA  . THR A 1 3   ? 9.213   -6.930  -14.047 1.00 37.19 ? 4   THR A CA  1 
ATOM   3    C C   . THR A 1 3   ? 9.390   -7.468  -12.643 1.00 35.51 ? 4   THR A C   1 
ATOM   4    O O   . THR A 1 3   ? 10.370  -8.156  -12.383 1.00 36.18 ? 4   THR A O   1 
ATOM   5    C CB  . THR A 1 3   ? 9.557   -5.440  -14.033 1.00 37.21 ? 4   THR A CB  1 
ATOM   6    O OG1 . THR A 1 3   ? 9.638   -4.959  -15.371 1.00 41.66 ? 4   THR A OG1 1 
ATOM   7    C CG2 . THR A 1 3   ? 10.976  -5.197  -13.476 1.00 37.99 ? 4   THR A CG2 1 
ATOM   8    N N   . ARG A 1 4   ? 8.477   -7.116  -11.728 1.00 33.39 ? 5   ARG A N   1 
ATOM   9    C CA  . ARG A 1 4   ? 8.589   -7.625  -10.357 1.00 31.82 ? 5   ARG A CA  1 
ATOM   10   C C   . ARG A 1 4   ? 8.330   -9.120  -10.390 1.00 30.32 ? 5   ARG A C   1 
ATOM   11   O O   . ARG A 1 4   ? 7.340   -9.578  -10.988 1.00 31.15 ? 5   ARG A O   1 
ATOM   12   C CB  . ARG A 1 4   ? 7.614   -6.922  -9.427  1.00 31.04 ? 5   ARG A CB  1 
ATOM   13   C CG  . ARG A 1 4   ? 7.857   -5.429  -9.337  1.00 32.27 ? 5   ARG A CG  1 
ATOM   14   C CD  . ARG A 1 4   ? 8.651   -4.995  -8.151  1.00 32.27 ? 5   ARG A CD  1 
ATOM   15   N NE  . ARG A 1 4   ? 8.984   -3.566  -8.187  1.00 33.96 ? 5   ARG A NE  1 
ATOM   16   C CZ  . ARG A 1 4   ? 9.447   -2.884  -7.144  1.00 33.30 ? 5   ARG A CZ  1 
ATOM   17   N NH1 . ARG A 1 4   ? 9.629   -3.491  -5.985  1.00 32.94 ? 5   ARG A NH1 1 
ATOM   18   N NH2 . ARG A 1 4   ? 9.746   -1.596  -7.261  1.00 32.56 ? 5   ARG A NH2 1 
ATOM   19   N N   . ALA A 1 5   ? 9.235   -9.871  -9.773  1.00 28.73 ? 6   ALA A N   1 
ATOM   20   C CA  . ALA A 1 5   ? 9.198   -11.335 -9.804  1.00 27.03 ? 6   ALA A CA  1 
ATOM   21   C C   . ALA A 1 5   ? 8.075   -11.897 -8.930  1.00 26.14 ? 6   ALA A C   1 
ATOM   22   O O   . ALA A 1 5   ? 7.731   -11.308 -7.899  1.00 26.28 ? 6   ALA A O   1 
ATOM   23   C CB  . ALA A 1 5   ? 10.571  -11.910 -9.368  1.00 26.13 ? 6   ALA A CB  1 
ATOM   24   N N   . ASN A 1 6   ? 7.563   -13.056 -9.326  1.00 25.03 ? 7   ASN A N   1 
ATOM   25   C CA  . ASN A 1 6   ? 6.491   -13.715 -8.587  1.00 24.20 ? 7   ASN A CA  1 
ATOM   26   C C   . ASN A 1 6   ? 6.937   -14.125 -7.188  1.00 23.25 ? 7   ASN A C   1 
ATOM   27   O O   . ASN A 1 6   ? 6.170   -13.973 -6.237  1.00 23.00 ? 7   ASN A O   1 
ATOM   28   C CB  . ASN A 1 6   ? 5.945   -14.931 -9.353  1.00 22.75 ? 7   ASN A CB  1 
ATOM   29   C CG  . ASN A 1 6   ? 4.836   -15.670 -8.590  1.00 24.02 ? 7   ASN A CG  1 
ATOM   30   O OD1 . ASN A 1 6   ? 4.959   -16.870 -8.279  1.00 24.94 ? 7   ASN A OD1 1 
ATOM   31   N ND2 . ASN A 1 6   ? 3.745   -14.974 -8.310  1.00 18.95 ? 7   ASN A ND2 1 
ATOM   32   N N   . LYS A 1 7   ? 8.159   -14.659 -7.079  1.00 23.20 ? 8   LYS A N   1 
ATOM   33   C CA  . LYS A 1 7   ? 8.712   -15.120 -5.811  1.00 23.19 ? 8   LYS A CA  1 
ATOM   34   C C   . LYS A 1 7   ? 7.737   -16.049 -5.078  1.00 23.05 ? 8   LYS A C   1 
ATOM   35   O O   . LYS A 1 7   ? 7.571   -15.960 -3.846  1.00 22.19 ? 8   LYS A O   1 
ATOM   36   C CB  . LYS A 1 7   ? 9.071   -13.924 -4.937  1.00 24.97 ? 8   LYS A CB  1 
ATOM   37   C CG  . LYS A 1 7   ? 10.132  -13.004 -5.548  1.00 28.93 ? 8   LYS A CG  1 
ATOM   38   C CD  . LYS A 1 7   ? 10.493  -11.921 -4.553  1.00 36.76 ? 8   LYS A CD  1 
ATOM   39   C CE  . LYS A 1 7   ? 11.629  -11.032 -5.057  1.00 40.23 ? 8   LYS A CE  1 
ATOM   40   N NZ  . LYS A 1 7   ? 11.864  -9.925  -4.068  1.00 43.36 ? 8   LYS A NZ  1 
ATOM   41   N N   . ASP A 1 8   ? 7.104   -16.932 -5.860  1.00 21.43 ? 9   ASP A N   1 
ATOM   42   C CA  . ASP A 1 8   ? 6.145   -17.937 -5.368  1.00 21.07 ? 9   ASP A CA  1 
ATOM   43   C C   . ASP A 1 8   ? 4.917   -17.360 -4.679  1.00 20.47 ? 9   ASP A C   1 
ATOM   44   O O   . ASP A 1 8   ? 4.303   -18.020 -3.845  1.00 21.68 ? 9   ASP A O   1 
ATOM   45   C CB  . ASP A 1 8   ? 6.802   -18.894 -4.387  1.00 22.58 ? 9   ASP A CB  1 
ATOM   46   C CG  . ASP A 1 8   ? 6.092   -20.243 -4.329  1.00 19.90 ? 9   ASP A CG  1 
ATOM   47   O OD1 . ASP A 1 8   ? 5.496   -20.673 -5.329  1.00 26.10 ? 9   ASP A OD1 1 
ATOM   48   O OD2 . ASP A 1 8   ? 6.114   -20.907 -3.306  1.00 23.40 ? 9   ASP A OD2 1 
ATOM   49   N N   . ILE A 1 9   ? 4.593   -16.111 -4.978  1.00 18.41 ? 10  ILE A N   1 
ATOM   50   C CA  . ILE A 1 9   ? 3.452   -15.505 -4.332  1.00 16.55 ? 10  ILE A CA  1 
ATOM   51   C C   . ILE A 1 9   ? 2.133   -15.981 -4.955  1.00 15.99 ? 10  ILE A C   1 
ATOM   52   O O   . ILE A 1 9   ? 1.128   -16.125 -4.266  1.00 15.86 ? 10  ILE A O   1 
ATOM   53   C CB  . ILE A 1 9   ? 3.582   -13.980 -4.394  1.00 16.54 ? 10  ILE A CB  1 
ATOM   54   C CG1 . ILE A 1 9   ? 4.701   -13.513 -3.470  1.00 18.57 ? 10  ILE A CG1 1 
ATOM   55   C CG2 . ILE A 1 9   ? 2.234   -13.305 -4.058  1.00 18.72 ? 10  ILE A CG2 1 
ATOM   56   C CD1 . ILE A 1 9   ? 5.093   -12.026 -3.729  1.00 18.65 ? 10  ILE A CD1 1 
ATOM   57   N N   . PHE A 1 10  ? 2.130   -16.242 -6.257  1.00 16.92 ? 11  PHE A N   1 
ATOM   58   C CA  . PHE A 1 10  ? 0.925   -16.661 -6.943  1.00 17.53 ? 11  PHE A CA  1 
ATOM   59   C C   . PHE A 1 10  ? 0.206   -17.840 -6.250  1.00 18.97 ? 11  PHE A C   1 
ATOM   60   O O   . PHE A 1 10  ? -1.026  -17.855 -6.181  1.00 18.63 ? 11  PHE A O   1 
ATOM   61   C CB  . PHE A 1 10  ? 1.249   -16.997 -8.391  1.00 19.06 ? 11  PHE A CB  1 
ATOM   62   C CG  . PHE A 1 10  ? 0.050   -17.190 -9.261  1.00 20.61 ? 11  PHE A CG  1 
ATOM   63   C CD1 . PHE A 1 10  ? -0.505  -18.460 -9.422  1.00 20.51 ? 11  PHE A CD1 1 
ATOM   64   C CD2 . PHE A 1 10  ? -0.547  -16.121 -9.930  1.00 22.32 ? 11  PHE A CD2 1 
ATOM   65   C CE1 . PHE A 1 10  ? -1.633  -18.648 -10.232 1.00 23.59 ? 11  PHE A CE1 1 
ATOM   66   C CE2 . PHE A 1 10  ? -1.629  -16.305 -10.751 1.00 25.18 ? 11  PHE A CE2 1 
ATOM   67   C CZ  . PHE A 1 10  ? -2.191  -17.573 -10.897 1.00 25.17 ? 11  PHE A CZ  1 
ATOM   68   N N   . THR A 1 11  ? 0.968   -18.794 -5.715  1.00 19.16 ? 12  THR A N   1 
ATOM   69   C CA  . THR A 1 11  ? 0.360   -19.961 -5.054  1.00 20.61 ? 12  THR A CA  1 
ATOM   70   C C   . THR A 1 11  ? -0.409  -19.572 -3.802  1.00 20.35 ? 12  THR A C   1 
ATOM   71   O O   . THR A 1 11  ? -1.387  -20.248 -3.457  1.00 21.96 ? 12  THR A O   1 
ATOM   72   C CB  . THR A 1 11  ? 1.382   -21.106 -4.718  1.00 21.11 ? 12  THR A CB  1 
ATOM   73   O OG1 . THR A 1 11  ? 2.535   -20.557 -4.074  1.00 24.07 ? 12  THR A OG1 1 
ATOM   74   C CG2 . THR A 1 11  ? 1.921   -21.730 -5.988  1.00 24.16 ? 12  THR A CG2 1 
ATOM   75   N N   . LEU A 1 12  ? -0.028  -18.483 -3.147  1.00 19.11 ? 13  LEU A N   1 
ATOM   76   C CA  . LEU A 1 12  ? -0.750  -18.052 -1.944  1.00 20.29 ? 13  LEU A CA  1 
ATOM   77   C C   . LEU A 1 12  ? -2.118  -17.480 -2.313  1.00 19.63 ? 13  LEU A C   1 
ATOM   78   O O   . LEU A 1 12  ? -3.056  -17.451 -1.473  1.00 21.56 ? 13  LEU A O   1 
ATOM   79   C CB  . LEU A 1 12  ? 0.063   -17.012 -1.156  1.00 20.41 ? 13  LEU A CB  1 
ATOM   80   C CG  . LEU A 1 12  ? 1.394   -17.440 -0.562  1.00 21.34 ? 13  LEU A CG  1 
ATOM   81   C CD1 . LEU A 1 12  ? 2.114   -16.228 0.038   1.00 24.49 ? 13  LEU A CD1 1 
ATOM   82   C CD2 . LEU A 1 12  ? 1.123   -18.518 0.494   1.00 23.40 ? 13  LEU A CD2 1 
ATOM   83   N N   . PHE A 1 13  ? -2.233  -16.999 -3.549  1.00 18.65 ? 14  PHE A N   1 
ATOM   84   C CA  . PHE A 1 13  ? -3.484  -16.477 -4.061  1.00 18.95 ? 14  PHE A CA  1 
ATOM   85   C C   . PHE A 1 13  ? -4.304  -17.583 -4.709  1.00 20.10 ? 14  PHE A C   1 
ATOM   86   O O   . PHE A 1 13  ? -5.491  -17.385 -5.015  1.00 23.20 ? 14  PHE A O   1 
ATOM   87   C CB  . PHE A 1 13  ? -3.229  -15.340 -5.071  1.00 18.93 ? 14  PHE A CB  1 
ATOM   88   C CG  . PHE A 1 13  ? -2.841  -14.029 -4.417  1.00 14.05 ? 14  PHE A CG  1 
ATOM   89   C CD1 . PHE A 1 13  ? -1.554  -13.796 -4.048  1.00 14.23 ? 14  PHE A CD1 1 
ATOM   90   C CD2 . PHE A 1 13  ? -3.829  -13.097 -4.084  1.00 16.91 ? 14  PHE A CD2 1 
ATOM   91   C CE1 . PHE A 1 13  ? -1.189  -12.602 -3.416  1.00 13.52 ? 14  PHE A CE1 1 
ATOM   92   C CE2 . PHE A 1 13  ? -3.490  -11.893 -3.445  1.00 14.69 ? 14  PHE A CE2 1 
ATOM   93   C CZ  . PHE A 1 13  ? -2.162  -11.651 -3.129  1.00 12.45 ? 14  PHE A CZ  1 
ATOM   94   N N   . ASP A 1 14  ? -3.664  -18.719 -4.969  1.00 19.38 ? 15  ASP A N   1 
ATOM   95   C CA  . ASP A 1 14  ? -4.365  -19.846 -5.600  1.00 19.59 ? 15  ASP A CA  1 
ATOM   96   C C   . ASP A 1 14  ? -4.192  -21.101 -4.739  1.00 21.70 ? 15  ASP A C   1 
ATOM   97   O O   . ASP A 1 14  ? -3.531  -22.063 -5.117  1.00 23.31 ? 15  ASP A O   1 
ATOM   98   C CB  . ASP A 1 14  ? -3.775  -20.072 -6.984  1.00 18.42 ? 15  ASP A CB  1 
ATOM   99   C CG  . ASP A 1 14  ? -4.419  -21.234 -7.722  1.00 15.76 ? 15  ASP A CG  1 
ATOM   100  O OD1 . ASP A 1 14  ? -5.545  -21.621 -7.377  1.00 19.64 ? 15  ASP A OD1 1 
ATOM   101  O OD2 . ASP A 1 14  ? -3.829  -21.797 -8.642  1.00 17.29 ? 15  ASP A OD2 1 
ATOM   102  N N   . LYS A 1 15  ? -4.842  -21.133 -3.598  1.00 23.04 ? 16  LYS A N   1 
ATOM   103  C CA  . LYS A 1 15  ? -4.666  -22.294 -2.724  1.00 26.35 ? 16  LYS A CA  1 
ATOM   104  C C   . LYS A 1 15  ? -5.543  -23.490 -3.093  1.00 28.60 ? 16  LYS A C   1 
ATOM   105  O O   . LYS A 1 15  ? -5.571  -24.512 -2.400  1.00 30.43 ? 16  LYS A O   1 
ATOM   106  C CB  . LYS A 1 15  ? -4.857  -21.884 -1.279  1.00 26.72 ? 16  LYS A CB  1 
ATOM   107  C CG  . LYS A 1 15  ? -3.770  -20.932 -0.831  1.00 24.93 ? 16  LYS A CG  1 
ATOM   108  C CD  . LYS A 1 15  ? -3.927  -20.584 0.630   1.00 27.23 ? 16  LYS A CD  1 
ATOM   109  C CE  . LYS A 1 15  ? -2.786  -19.710 1.058   1.00 24.21 ? 16  LYS A CE  1 
ATOM   110  N NZ  . LYS A 1 15  ? -3.071  -18.981 2.307   1.00 29.97 ? 16  LYS A NZ  1 
ATOM   111  N N   . LYS A 1 16  ? -6.225  -23.360 -4.214  1.00 30.87 ? 17  LYS A N   1 
ATOM   112  C CA  . LYS A 1 16  ? -7.142  -24.387 -4.669  1.00 32.20 ? 17  LYS A CA  1 
ATOM   113  C C   . LYS A 1 16  ? -6.710  -25.039 -5.972  1.00 31.97 ? 17  LYS A C   1 
ATOM   114  O O   . LYS A 1 16  ? -7.533  -25.627 -6.670  1.00 31.29 ? 17  LYS A O   1 
ATOM   115  C CB  . LYS A 1 16  ? -8.540  -23.791 -4.755  1.00 33.36 ? 17  LYS A CB  1 
ATOM   116  C CG  . LYS A 1 16  ? -9.064  -23.465 -3.364  1.00 37.04 ? 17  LYS A CG  1 
ATOM   117  C CD  . LYS A 1 16  ? -10.269 -22.563 -3.399  1.00 40.07 ? 17  LYS A CD  1 
ATOM   118  C CE  . LYS A 1 16  ? -10.715 -22.237 -1.994  1.00 41.74 ? 17  LYS A CE  1 
ATOM   119  N NZ  . LYS A 1 16  ? -11.950 -21.425 -2.010  1.00 44.68 ? 17  LYS A NZ  1 
ATOM   120  N N   . GLY A 1 17  ? -5.407  -24.951 -6.258  1.00 30.78 ? 18  GLY A N   1 
ATOM   121  C CA  . GLY A 1 17  ? -4.792  -25.574 -7.415  1.00 30.58 ? 18  GLY A CA  1 
ATOM   122  C C   . GLY A 1 17  ? -5.533  -25.376 -8.728  1.00 29.50 ? 18  GLY A C   1 
ATOM   123  O O   . GLY A 1 17  ? -5.708  -26.311 -9.476  1.00 31.28 ? 18  GLY A O   1 
ATOM   124  N N   . GLN A 1 18  ? -5.968  -24.152 -8.998  1.00 28.27 ? 19  GLN A N   1 
ATOM   125  C CA  . GLN A 1 18  ? -6.697  -23.858 -10.236 1.00 27.09 ? 19  GLN A CA  1 
ATOM   126  C C   . GLN A 1 18  ? -5.766  -23.446 -11.400 1.00 26.95 ? 19  GLN A C   1 
ATOM   127  O O   . GLN A 1 18  ? -6.198  -23.467 -12.563 1.00 27.39 ? 19  GLN A O   1 
ATOM   128  C CB  . GLN A 1 18  ? -7.751  -22.760 -9.999  1.00 27.56 ? 19  GLN A CB  1 
ATOM   129  C CG  . GLN A 1 18  ? -8.896  -23.158 -9.050  1.00 27.76 ? 19  GLN A CG  1 
ATOM   130  C CD  . GLN A 1 18  ? -9.709  -24.320 -9.585  1.00 29.04 ? 19  GLN A CD  1 
ATOM   131  O OE1 . GLN A 1 18  ? -10.265 -24.244 -10.694 1.00 28.33 ? 19  GLN A OE1 1 
ATOM   132  N NE2 . GLN A 1 18  ? -9.804  -25.395 -8.795  1.00 29.14 ? 19  GLN A NE2 1 
ATOM   133  N N   . GLY A 1 19  ? -4.512  -23.072 -11.078 1.00 24.16 ? 20  GLY A N   1 
ATOM   134  C CA  . GLY A 1 19  ? -3.544  -22.553 -12.038 1.00 23.21 ? 20  GLY A CA  1 
ATOM   135  C C   . GLY A 1 19  ? -3.963  -21.142 -12.460 1.00 24.33 ? 20  GLY A C   1 
ATOM   136  O O   . GLY A 1 19  ? -3.486  -20.580 -13.470 1.00 23.97 ? 20  GLY A O   1 
ATOM   137  N N   . ALA A 1 20  ? -4.842  -20.550 -11.656 1.00 22.89 ? 21  ALA A N   1 
ATOM   138  C CA  . ALA A 1 20  ? -5.359  -19.221 -11.920 1.00 22.97 ? 21  ALA A CA  1 
ATOM   139  C C   . ALA A 1 20  ? -5.853  -18.608 -10.619 1.00 23.33 ? 21  ALA A C   1 
ATOM   140  O O   . ALA A 1 20  ? -6.172  -19.324 -9.668  1.00 22.68 ? 21  ALA A O   1 
ATOM   141  C CB  . ALA A 1 20  ? -6.543  -19.333 -12.914 1.00 23.30 ? 21  ALA A CB  1 
ATOM   142  N N   . ILE A 1 21  ? -5.958  -17.285 -10.588 1.00 23.50 ? 22  ILE A N   1 
ATOM   143  C CA  . ILE A 1 21  ? -6.491  -16.595 -9.420  1.00 23.05 ? 22  ILE A CA  1 
ATOM   144  C C   . ILE A 1 21  ? -7.672  -15.718 -9.793  1.00 23.31 ? 22  ILE A C   1 
ATOM   145  O O   . ILE A 1 21  ? -7.823  -15.303 -10.952 1.00 23.75 ? 22  ILE A O   1 
ATOM   146  C CB  . ILE A 1 21  ? -5.398  -15.728 -8.724  1.00 23.22 ? 22  ILE A CB  1 
ATOM   147  C CG1 . ILE A 1 21  ? -4.847  -14.635 -9.658  1.00 21.78 ? 22  ILE A CG1 1 
ATOM   148  C CG2 . ILE A 1 21  ? -4.205  -16.564 -8.248  1.00 24.29 ? 22  ILE A CG2 1 
ATOM   149  C CD1 . ILE A 1 21  ? -4.011  -13.589 -8.961  1.00 23.23 ? 22  ILE A CD1 1 
ATOM   150  N N   . ALA A 1 22  ? -8.455  -15.385 -8.781  1.00 23.11 ? 23  ALA A N   1 
ATOM   151  C CA  . ALA A 1 22  ? -9.625  -14.547 -8.972  1.00 22.09 ? 23  ALA A CA  1 
ATOM   152  C C   . ALA A 1 22  ? -9.227  -13.238 -9.642  1.00 22.34 ? 23  ALA A C   1 
ATOM   153  O O   . ALA A 1 22  ? -8.235  -12.639 -9.263  1.00 21.57 ? 23  ALA A O   1 
ATOM   154  C CB  . ALA A 1 22  ? -10.287 -14.278 -7.640  1.00 22.05 ? 23  ALA A CB  1 
ATOM   155  N N   . LYS A 1 23  ? -10.002 -12.797 -10.634 1.00 22.22 ? 24  LYS A N   1 
ATOM   156  C CA  . LYS A 1 23  ? -9.730  -11.527 -11.297 1.00 23.24 ? 24  LYS A CA  1 
ATOM   157  C C   . LYS A 1 23  ? -9.758  -10.365 -10.293 1.00 22.68 ? 24  LYS A C   1 
ATOM   158  O O   . LYS A 1 23  ? -8.969  -9.401  -10.386 1.00 23.37 ? 24  LYS A O   1 
ATOM   159  C CB  . LYS A 1 23  ? -10.761 -11.320 -12.417 1.00 23.54 ? 24  LYS A CB  1 
ATOM   160  C CG  . LYS A 1 23  ? -10.319 -10.390 -13.458 1.00 24.87 ? 24  LYS A CG  1 
ATOM   161  C CD  . LYS A 1 23  ? -11.140 -10.565 -14.741 1.00 27.36 ? 24  LYS A CD  1 
ATOM   162  C CE  . LYS A 1 23  ? -12.631 -10.557 -14.452 1.00 26.65 ? 24  LYS A CE  1 
ATOM   163  N NZ  . LYS A 1 23  ? -13.433 -10.708 -15.726 1.00 30.39 ? 24  LYS A NZ  1 
ATOM   164  N N   . ASP A 1 24  ? -10.647 -10.475 -9.305  1.00 22.41 ? 25  ASP A N   1 
ATOM   165  C CA  . ASP A 1 24  ? -10.764 -9.479  -8.244  1.00 22.06 ? 25  ASP A CA  1 
ATOM   166  C C   . ASP A 1 24  ? -9.592  -9.490  -7.249  1.00 21.23 ? 25  ASP A C   1 
ATOM   167  O O   . ASP A 1 24  ? -9.540  -8.651  -6.350  1.00 21.37 ? 25  ASP A O   1 
ATOM   168  C CB  . ASP A 1 24  ? -12.090 -9.597  -7.482  1.00 24.20 ? 25  ASP A CB  1 
ATOM   169  C CG  . ASP A 1 24  ? -12.300 -10.966 -6.879  1.00 29.22 ? 25  ASP A CG  1 
ATOM   170  O OD1 . ASP A 1 24  ? -11.487 -11.428 -6.067  1.00 33.73 ? 25  ASP A OD1 1 
ATOM   171  O OD2 . ASP A 1 24  ? -13.341 -11.647 -7.124  1.00 41.78 ? 25  ASP A OD2 1 
ATOM   172  N N   . SER A 1 25  ? -8.667  -10.434 -7.411  1.00 18.44 ? 26  SER A N   1 
ATOM   173  C CA  . SER A 1 25  ? -7.499  -10.486 -6.550  1.00 17.43 ? 26  SER A CA  1 
ATOM   174  C C   . SER A 1 25  ? -6.326  -9.850  -7.239  1.00 16.01 ? 26  SER A C   1 
ATOM   175  O O   . SER A 1 25  ? -5.225  -9.811  -6.662  1.00 16.44 ? 26  SER A O   1 
ATOM   176  C CB  . SER A 1 25  ? -7.103  -11.921 -6.195  1.00 17.35 ? 26  SER A CB  1 
ATOM   177  O OG  . SER A 1 25  ? -7.957  -12.476 -5.239  1.00 23.47 ? 26  SER A OG  1 
ATOM   178  N N   . LEU A 1 26  ? -6.513  -9.327  -8.450  1.00 14.83 ? 27  LEU A N   1 
ATOM   179  C CA  . LEU A 1 26  ? -5.352  -8.839  -9.212  1.00 14.84 ? 27  LEU A CA  1 
ATOM   180  C C   . LEU A 1 26  ? -4.653  -7.704  -8.516  1.00 14.15 ? 27  LEU A C   1 
ATOM   181  O O   . LEU A 1 26  ? -3.407  -7.657  -8.511  1.00 13.15 ? 27  LEU A O   1 
ATOM   182  C CB  . LEU A 1 26  ? -5.725  -8.450  -10.658 1.00 14.89 ? 27  LEU A CB  1 
ATOM   183  C CG  . LEU A 1 26  ? -4.569  -7.851  -11.441 1.00 17.25 ? 27  LEU A CG  1 
ATOM   184  C CD1 . LEU A 1 26  ? -3.423  -8.826  -11.629 1.00 17.91 ? 27  LEU A CD1 1 
ATOM   185  C CD2 . LEU A 1 26  ? -5.082  -7.400  -12.815 1.00 19.40 ? 27  LEU A CD2 1 
ATOM   186  N N   . GLY A 1 27  ? -5.442  -6.781  -7.943  1.00 13.23 ? 28  GLY A N   1 
ATOM   187  C CA  . GLY A 1 27  ? -4.836  -5.651  -7.249  1.00 13.29 ? 28  GLY A CA  1 
ATOM   188  C C   . GLY A 1 27  ? -3.912  -6.074  -6.119  1.00 12.01 ? 28  GLY A C   1 
ATOM   189  O O   . GLY A 1 27  ? -2.779  -5.601  -6.000  1.00 12.65 ? 28  GLY A O   1 
ATOM   190  N N   . ASP A 1 28  ? -4.396  -6.979  -5.276  1.00 12.64 ? 29  ASP A N   1 
ATOM   191  C CA  . ASP A 1 28  ? -3.585  -7.450  -4.156  1.00 11.83 ? 29  ASP A CA  1 
ATOM   192  C C   . ASP A 1 28  ? -2.370  -8.260  -4.590  1.00 11.65 ? 29  ASP A C   1 
ATOM   193  O O   . ASP A 1 28  ? -1.335  -8.242  -3.919  1.00 11.22 ? 29  ASP A O   1 
ATOM   194  C CB  . ASP A 1 28  ? -4.482  -8.234  -3.198  1.00 12.00 ? 29  ASP A CB  1 
ATOM   195  C CG  . ASP A 1 28  ? -5.340  -7.338  -2.381  1.00 15.12 ? 29  ASP A CG  1 
ATOM   196  O OD1 . ASP A 1 28  ? -6.257  -7.854  -1.694  1.00 20.11 ? 29  ASP A OD1 1 
ATOM   197  O OD2 . ASP A 1 28  ? -5.143  -6.118  -2.327  1.00 14.54 ? 29  ASP A OD2 1 
ATOM   198  N N   . TYR A 1 29  ? -2.528  -8.995  -5.697  1.00 11.58 ? 30  TYR A N   1 
ATOM   199  C CA  . TYR A 1 29  ? -1.384  -9.721  -6.255  1.00 12.04 ? 30  TYR A CA  1 
ATOM   200  C C   . TYR A 1 29  ? -0.308  -8.728  -6.685  1.00 12.07 ? 30  TYR A C   1 
ATOM   201  O O   . TYR A 1 29  ? 0.856   -8.919  -6.379  1.00 12.75 ? 30  TYR A O   1 
ATOM   202  C CB  . TYR A 1 29  ? -1.764  -10.632 -7.440  1.00 13.17 ? 30  TYR A CB  1 
ATOM   203  C CG  . TYR A 1 29  ? -0.574  -11.281 -8.039  1.00 13.51 ? 30  TYR A CG  1 
ATOM   204  C CD1 . TYR A 1 29  ? 0.014   -12.373 -7.426  1.00 16.15 ? 30  TYR A CD1 1 
ATOM   205  C CD2 . TYR A 1 29  ? -0.014  -10.781 -9.201  1.00 14.35 ? 30  TYR A CD2 1 
ATOM   206  C CE1 . TYR A 1 29  ? 1.170   -12.940 -7.952  1.00 14.04 ? 30  TYR A CE1 1 
ATOM   207  C CE2 . TYR A 1 29  ? 1.167   -11.305 -9.735  1.00 14.84 ? 30  TYR A CE2 1 
ATOM   208  C CZ  . TYR A 1 29  ? 1.747   -12.397 -9.110  1.00 15.05 ? 30  TYR A CZ  1 
ATOM   209  O OH  . TYR A 1 29  ? 2.910   -12.913 -9.638  1.00 18.48 ? 30  TYR A OH  1 
ATOM   210  N N   . LEU A 1 30  ? -0.729  -7.672  -7.390  1.00 12.45 ? 31  LEU A N   1 
ATOM   211  C CA  . LEU A 1 30  ? 0.210   -6.661  -7.843  1.00 12.98 ? 31  LEU A CA  1 
ATOM   212  C C   . LEU A 1 30  ? 0.893   -6.001  -6.659  1.00 12.95 ? 31  LEU A C   1 
ATOM   213  O O   . LEU A 1 30  ? 2.095   -5.675  -6.704  1.00 12.68 ? 31  LEU A O   1 
ATOM   214  C CB  . LEU A 1 30  ? -0.503  -5.609  -8.702  1.00 13.11 ? 31  LEU A CB  1 
ATOM   215  C CG  . LEU A 1 30  ? -0.933  -6.170  -10.064 1.00 13.35 ? 31  LEU A CG  1 
ATOM   216  C CD1 . LEU A 1 30  ? -1.817  -5.138  -10.793 1.00 14.52 ? 31  LEU A CD1 1 
ATOM   217  C CD2 . LEU A 1 30  ? 0.251   -6.564  -10.921 1.00 14.61 ? 31  LEU A CD2 1 
ATOM   218  N N   . ARG A 1 31  ? 0.124   -5.795  -5.598  1.00 11.20 ? 32  ARG A N   1 
ATOM   219  C CA  . ARG A 1 31  ? 0.709   -5.238  -4.374  1.00 11.48 ? 32  ARG A CA  1 
ATOM   220  C C   . ARG A 1 31  ? 1.703   -6.203  -3.762  1.00 11.22 ? 32  ARG A C   1 
ATOM   221  O O   . ARG A 1 31  ? 2.805   -5.813  -3.387  1.00 12.11 ? 32  ARG A O   1 
ATOM   222  C CB  . ARG A 1 31  ? -0.392  -4.922  -3.359  1.00 10.22 ? 32  ARG A CB  1 
ATOM   223  C CG  . ARG A 1 31  ? -1.246  -3.752  -3.777  1.00 12.69 ? 32  ARG A CG  1 
ATOM   224  C CD  . ARG A 1 31  ? -2.502  -3.515  -2.910  1.00 13.26 ? 32  ARG A CD  1 
ATOM   225  N NE  . ARG A 1 31  ? -3.297  -2.437  -3.505  1.00 16.69 ? 32  ARG A NE  1 
ATOM   226  C CZ  . ARG A 1 31  ? -4.512  -2.514  -4.002  1.00 16.78 ? 32  ARG A CZ  1 
ATOM   227  N NH1 . ARG A 1 31  ? -5.242  -3.643  -3.975  1.00 15.73 ? 32  ARG A NH1 1 
ATOM   228  N NH2 . ARG A 1 31  ? -5.022  -1.406  -4.578  1.00 18.39 ? 32  ARG A NH2 1 
ATOM   229  N N   . ALA A 1 32  ? 1.340   -7.486  -3.716  1.00 12.42 ? 33  ALA A N   1 
ATOM   230  C CA  . ALA A 1 32  ? 2.204   -8.471  -3.055  1.00 12.59 ? 33  ALA A CA  1 
ATOM   231  C C   . ALA A 1 32  ? 3.568   -8.558  -3.708  1.00 12.65 ? 33  ALA A C   1 
ATOM   232  O O   . ALA A 1 32  ? 4.574   -8.742  -3.040  1.00 13.40 ? 33  ALA A O   1 
ATOM   233  C CB  . ALA A 1 32  ? 1.519   -9.840  -3.063  1.00 12.52 ? 33  ALA A CB  1 
ATOM   234  N N   . ILE A 1 33  ? 3.602   -8.426  -5.037  1.00 13.00 ? 34  ILE A N   1 
ATOM   235  C CA  . ILE A 1 33  ? 4.901   -8.512  -5.726  1.00 14.72 ? 34  ILE A CA  1 
ATOM   236  C C   . ILE A 1 33  ? 5.689   -7.206  -5.715  1.00 14.03 ? 34  ILE A C   1 
ATOM   237  O O   . ILE A 1 33  ? 6.811   -7.157  -6.225  1.00 15.55 ? 34  ILE A O   1 
ATOM   238  C CB  . ILE A 1 33  ? 4.742   -9.093  -7.166  1.00 13.97 ? 34  ILE A CB  1 
ATOM   239  C CG1 . ILE A 1 33  ? 3.970   -8.145  -8.071  1.00 15.82 ? 34  ILE A CG1 1 
ATOM   240  C CG2 . ILE A 1 33  ? 4.142   -10.482 -7.125  1.00 18.11 ? 34  ILE A CG2 1 
ATOM   241  C CD1 . ILE A 1 33  ? 3.913   -8.573  -9.531  1.00 17.37 ? 34  ILE A CD1 1 
ATOM   242  N N   . GLY A 1 34  ? 5.087   -6.139  -5.181  1.00 13.31 ? 35  GLY A N   1 
ATOM   243  C CA  . GLY A 1 34  ? 5.902   -4.921  -5.050  1.00 12.83 ? 35  GLY A CA  1 
ATOM   244  C C   . GLY A 1 34  ? 5.345   -3.618  -5.603  1.00 13.98 ? 35  GLY A C   1 
ATOM   245  O O   . GLY A 1 34  ? 6.005   -2.575  -5.455  1.00 16.07 ? 35  GLY A O   1 
ATOM   246  N N   . TYR A 1 35  ? 4.209   -3.661  -6.277  1.00 13.10 ? 36  TYR A N   1 
ATOM   247  C CA  . TYR A 1 35  ? 3.600   -2.430  -6.802  1.00 13.51 ? 36  TYR A CA  1 
ATOM   248  C C   . TYR A 1 35  ? 2.616   -1.806  -5.800  1.00 14.19 ? 36  TYR A C   1 
ATOM   249  O O   . TYR A 1 35  ? 2.227   -2.434  -4.799  1.00 13.37 ? 36  TYR A O   1 
ATOM   250  C CB  . TYR A 1 35  ? 2.921   -2.712  -8.145  1.00 13.16 ? 36  TYR A CB  1 
ATOM   251  C CG  . TYR A 1 35  ? 3.859   -3.270  -9.171  1.00 13.63 ? 36  TYR A CG  1 
ATOM   252  C CD1 . TYR A 1 35  ? 3.683   -4.563  -9.667  1.00 15.85 ? 36  TYR A CD1 1 
ATOM   253  C CD2 . TYR A 1 35  ? 4.885   -2.486  -9.695  1.00 12.91 ? 36  TYR A CD2 1 
ATOM   254  C CE1 . TYR A 1 35  ? 4.518   -5.057  -10.669 1.00 17.86 ? 36  TYR A CE1 1 
ATOM   255  C CE2 . TYR A 1 35  ? 5.727   -2.980  -10.679 1.00 16.88 ? 36  TYR A CE2 1 
ATOM   256  C CZ  . TYR A 1 35  ? 5.535   -4.257  -11.147 1.00 15.96 ? 36  TYR A CZ  1 
ATOM   257  O OH  . TYR A 1 35  ? 6.376   -4.715  -12.110 1.00 20.04 ? 36  TYR A OH  1 
ATOM   258  N N   . ASN A 1 36  ? 2.206   -0.563  -6.050  1.00 12.92 ? 37  ASN A N   1 
ATOM   259  C CA  . ASN A 1 36  ? 1.275   0.125   -5.169  1.00 13.62 ? 37  ASN A CA  1 
ATOM   260  C C   . ASN A 1 36  ? 0.201   0.809   -5.973  1.00 14.86 ? 37  ASN A C   1 
ATOM   261  O O   . ASN A 1 36  ? 0.025   2.027   -5.840  1.00 16.96 ? 37  ASN A O   1 
ATOM   262  C CB  . ASN A 1 36  ? 2.012   1.130   -4.273  1.00 13.10 ? 37  ASN A CB  1 
ATOM   263  C CG  . ASN A 1 36  ? 3.144   0.477   -3.513  1.00 15.13 ? 37  ASN A CG  1 
ATOM   264  O OD1 . ASN A 1 36  ? 2.909   -0.288  -2.577  1.00 13.92 ? 37  ASN A OD1 1 
ATOM   265  N ND2 . ASN A 1 36  ? 4.376   0.816   -3.874  1.00 12.41 ? 37  ASN A ND2 1 
ATOM   266  N N   . PRO A 1 37  ? -0.543  0.045   -6.761  1.00 15.98 ? 38  PRO A N   1 
ATOM   267  C CA  . PRO A 1 37  ? -1.567  0.645   -7.633  1.00 17.27 ? 38  PRO A CA  1 
ATOM   268  C C   . PRO A 1 37  ? -2.788  1.173   -6.901  1.00 18.74 ? 38  PRO A C   1 
ATOM   269  O O   . PRO A 1 37  ? -3.141  0.682   -5.819  1.00 19.02 ? 38  PRO A O   1 
ATOM   270  C CB  . PRO A 1 37  ? -1.945  -0.523  -8.546  1.00 17.49 ? 38  PRO A CB  1 
ATOM   271  C CG  . PRO A 1 37  ? -1.841  -1.714  -7.632  1.00 17.85 ? 38  PRO A CG  1 
ATOM   272  C CD  . PRO A 1 37  ? -0.514  -1.426  -6.902  1.00 14.84 ? 38  PRO A CD  1 
ATOM   273  N N   . THR A 1 38  ? -3.414  2.209   -7.470  1.00 19.56 ? 39  THR A N   1 
ATOM   274  C CA  . THR A 1 38  ? -4.724  2.623   -6.998  1.00 19.76 ? 39  THR A CA  1 
ATOM   275  C C   . THR A 1 38  ? -5.688  1.595   -7.572  1.00 19.79 ? 39  THR A C   1 
ATOM   276  O O   . THR A 1 38  ? -5.384  0.925   -8.586  1.00 18.71 ? 39  THR A O   1 
ATOM   277  C CB  . THR A 1 38  ? -5.147  3.997   -7.555  1.00 20.01 ? 39  THR A CB  1 
ATOM   278  O OG1 . THR A 1 38  ? -5.104  3.927   -8.989  1.00 18.46 ? 39  THR A OG1 1 
ATOM   279  C CG2 . THR A 1 38  ? -4.157  5.077   -7.137  1.00 20.72 ? 39  THR A CG2 1 
ATOM   280  N N   . ASN A 1 39  ? -6.860  1.468   -6.946  1.00 21.58 ? 40  ASN A N   1 
ATOM   281  C CA  . ASN A 1 39  ? -7.890  0.569   -7.473  1.00 22.95 ? 40  ASN A CA  1 
ATOM   282  C C   . ASN A 1 39  ? -8.222  0.940   -8.931  1.00 22.93 ? 40  ASN A C   1 
ATOM   283  O O   . ASN A 1 39  ? -8.435  0.074   -9.786  1.00 21.48 ? 40  ASN A O   1 
ATOM   284  C CB  . ASN A 1 39  ? -9.154  0.608   -6.591  1.00 23.64 ? 40  ASN A CB  1 
ATOM   285  C CG  . ASN A 1 39  ? -8.912  0.076   -5.143  1.00 27.88 ? 40  ASN A CG  1 
ATOM   286  O OD1 . ASN A 1 39  ? -7.877  -0.528  -4.840  1.00 31.13 ? 40  ASN A OD1 1 
ATOM   287  N ND2 . ASN A 1 39  ? -9.884  0.306   -4.257  1.00 30.97 ? 40  ASN A ND2 1 
ATOM   288  N N   . GLN A 1 40  ? -8.226  2.245   -9.232  1.00 23.64 ? 41  GLN A N   1 
ATOM   289  C CA  . GLN A 1 40  ? -8.483  2.682   -10.600 1.00 23.86 ? 41  GLN A CA  1 
ATOM   290  C C   . GLN A 1 40  ? -7.518  2.126   -11.642 1.00 22.78 ? 41  GLN A C   1 
ATOM   291  O O   . GLN A 1 40  ? -7.936  1.667   -12.719 1.00 23.08 ? 41  GLN A O   1 
ATOM   292  C CB  . GLN A 1 40  ? -8.584  4.221   -10.685 1.00 24.82 ? 41  GLN A CB  1 
ATOM   293  C CG  . GLN A 1 40  ? -8.961  4.740   -12.049 1.00 28.85 ? 41  GLN A CG  1 
ATOM   294  C CD  . GLN A 1 40  ? -10.324 4.256   -12.477 1.00 32.83 ? 41  GLN A CD  1 
ATOM   295  O OE1 . GLN A 1 40  ? -11.306 4.404   -11.743 1.00 36.93 ? 41  GLN A OE1 1 
ATOM   296  N NE2 . GLN A 1 40  ? -10.393 3.668   -13.662 1.00 34.65 ? 41  GLN A NE2 1 
ATOM   297  N N   . LEU A 1 41  ? -6.224  2.150   -11.330 1.00 21.14 ? 42  LEU A N   1 
ATOM   298  C CA  . LEU A 1 41  ? -5.233  1.617   -12.240 1.00 20.50 ? 42  LEU A CA  1 
ATOM   299  C C   . LEU A 1 41  ? -5.466  0.129   -12.508 1.00 20.86 ? 42  LEU A C   1 
ATOM   300  O O   . LEU A 1 41  ? -5.326  -0.329  -13.628 1.00 20.05 ? 42  LEU A O   1 
ATOM   301  C CB  . LEU A 1 41  ? -3.799  1.849   -11.718 1.00 20.10 ? 42  LEU A CB  1 
ATOM   302  C CG  . LEU A 1 41  ? -2.695  1.191   -12.561 1.00 19.46 ? 42  LEU A CG  1 
ATOM   303  C CD1 . LEU A 1 41  ? -2.745  1.671   -13.994 1.00 22.17 ? 42  LEU A CD1 1 
ATOM   304  C CD2 . LEU A 1 41  ? -1.317  1.517   -11.967 1.00 18.08 ? 42  LEU A CD2 1 
ATOM   305  N N   . VAL A 1 42  ? -5.815  -0.602  -11.458 1.00 20.22 ? 43  VAL A N   1 
ATOM   306  C CA  . VAL A 1 42  ? -6.095  -2.037  -11.596 1.00 20.07 ? 43  VAL A CA  1 
ATOM   307  C C   . VAL A 1 42  ? -7.244  -2.225  -12.628 1.00 21.37 ? 43  VAL A C   1 
ATOM   308  O O   . VAL A 1 42  ? -7.142  -3.025  -13.550 1.00 20.64 ? 43  VAL A O   1 
ATOM   309  C CB  . VAL A 1 42  ? -6.433  -2.655  -10.242 1.00 20.41 ? 43  VAL A CB  1 
ATOM   310  C CG1 . VAL A 1 42  ? -6.725  -4.145  -10.379 1.00 20.89 ? 43  VAL A CG1 1 
ATOM   311  C CG2 . VAL A 1 42  ? -5.286  -2.434  -9.233  1.00 18.95 ? 43  VAL A CG2 1 
ATOM   312  N N   . GLN A 1 43  ? -8.316  -1.455  -12.454 1.00 23.31 ? 44  GLN A N   1 
ATOM   313  C CA  . GLN A 1 43  ? -9.463  -1.509  -13.367 1.00 25.34 ? 44  GLN A CA  1 
ATOM   314  C C   . GLN A 1 43  ? -9.093  -1.127  -14.798 1.00 26.66 ? 44  GLN A C   1 
ATOM   315  O O   . GLN A 1 43  ? -9.563  -1.768  -15.736 1.00 27.83 ? 44  GLN A O   1 
ATOM   316  C CB  . GLN A 1 43  ? -10.588 -0.596  -12.848 1.00 25.19 ? 44  GLN A CB  1 
ATOM   317  C CG  . GLN A 1 43  ? -11.133 -0.999  -11.501 1.00 27.00 ? 44  GLN A CG  1 
ATOM   318  C CD  . GLN A 1 43  ? -11.718 -2.399  -11.505 1.00 29.58 ? 44  GLN A CD  1 
ATOM   319  O OE1 . GLN A 1 43  ? -11.487 -3.164  -10.584 1.00 34.14 ? 44  GLN A OE1 1 
ATOM   320  N NE2 . GLN A 1 43  ? -12.470 -2.736  -12.553 1.00 32.64 ? 44  GLN A NE2 1 
ATOM   321  N N   . ASP A 1 44  ? -8.226  -0.134  -14.983 1.00 26.79 ? 45  ASP A N   1 
ATOM   322  C CA  . ASP A 1 44  ? -7.811  0.247   -16.326 1.00 27.13 ? 45  ASP A CA  1 
ATOM   323  C C   . ASP A 1 44  ? -7.034  -0.886  -16.992 1.00 27.11 ? 45  ASP A C   1 
ATOM   324  O O   . ASP A 1 44  ? -7.190  -1.142  -18.186 1.00 28.14 ? 45  ASP A O   1 
ATOM   325  C CB  . ASP A 1 44  ? -6.947  1.522   -16.323 1.00 27.55 ? 45  ASP A CB  1 
ATOM   326  C CG  . ASP A 1 44  ? -7.645  2.724   -15.700 1.00 30.68 ? 45  ASP A CG  1 
ATOM   327  O OD1 . ASP A 1 44  ? -8.878  2.862   -15.796 1.00 33.84 ? 45  ASP A OD1 1 
ATOM   328  O OD2 . ASP A 1 44  ? -7.009  3.599   -15.076 1.00 35.64 ? 45  ASP A OD2 1 
ATOM   329  N N   . ILE A 1 45  ? -6.198  -1.565  -16.208 1.00 26.79 ? 46  ILE A N   1 
ATOM   330  C CA  . ILE A 1 45  ? -5.408  -2.678  -16.700 1.00 25.79 ? 46  ILE A CA  1 
ATOM   331  C C   . ILE A 1 45  ? -6.302  -3.809  -17.168 1.00 27.03 ? 46  ILE A C   1 
ATOM   332  O O   . ILE A 1 45  ? -6.097  -4.314  -18.258 1.00 27.15 ? 46  ILE A O   1 
ATOM   333  C CB  . ILE A 1 45  ? -4.409  -3.175  -15.640 1.00 25.93 ? 46  ILE A CB  1 
ATOM   334  C CG1 . ILE A 1 45  ? -3.270  -2.178  -15.478 1.00 25.75 ? 46  ILE A CG1 1 
ATOM   335  C CG2 . ILE A 1 45  ? -3.805  -4.530  -16.062 1.00 23.42 ? 46  ILE A CG2 1 
ATOM   336  C CD1 . ILE A 1 45  ? -2.359  -2.473  -14.311 1.00 26.56 ? 46  ILE A CD1 1 
ATOM   337  N N   A ILE A 1 46  ? -7.286  -4.202  -16.364 0.50 27.62 ? 47  ILE A N   1 
ATOM   338  N N   B ILE A 1 46  ? -7.283  -4.201  -16.360 0.50 27.95 ? 47  ILE A N   1 
ATOM   339  C CA  A ILE A 1 46  ? -8.170  -5.313  -16.733 0.50 28.83 ? 47  ILE A CA  1 
ATOM   340  C CA  B ILE A 1 46  ? -8.180  -5.304  -16.717 0.50 29.47 ? 47  ILE A CA  1 
ATOM   341  C C   A ILE A 1 46  ? -9.122  -4.909  -17.842 0.50 29.90 ? 47  ILE A C   1 
ATOM   342  C C   B ILE A 1 46  ? -9.127  -4.910  -17.833 0.50 30.27 ? 47  ILE A C   1 
ATOM   343  O O   A ILE A 1 46  ? -9.298  -5.655  -18.799 0.50 30.26 ? 47  ILE A O   1 
ATOM   344  O O   B ILE A 1 46  ? -9.298  -5.662  -18.788 0.50 30.60 ? 47  ILE A O   1 
ATOM   345  C CB  A ILE A 1 46  ? -8.996  -5.788  -15.523 0.50 28.54 ? 47  ILE A CB  1 
ATOM   346  C CB  B ILE A 1 46  ? -8.997  -5.759  -15.480 0.50 29.46 ? 47  ILE A CB  1 
ATOM   347  C CG1 A ILE A 1 46  ? -8.080  -6.195  -14.375 0.50 28.15 ? 47  ILE A CG1 1 
ATOM   348  C CG1 B ILE A 1 46  ? -8.117  -6.556  -14.521 0.50 30.10 ? 47  ILE A CG1 1 
ATOM   349  C CG2 A ILE A 1 46  ? -9.898  -6.970  -15.913 0.50 29.55 ? 47  ILE A CG2 1 
ATOM   350  C CG2 B ILE A 1 46  ? -10.210 -6.612  -15.885 0.50 30.99 ? 47  ILE A CG2 1 
ATOM   351  C CD1 A ILE A 1 46  ? -8.820  -6.656  -13.154 0.50 26.01 ? 47  ILE A CD1 1 
ATOM   352  C CD1 B ILE A 1 46  ? -7.553  -7.842  -15.121 0.50 31.49 ? 47  ILE A CD1 1 
ATOM   353  N N   . ASN A 1 47  ? -9.735  -3.731  -17.705 1.00 30.76 ? 48  ASN A N   1 
ATOM   354  C CA  . ASN A 1 47  ? -10.735 -3.276  -18.676 1.00 32.41 ? 48  ASN A CA  1 
ATOM   355  C C   . ASN A 1 47  ? -10.207 -3.074  -20.085 1.00 32.82 ? 48  ASN A C   1 
ATOM   356  O O   . ASN A 1 47  ? -10.991 -2.960  -21.027 1.00 33.73 ? 48  ASN A O   1 
ATOM   357  C CB  . ASN A 1 47  ? -11.463 -2.017  -18.200 1.00 32.15 ? 48  ASN A CB  1 
ATOM   358  C CG  . ASN A 1 47  ? -12.271 -2.234  -16.930 1.00 35.77 ? 48  ASN A CG  1 
ATOM   359  O OD1 . ASN A 1 47  ? -12.884 -3.289  -16.721 1.00 39.18 ? 48  ASN A OD1 1 
ATOM   360  N ND2 . ASN A 1 47  ? -12.292 -1.217  -16.075 1.00 38.23 ? 48  ASN A ND2 1 
ATOM   361  N N   . ALA A 1 48  ? -8.885  -3.057  -20.232 1.00 33.71 ? 49  ALA A N   1 
ATOM   362  C CA  . ALA A 1 48  ? -8.242  -2.807  -21.503 1.00 33.85 ? 49  ALA A CA  1 
ATOM   363  C C   . ALA A 1 48  ? -8.266  -4.050  -22.366 1.00 35.03 ? 49  ALA A C   1 
ATOM   364  O O   . ALA A 1 48  ? -8.361  -3.948  -23.585 1.00 35.51 ? 49  ALA A O   1 
ATOM   365  C CB  . ALA A 1 48  ? -6.819  -2.328  -21.289 1.00 34.02 ? 49  ALA A CB  1 
ATOM   366  N N   . SER A 1 51  ? -9.385  -10.271 -24.157 1.00 43.52 ? 52  SER A N   1 
ATOM   367  C CA  . SER A 1 51  ? -9.502  -11.700 -23.902 1.00 43.76 ? 52  SER A CA  1 
ATOM   368  C C   . SER A 1 51  ? -9.829  -12.029 -22.440 1.00 44.01 ? 52  SER A C   1 
ATOM   369  O O   . SER A 1 51  ? -10.173 -13.178 -22.119 1.00 44.17 ? 52  SER A O   1 
ATOM   370  C CB  . SER A 1 51  ? -8.232  -12.440 -24.350 1.00 44.10 ? 52  SER A CB  1 
ATOM   371  O OG  . SER A 1 51  ? -7.096  -12.024 -23.615 1.00 44.65 ? 52  SER A OG  1 
ATOM   372  N N   . LEU A 1 52  ? -9.749  -11.020 -21.569 1.00 43.56 ? 53  LEU A N   1 
ATOM   373  C CA  . LEU A 1 52  ? -10.027 -11.213 -20.152 1.00 43.33 ? 53  LEU A CA  1 
ATOM   374  C C   . LEU A 1 52  ? -11.516 -11.105 -19.886 1.00 42.81 ? 53  LEU A C   1 
ATOM   375  O O   . LEU A 1 52  ? -12.022 -11.662 -18.912 1.00 42.44 ? 53  LEU A O   1 
ATOM   376  C CB  . LEU A 1 52  ? -9.219  -10.230 -19.288 1.00 43.06 ? 53  LEU A CB  1 
ATOM   377  C CG  . LEU A 1 52  ? -7.705  -10.262 -19.568 1.00 42.83 ? 53  LEU A CG  1 
ATOM   378  C CD1 . LEU A 1 52  ? -6.959  -9.395  -18.596 1.00 43.76 ? 53  LEU A CD1 1 
ATOM   379  C CD2 . LEU A 1 52  ? -7.115  -11.690 -19.562 1.00 43.83 ? 53  LEU A CD2 1 
ATOM   380  N N   . ALA A 1 55  ? -13.694 -15.028 -18.569 1.00 31.19 ? 56  ALA A N   1 
ATOM   381  C CA  . ALA A 1 55  ? -13.394 -15.802 -17.355 1.00 30.87 ? 56  ALA A CA  1 
ATOM   382  C C   . ALA A 1 55  ? -13.331 -14.943 -16.089 1.00 30.62 ? 56  ALA A C   1 
ATOM   383  O O   . ALA A 1 55  ? -13.038 -13.745 -16.146 1.00 30.59 ? 56  ALA A O   1 
ATOM   384  C CB  . ALA A 1 55  ? -12.074 -16.577 -17.520 1.00 31.65 ? 56  ALA A CB  1 
ATOM   385  N N   . SER A 1 56  ? -13.615 -15.577 -14.957 1.00 29.82 ? 57  SER A N   1 
ATOM   386  C CA  . SER A 1 56  ? -13.568 -14.943 -13.637 1.00 29.38 ? 57  SER A CA  1 
ATOM   387  C C   . SER A 1 56  ? -12.164 -15.002 -13.012 1.00 28.66 ? 57  SER A C   1 
ATOM   388  O O   . SER A 1 56  ? -11.969 -14.583 -11.847 1.00 29.83 ? 57  SER A O   1 
ATOM   389  C CB  . SER A 1 56  ? -14.545 -15.652 -12.706 1.00 29.68 ? 57  SER A CB  1 
ATOM   390  O OG  . SER A 1 56  ? -15.882 -15.516 -13.148 1.00 34.21 ? 57  SER A OG  1 
ATOM   391  N N   . SER A 1 57  ? -11.193 -15.527 -13.761 1.00 26.97 ? 58  SER A N   1 
ATOM   392  C CA  . SER A 1 57  ? -9.856  -15.722 -13.225 1.00 25.60 ? 58  SER A CA  1 
ATOM   393  C C   . SER A 1 57  ? -8.796  -15.403 -14.246 1.00 25.40 ? 58  SER A C   1 
ATOM   394  O O   . SER A 1 57  ? -9.090  -15.291 -15.430 1.00 24.43 ? 58  SER A O   1 
ATOM   395  C CB  . SER A 1 57  ? -9.683  -17.150 -12.714 1.00 25.35 ? 58  SER A CB  1 
ATOM   396  O OG  . SER A 1 57  ? -9.931  -18.065 -13.770 1.00 26.06 ? 58  SER A OG  1 
ATOM   397  N N   . LEU A 1 58  ? -7.560  -15.244 -13.773 1.00 25.07 ? 59  LEU A N   1 
ATOM   398  C CA  . LEU A 1 58  ? -6.415  -14.942 -14.615 1.00 25.05 ? 59  LEU A CA  1 
ATOM   399  C C   . LEU A 1 58  ? -5.290  -15.922 -14.313 1.00 25.23 ? 59  LEU A C   1 
ATOM   400  O O   . LEU A 1 58  ? -5.028  -16.233 -13.146 1.00 24.76 ? 59  LEU A O   1 
ATOM   401  C CB  . LEU A 1 58  ? -5.902  -13.500 -14.351 1.00 24.58 ? 59  LEU A CB  1 
ATOM   402  C CG  . LEU A 1 58  ? -6.861  -12.332 -14.551 1.00 25.95 ? 59  LEU A CG  1 
ATOM   403  C CD1 . LEU A 1 58  ? -6.278  -11.037 -13.984 1.00 24.73 ? 59  LEU A CD1 1 
ATOM   404  C CD2 . LEU A 1 58  ? -7.209  -12.207 -16.043 1.00 25.15 ? 59  LEU A CD2 1 
ATOM   405  N N   . THR A 1 59  ? -4.622  -16.409 -15.358 1.00 25.09 ? 60  THR A N   1 
ATOM   406  C CA  . THR A 1 59  ? -3.447  -17.258 -15.189 1.00 25.13 ? 60  THR A CA  1 
ATOM   407  C C   . THR A 1 59  ? -2.223  -16.404 -14.888 1.00 25.93 ? 60  THR A C   1 
ATOM   408  O O   . THR A 1 59  ? -2.238  -15.177 -15.111 1.00 24.45 ? 60  THR A O   1 
ATOM   409  C CB  . THR A 1 59  ? -3.144  -18.122 -16.447 1.00 25.32 ? 60  THR A CB  1 
ATOM   410  O OG1 . THR A 1 59  ? -2.753  -17.278 -17.536 1.00 23.67 ? 60  THR A OG1 1 
ATOM   411  C CG2 . THR A 1 59  ? -4.350  -18.897 -16.906 1.00 25.40 ? 60  THR A CG2 1 
ATOM   412  N N   . LEU A 1 60  ? -1.157  -17.037 -14.394 1.00 26.27 ? 61  LEU A N   1 
ATOM   413  C CA  . LEU A 1 60  ? 0.065   -16.310 -14.101 1.00 26.47 ? 61  LEU A CA  1 
ATOM   414  C C   . LEU A 1 60  ? 0.612   -15.712 -15.380 1.00 26.08 ? 61  LEU A C   1 
ATOM   415  O O   . LEU A 1 60  ? 1.100   -14.578 -15.404 1.00 25.76 ? 61  LEU A O   1 
ATOM   416  C CB  . LEU A 1 60  ? 1.105   -17.214 -13.430 1.00 27.13 ? 61  LEU A CB  1 
ATOM   417  C CG  . LEU A 1 60  ? 2.421   -16.568 -13.034 1.00 28.99 ? 61  LEU A CG  1 
ATOM   418  C CD1 . LEU A 1 60  ? 2.195   -15.317 -12.175 1.00 31.29 ? 61  LEU A CD1 1 
ATOM   419  C CD2 . LEU A 1 60  ? 3.235   -17.597 -12.301 1.00 33.85 ? 61  LEU A CD2 1 
ATOM   420  N N   . ASP A 1 61  ? 0.537   -16.475 -16.460 1.00 25.42 ? 62  ASP A N   1 
ATOM   421  C CA  . ASP A 1 61  ? 1.025   -15.958 -17.717 1.00 25.33 ? 62  ASP A CA  1 
ATOM   422  C C   . ASP A 1 61  ? 0.248   -14.739 -18.202 1.00 24.14 ? 62  ASP A C   1 
ATOM   423  O O   . ASP A 1 61  ? 0.832   -13.846 -18.826 1.00 24.26 ? 62  ASP A O   1 
ATOM   424  C CB  . ASP A 1 61  ? 0.996   -17.024 -18.803 1.00 25.47 ? 62  ASP A CB  1 
ATOM   425  C CG  . ASP A 1 61  ? 2.092   -18.038 -18.643 1.00 27.66 ? 62  ASP A CG  1 
ATOM   426  O OD1 . ASP A 1 61  ? 3.197   -17.697 -18.121 1.00 31.69 ? 62  ASP A OD1 1 
ATOM   427  O OD2 . ASP A 1 61  ? 1.931   -19.196 -19.059 1.00 28.72 ? 62  ASP A OD2 1 
ATOM   428  N N   . GLN A 1 62  ? -1.055  -14.724 -17.933 1.00 22.83 ? 63  GLN A N   1 
ATOM   429  C CA  . GLN A 1 62  ? -1.888  -13.605 -18.363 1.00 21.63 ? 63  GLN A CA  1 
ATOM   430  C C   . GLN A 1 62  ? -1.511  -12.391 -17.538 1.00 22.53 ? 63  GLN A C   1 
ATOM   431  O O   . GLN A 1 62  ? -1.382  -11.261 -18.072 1.00 22.29 ? 63  GLN A O   1 
ATOM   432  C CB  . GLN A 1 62  ? -3.360  -13.907 -18.203 1.00 21.51 ? 63  GLN A CB  1 
ATOM   433  C CG  . GLN A 1 62  ? -3.959  -14.865 -19.216 1.00 20.97 ? 63  GLN A CG  1 
ATOM   434  C CD  . GLN A 1 62  ? -5.423  -15.090 -18.972 1.00 23.85 ? 63  GLN A CD  1 
ATOM   435  O OE1 . GLN A 1 62  ? -5.830  -15.496 -17.885 1.00 24.07 ? 63  GLN A OE1 1 
ATOM   436  N NE2 . GLN A 1 62  ? -6.240  -14.789 -19.976 1.00 25.29 ? 63  GLN A NE2 1 
ATOM   437  N N   . ILE A 1 63  ? -1.251  -12.636 -16.254 1.00 21.73 ? 64  ILE A N   1 
ATOM   438  C CA  . ILE A 1 63  ? -0.877  -11.529 -15.369 1.00 22.95 ? 64  ILE A CA  1 
ATOM   439  C C   . ILE A 1 63  ? 0.477   -10.963 -15.741 1.00 23.13 ? 64  ILE A C   1 
ATOM   440  O O   . ILE A 1 63  ? 0.674   -9.752  -15.756 1.00 23.85 ? 64  ILE A O   1 
ATOM   441  C CB  . ILE A 1 63  ? -0.900  -11.956 -13.881 1.00 22.14 ? 64  ILE A CB  1 
ATOM   442  C CG1 . ILE A 1 63  ? -2.337  -12.255 -13.497 1.00 23.41 ? 64  ILE A CG1 1 
ATOM   443  C CG2 . ILE A 1 63  ? -0.354  -10.823 -12.987 1.00 22.44 ? 64  ILE A CG2 1 
ATOM   444  C CD1 . ILE A 1 63  ? -2.536  -12.772 -12.053 1.00 25.71 ? 64  ILE A CD1 1 
ATOM   445  N N   . THR A 1 64  ? 1.421   -11.847 -16.054 1.00 24.42 ? 65  THR A N   1 
ATOM   446  C CA  . THR A 1 64  ? 2.747   -11.433 -16.468 1.00 25.46 ? 65  THR A CA  1 
ATOM   447  C C   . THR A 1 64  ? 2.666   -10.608 -17.736 1.00 25.83 ? 65  THR A C   1 
ATOM   448  O O   . THR A 1 64  ? 3.338   -9.588  -17.857 1.00 26.36 ? 65  THR A O   1 
ATOM   449  C CB  . THR A 1 64  ? 3.650   -12.674 -16.658 1.00 27.02 ? 65  THR A CB  1 
ATOM   450  O OG1 . THR A 1 64  ? 3.713   -13.389 -15.420 1.00 28.75 ? 65  THR A OG1 1 
ATOM   451  C CG2 . THR A 1 64  ? 5.087   -12.247 -16.900 1.00 27.49 ? 65  THR A CG2 1 
ATOM   452  N N   . GLY A 1 65  ? 1.814   -11.038 -18.662 1.00 25.60 ? 66  GLY A N   1 
ATOM   453  C CA  . GLY A 1 65  ? 1.567   -10.289 -19.881 1.00 25.40 ? 66  GLY A CA  1 
ATOM   454  C C   . GLY A 1 65  ? 1.063   -8.889  -19.552 1.00 25.38 ? 66  GLY A C   1 
ATOM   455  O O   . GLY A 1 65  ? 1.550   -7.895  -20.102 1.00 25.86 ? 66  GLY A O   1 
ATOM   456  N N   . LEU A 1 66  ? 0.105   -8.789  -18.623 1.00 23.61 ? 67  LEU A N   1 
ATOM   457  C CA  . LEU A 1 66  ? -0.451  -7.487  -18.201 1.00 22.48 ? 67  LEU A CA  1 
ATOM   458  C C   . LEU A 1 66  ? 0.618   -6.605  -17.596 1.00 22.53 ? 67  LEU A C   1 
ATOM   459  O O   . LEU A 1 66  ? 0.606   -5.385  -17.822 1.00 22.84 ? 67  LEU A O   1 
ATOM   460  C CB  . LEU A 1 66  ? -1.620  -7.649  -17.215 1.00 21.94 ? 67  LEU A CB  1 
ATOM   461  C CG  . LEU A 1 66  ? -2.868  -8.350  -17.735 1.00 22.58 ? 67  LEU A CG  1 
ATOM   462  C CD1 . LEU A 1 66  ? -3.833  -8.680  -16.601 1.00 22.24 ? 67  LEU A CD1 1 
ATOM   463  C CD2 . LEU A 1 66  ? -3.550  -7.475  -18.781 1.00 23.97 ? 67  LEU A CD2 1 
ATOM   464  N N   . ILE A 1 67  ? 1.511   -7.187  -16.793 1.00 22.79 ? 68  ILE A N   1 
ATOM   465  C CA  . ILE A 1 67  ? 2.562   -6.406  -16.152 1.00 23.04 ? 68  ILE A CA  1 
ATOM   466  C C   . ILE A 1 67  ? 3.555   -5.872  -17.184 1.00 24.68 ? 68  ILE A C   1 
ATOM   467  O O   . ILE A 1 67  ? 3.982   -4.744  -17.107 1.00 25.09 ? 68  ILE A O   1 
ATOM   468  C CB  . ILE A 1 67  ? 3.267   -7.235  -15.064 1.00 23.34 ? 68  ILE A CB  1 
ATOM   469  C CG1 . ILE A 1 67  ? 2.278   -7.560  -13.949 1.00 21.63 ? 68  ILE A CG1 1 
ATOM   470  C CG2 . ILE A 1 67  ? 4.521   -6.503  -14.527 1.00 23.50 ? 68  ILE A CG2 1 
ATOM   471  C CD1 . ILE A 1 67  ? 2.702   -8.675  -13.045 1.00 25.19 ? 68  ILE A CD1 1 
ATOM   472  N N   . GLU A 1 68  ? 3.940   -6.691  -18.152 1.00 25.63 ? 69  GLU A N   1 
ATOM   473  C CA  . GLU A 1 68  ? 4.889   -6.222  -19.153 1.00 27.76 ? 69  GLU A CA  1 
ATOM   474  C C   . GLU A 1 68  ? 4.335   -5.082  -19.973 1.00 27.10 ? 69  GLU A C   1 
ATOM   475  O O   . GLU A 1 68  ? 5.038   -4.122  -20.227 1.00 27.79 ? 69  GLU A O   1 
ATOM   476  C CB  . GLU A 1 68  ? 5.299   -7.361  -20.074 1.00 28.08 ? 69  GLU A CB  1 
ATOM   477  C CG  . GLU A 1 68  ? 5.923   -8.523  -19.338 1.00 32.38 ? 69  GLU A CG  1 
ATOM   478  C CD  . GLU A 1 68  ? 6.291   -9.651  -20.269 1.00 36.71 ? 69  GLU A CD  1 
ATOM   479  O OE1 . GLU A 1 68  ? 5.396   -10.191 -20.958 1.00 36.97 ? 69  GLU A OE1 1 
ATOM   480  O OE2 . GLU A 1 68  ? 7.488   -9.984  -20.308 1.00 40.54 ? 69  GLU A OE2 1 
ATOM   481  N N   . VAL A 1 69  ? 3.061   -5.159  -20.346 1.00 26.85 ? 70  VAL A N   1 
ATOM   482  C CA  . VAL A 1 69  ? 2.399   -4.074  -21.054 1.00 26.04 ? 70  VAL A CA  1 
ATOM   483  C C   . VAL A 1 69  ? 2.278   -2.789  -20.226 1.00 26.04 ? 70  VAL A C   1 
ATOM   484  O O   . VAL A 1 69  ? 2.271   -1.685  -20.745 1.00 26.03 ? 70  VAL A O   1 
ATOM   485  C CB  . VAL A 1 69  ? 0.981   -4.535  -21.493 1.00 27.29 ? 70  VAL A CB  1 
ATOM   486  C CG1 . VAL A 1 69  ? 0.195   -3.408  -22.111 1.00 26.78 ? 70  VAL A CG1 1 
ATOM   487  C CG2 . VAL A 1 69  ? 1.093   -5.718  -22.460 1.00 27.61 ? 70  VAL A CG2 1 
ATOM   488  N N   . ASN A 1 70  ? 2.169   -2.954  -18.914 1.00 24.32 ? 71  ASN A N   1 
ATOM   489  C CA  . ASN A 1 70  ? 1.947   -1.820  -18.023 1.00 23.89 ? 71  ASN A CA  1 
ATOM   490  C C   . ASN A 1 70  ? 3.129   -1.572  -17.104 1.00 24.04 ? 71  ASN A C   1 
ATOM   491  O O   . ASN A 1 70  ? 2.981   -1.009  -16.006 1.00 22.92 ? 71  ASN A O   1 
ATOM   492  C CB  . ASN A 1 70  ? 0.686   -2.089  -17.215 1.00 23.42 ? 71  ASN A CB  1 
ATOM   493  C CG  . ASN A 1 70  ? -0.555  -2.033  -18.065 1.00 26.58 ? 71  ASN A CG  1 
ATOM   494  O OD1 . ASN A 1 70  ? -0.970  -0.958  -18.464 1.00 27.70 ? 71  ASN A OD1 1 
ATOM   495  N ND2 . ASN A 1 70  ? -1.152  -3.201  -18.362 1.00 25.48 ? 71  ASN A ND2 1 
ATOM   496  N N   . GLU A 1 71  ? 4.305   -1.983  -17.573 1.00 23.95 ? 72  GLU A N   1 
ATOM   497  C CA  . GLU A 1 71  ? 5.544   -1.863  -16.814 1.00 25.87 ? 72  GLU A CA  1 
ATOM   498  C C   . GLU A 1 71  ? 5.781   -0.456  -16.266 1.00 24.76 ? 72  GLU A C   1 
ATOM   499  O O   . GLU A 1 71  ? 6.001   -0.291  -15.074 1.00 23.74 ? 72  GLU A O   1 
ATOM   500  C CB  . GLU A 1 71  ? 6.728   -2.332  -17.673 1.00 26.64 ? 72  GLU A CB  1 
ATOM   501  C CG  . GLU A 1 71  ? 8.005   -2.592  -16.888 1.00 33.28 ? 72  GLU A CG  1 
ATOM   502  C CD  . GLU A 1 71  ? 9.196   -2.850  -17.780 1.00 40.54 ? 72  GLU A CD  1 
ATOM   503  O OE1 . GLU A 1 71  ? 9.560   -1.944  -18.553 1.00 42.91 ? 72  GLU A OE1 1 
ATOM   504  O OE2 . GLU A 1 71  ? 9.761   -3.970  -17.714 1.00 43.35 ? 72  GLU A OE2 1 
ATOM   505  N N   . LYS A 1 72  ? 5.698   0.543   -17.137 1.00 24.33 ? 73  LYS A N   1 
ATOM   506  C CA  . LYS A 1 72  ? 5.978   1.924   -16.754 1.00 24.64 ? 73  LYS A CA  1 
ATOM   507  C C   . LYS A 1 72  ? 4.973   2.453   -15.775 1.00 23.25 ? 73  LYS A C   1 
ATOM   508  O O   . LYS A 1 72  ? 5.344   3.112   -14.795 1.00 22.75 ? 73  LYS A O   1 
ATOM   509  C CB  . LYS A 1 72  ? 6.058   2.866   -17.983 1.00 26.57 ? 73  LYS A CB  1 
ATOM   510  C CG  . LYS A 1 72  ? 7.277   2.632   -18.851 1.00 30.39 ? 73  LYS A CG  1 
ATOM   511  C CD  . LYS A 1 72  ? 7.261   1.260   -19.547 1.00 35.08 ? 73  LYS A CD  1 
ATOM   512  C CE  . LYS A 1 72  ? 8.259   1.166   -20.715 1.00 37.79 ? 73  LYS A CE  1 
ATOM   513  N NZ  . LYS A 1 72  ? 8.116   -0.129  -21.473 1.00 39.29 ? 73  LYS A NZ  1 
ATOM   514  N N   . GLU A 1 73  ? 3.700   2.158   -16.011 1.00 20.61 ? 74  GLU A N   1 
ATOM   515  C CA  . GLU A 1 73  ? 2.660   2.679   -15.118 1.00 20.70 ? 74  GLU A CA  1 
ATOM   516  C C   . GLU A 1 73  ? 2.727   2.024   -13.753 1.00 19.23 ? 74  GLU A C   1 
ATOM   517  O O   . GLU A 1 73  ? 2.470   2.677   -12.724 1.00 18.91 ? 74  GLU A O   1 
ATOM   518  C CB  . GLU A 1 73  ? 1.282   2.467   -15.725 1.00 20.57 ? 74  GLU A CB  1 
ATOM   519  C CG  . GLU A 1 73  ? 1.093   3.229   -17.041 1.00 23.28 ? 74  GLU A CG  1 
ATOM   520  C CD  . GLU A 1 73  ? 1.582   2.490   -18.287 1.00 24.57 ? 74  GLU A CD  1 
ATOM   521  O OE1 . GLU A 1 73  ? 2.448   1.588   -18.234 1.00 20.92 ? 74  GLU A OE1 1 
ATOM   522  O OE2 . GLU A 1 73  ? 1.104   2.856   -19.378 1.00 29.39 ? 74  GLU A OE2 1 
ATOM   523  N N   . LEU A 1 74  ? 3.089   0.747   -13.738 1.00 18.20 ? 75  LEU A N   1 
ATOM   524  C CA  . LEU A 1 74  ? 3.180   0.019   -12.455 1.00 17.25 ? 75  LEU A CA  1 
ATOM   525  C C   . LEU A 1 74  ? 4.446   0.427   -11.733 1.00 17.79 ? 75  LEU A C   1 
ATOM   526  O O   . LEU A 1 74  ? 4.422   0.682   -10.533 1.00 18.12 ? 75  LEU A O   1 
ATOM   527  C CB  . LEU A 1 74  ? 3.129   -1.516  -12.667 1.00 16.13 ? 75  LEU A CB  1 
ATOM   528  C CG  . LEU A 1 74  ? 1.738   -1.995  -13.109 1.00 16.05 ? 75  LEU A CG  1 
ATOM   529  C CD1 . LEU A 1 74  ? 1.846   -3.425  -13.644 1.00 15.58 ? 75  LEU A CD1 1 
ATOM   530  C CD2 . LEU A 1 74  ? 0.844   -1.988  -11.871 1.00 17.05 ? 75  LEU A CD2 1 
ATOM   531  N N   A ASP A 1 75  ? 5.538   0.537   -12.480 0.50 17.81 ? 76  ASP A N   1 
ATOM   532  N N   B ASP A 1 75  ? 5.554   0.546   -12.476 0.50 18.14 ? 76  ASP A N   1 
ATOM   533  C CA  A ASP A 1 75  ? 6.780   0.982   -11.890 0.50 17.84 ? 76  ASP A CA  1 
ATOM   534  C CA  B ASP A 1 75  ? 6.807   1.015   -11.876 0.50 18.51 ? 76  ASP A CA  1 
ATOM   535  C C   A ASP A 1 75  ? 6.649   2.384   -11.279 0.50 17.65 ? 76  ASP A C   1 
ATOM   536  C C   B ASP A 1 75  ? 6.648   2.395   -11.264 0.50 18.02 ? 76  ASP A C   1 
ATOM   537  O O   A ASP A 1 75  ? 7.264   2.651   -10.265 0.50 17.67 ? 76  ASP A O   1 
ATOM   538  O O   B ASP A 1 75  ? 7.250   2.664   -10.246 0.50 18.04 ? 76  ASP A O   1 
ATOM   539  C CB  A ASP A 1 75  ? 7.885   0.960   -12.936 0.50 18.26 ? 76  ASP A CB  1 
ATOM   540  C CB  B ASP A 1 75  ? 7.949   1.076   -12.897 0.50 19.21 ? 76  ASP A CB  1 
ATOM   541  C CG  A ASP A 1 75  ? 9.162   1.445   -12.401 0.50 18.18 ? 76  ASP A CG  1 
ATOM   542  C CG  B ASP A 1 75  ? 8.374   -0.285  -13.370 0.50 21.05 ? 76  ASP A CG  1 
ATOM   543  O OD1 A ASP A 1 75  ? 9.646   0.855   -11.413 0.50 18.49 ? 76  ASP A OD1 1 
ATOM   544  O OD1 B ASP A 1 75  ? 7.575   -1.239  -13.238 0.50 26.59 ? 76  ASP A OD1 1 
ATOM   545  O OD2 A ASP A 1 75  ? 9.743   2.425   -12.903 0.50 22.77 ? 76  ASP A OD2 1 
ATOM   546  O OD2 B ASP A 1 75  ? 9.474   -0.500  -13.925 0.50 25.14 ? 76  ASP A OD2 1 
ATOM   547  N N   . ALA A 1 76  ? 5.851   3.254   -11.902 1.00 17.08 ? 77  ALA A N   1 
ATOM   548  C CA  . ALA A 1 76  ? 5.577   4.612   -11.396 1.00 17.64 ? 77  ALA A CA  1 
ATOM   549  C C   . ALA A 1 76  ? 4.913   4.615   -10.021 1.00 18.29 ? 77  ALA A C   1 
ATOM   550  O O   . ALA A 1 76  ? 4.994   5.622   -9.311  1.00 20.74 ? 77  ALA A O   1 
ATOM   551  C CB  . ALA A 1 76  ? 4.719   5.389   -12.386 1.00 18.44 ? 77  ALA A CB  1 
ATOM   552  N N   . THR A 1 77  ? 4.290   3.495   -9.624  1.00 15.95 ? 78  THR A N   1 
ATOM   553  C CA  . THR A 1 77  ? 3.662   3.421   -8.293  1.00 16.13 ? 78  THR A CA  1 
ATOM   554  C C   . THR A 1 77  ? 4.662   3.051   -7.195  1.00 15.68 ? 78  THR A C   1 
ATOM   555  O O   . THR A 1 77  ? 4.269   2.985   -6.034  1.00 16.30 ? 78  THR A O   1 
ATOM   556  C CB  . THR A 1 77  ? 2.474   2.424   -8.245  1.00 14.52 ? 78  THR A CB  1 
ATOM   557  O OG1 . THR A 1 77  ? 2.980   1.094   -8.292  1.00 16.73 ? 78  THR A OG1 1 
ATOM   558  C CG2 . THR A 1 77  ? 1.522   2.603   -9.479  1.00 14.29 ? 78  THR A CG2 1 
ATOM   559  N N   . THR A 1 78  ? 5.935   2.854   -7.548  1.00 15.96 ? 79  THR A N   1 
ATOM   560  C CA  . THR A 1 78  ? 6.948   2.472   -6.549  1.00 16.00 ? 79  THR A CA  1 
ATOM   561  C C   . THR A 1 78  ? 7.990   3.550   -6.321  1.00 15.40 ? 79  THR A C   1 
ATOM   562  O O   . THR A 1 78  ? 9.035   3.289   -5.746  1.00 17.15 ? 79  THR A O   1 
ATOM   563  C CB  . THR A 1 78  ? 7.666   1.173   -6.923  1.00 16.13 ? 79  THR A CB  1 
ATOM   564  O OG1 . THR A 1 78  ? 8.509   1.391   -8.063  1.00 16.05 ? 79  THR A OG1 1 
ATOM   565  C CG2 . THR A 1 78  ? 6.642   0.061   -7.290  1.00 17.98 ? 79  THR A CG2 1 
ATOM   566  N N   . LYS A 1 79  ? 7.683   4.757   -6.778  1.00 14.69 ? 80  LYS A N   1 
ATOM   567  C CA  . LYS A 1 79  ? 8.677   5.824   -6.691  1.00 16.91 ? 80  LYS A CA  1 
ATOM   568  C C   . LYS A 1 79  ? 8.444   6.846   -5.605  1.00 16.48 ? 80  LYS A C   1 
ATOM   569  O O   . LYS A 1 79  ? 9.055   7.923   -5.650  1.00 18.48 ? 80  LYS A O   1 
ATOM   570  C CB  . LYS A 1 79  ? 8.750   6.522   -8.042  1.00 16.84 ? 80  LYS A CB  1 
ATOM   571  C CG  . LYS A 1 79  ? 9.196   5.569   -9.151  1.00 22.00 ? 80  LYS A CG  1 
ATOM   572  C CD  . LYS A 1 79  ? 9.213   6.272   -10.512 1.00 27.13 ? 80  LYS A CD  1 
ATOM   573  C CE  . LYS A 1 79  ? 9.810   5.317   -11.550 1.00 30.22 ? 80  LYS A CE  1 
ATOM   574  N NZ  . LYS A 1 79  ? 9.706   5.847   -12.944 1.00 34.29 ? 80  LYS A NZ  1 
ATOM   575  N N   . ALA A 1 80  ? 7.566   6.564   -4.648  1.00 15.06 ? 81  ALA A N   1 
ATOM   576  C CA  . ALA A 1 80  ? 7.321   7.538   -3.580  1.00 15.68 ? 81  ALA A CA  1 
ATOM   577  C C   . ALA A 1 80  ? 8.511   7.739   -2.690  1.00 16.05 ? 81  ALA A C   1 
ATOM   578  O O   . ALA A 1 80  ? 9.289   6.804   -2.464  1.00 15.17 ? 81  ALA A O   1 
ATOM   579  C CB  . ALA A 1 80  ? 6.105   7.119   -2.718  1.00 15.35 ? 81  ALA A CB  1 
ATOM   580  N N   . LYS A 1 81  ? 8.648   8.956   -2.158  1.00 17.67 ? 82  LYS A N   1 
ATOM   581  C CA  . LYS A 1 81  ? 9.778   9.283   -1.304  1.00 18.20 ? 82  LYS A CA  1 
ATOM   582  C C   . LYS A 1 81  ? 9.278   9.807   0.033   1.00 17.87 ? 82  LYS A C   1 
ATOM   583  O O   . LYS A 1 81  ? 8.179   10.356  0.119   1.00 17.56 ? 82  LYS A O   1 
ATOM   584  C CB  . LYS A 1 81  ? 10.653  10.347  -1.983  1.00 19.45 ? 82  LYS A CB  1 
ATOM   585  C CG  . LYS A 1 81  ? 11.247  9.884   -3.299  1.00 20.78 ? 82  LYS A CG  1 
ATOM   586  C CD  . LYS A 1 81  ? 12.230  10.938  -3.821  1.00 25.39 ? 82  LYS A CD  1 
ATOM   587  C CE  . LYS A 1 81  ? 13.019  10.399  -4.994  1.00 29.15 ? 82  LYS A CE  1 
ATOM   588  N NZ  . LYS A 1 81  ? 14.129  11.353  -5.359  1.00 30.68 ? 82  LYS A NZ  1 
ATOM   589  N N   . THR A 1 82  ? 10.110  9.706   1.061   1.00 18.92 ? 83  THR A N   1 
ATOM   590  C CA  . THR A 1 82  ? 9.715   10.194  2.381   1.00 18.82 ? 83  THR A CA  1 
ATOM   591  C C   . THR A 1 82  ? 9.272   11.654  2.339   1.00 18.30 ? 83  THR A C   1 
ATOM   592  O O   . THR A 1 82  ? 8.287   12.040  2.986   1.00 17.34 ? 83  THR A O   1 
ATOM   593  C CB  . THR A 1 82  ? 10.879  10.011  3.354   1.00 20.91 ? 83  THR A CB  1 
ATOM   594  O OG1 . THR A 1 82  ? 11.157  8.602   3.440   1.00 22.78 ? 83  THR A OG1 1 
ATOM   595  C CG2 . THR A 1 82  ? 10.479  10.421  4.747   1.00 20.20 ? 83  THR A CG2 1 
ATOM   596  N N   A GLU A 1 83  ? 9.969   12.462  1.554   0.50 17.92 ? 84  GLU A N   1 
ATOM   597  N N   B GLU A 1 83  ? 9.973   12.447  1.534   0.50 17.87 ? 84  GLU A N   1 
ATOM   598  C CA  A GLU A 1 83  ? 9.645   13.871  1.476   0.50 17.64 ? 84  GLU A CA  1 
ATOM   599  C CA  B GLU A 1 83  ? 9.689   13.865  1.388   0.50 17.52 ? 84  GLU A CA  1 
ATOM   600  C C   A GLU A 1 83  ? 8.228   14.145  0.957   0.50 17.88 ? 84  GLU A C   1 
ATOM   601  C C   B GLU A 1 83  ? 8.276   14.169  0.874   0.50 17.81 ? 84  GLU A C   1 
ATOM   602  O O   A GLU A 1 83  ? 7.685   15.208  1.216   0.50 18.57 ? 84  GLU A O   1 
ATOM   603  O O   B GLU A 1 83  ? 7.789   15.276  1.043   0.50 18.30 ? 84  GLU A O   1 
ATOM   604  C CB  A GLU A 1 83  ? 10.683  14.610  0.624   0.50 16.62 ? 84  GLU A CB  1 
ATOM   605  C CB  B GLU A 1 83  ? 10.733  14.514  0.458   0.50 16.53 ? 84  GLU A CB  1 
ATOM   606  C CG  A GLU A 1 83  ? 10.646  14.260  -0.854  0.50 16.97 ? 84  GLU A CG  1 
ATOM   607  C CG  B GLU A 1 83  ? 10.867  13.827  -0.907  0.50 15.87 ? 84  GLU A CG  1 
ATOM   608  C CD  A GLU A 1 83  ? 11.605  15.115  -1.634  0.50 17.98 ? 84  GLU A CD  1 
ATOM   609  C CD  B GLU A 1 83  ? 11.793  14.562  -1.866  0.50 18.80 ? 84  GLU A CD  1 
ATOM   610  O OE1 A GLU A 1 83  ? 12.816  14.831  -1.540  0.50 19.91 ? 84  GLU A OE1 1 
ATOM   611  O OE1 B GLU A 1 83  ? 12.530  15.453  -1.412  0.50 19.76 ? 84  GLU A OE1 1 
ATOM   612  O OE2 A GLU A 1 83  ? 11.146  16.058  -2.315  0.50 19.42 ? 84  GLU A OE2 1 
ATOM   613  O OE2 B GLU A 1 83  ? 11.787  14.253  -3.085  0.50 18.94 ? 84  GLU A OE2 1 
ATOM   614  N N   . ASP A 1 84  ? 7.647   13.197  0.220   1.00 17.80 ? 85  ASP A N   1 
ATOM   615  C CA  . ASP A 1 84  ? 6.287   13.345  -0.300  1.00 19.03 ? 85  ASP A CA  1 
ATOM   616  C C   . ASP A 1 84  ? 5.252   13.415  0.819   1.00 19.73 ? 85  ASP A C   1 
ATOM   617  O O   . ASP A 1 84  ? 4.158   13.933  0.606   1.00 21.25 ? 85  ASP A O   1 
ATOM   618  C CB  . ASP A 1 84  ? 5.934   12.166  -1.196  1.00 18.98 ? 85  ASP A CB  1 
ATOM   619  C CG  . ASP A 1 84  ? 6.694   12.197  -2.519  1.00 21.82 ? 85  ASP A CG  1 
ATOM   620  O OD1 . ASP A 1 84  ? 6.899   13.320  -3.070  1.00 26.97 ? 85  ASP A OD1 1 
ATOM   621  O OD2 . ASP A 1 84  ? 7.132   11.164  -3.067  1.00 22.47 ? 85  ASP A OD2 1 
ATOM   622  N N   . PHE A 1 85  ? 5.587   12.917  2.001   1.00 19.79 ? 86  PHE A N   1 
ATOM   623  C CA  . PHE A 1 85  ? 4.562   12.789  3.069   1.00 20.19 ? 86  PHE A CA  1 
ATOM   624  C C   . PHE A 1 85  ? 4.819   13.545  4.359   1.00 21.36 ? 86  PHE A C   1 
ATOM   625  O O   . PHE A 1 85  ? 3.937   13.606  5.223   1.00 20.11 ? 86  PHE A O   1 
ATOM   626  C CB  . PHE A 1 85  ? 4.383   11.316  3.397   1.00 19.82 ? 86  PHE A CB  1 
ATOM   627  C CG  . PHE A 1 85  ? 4.108   10.487  2.194   1.00 20.30 ? 86  PHE A CG  1 
ATOM   628  C CD1 . PHE A 1 85  ? 5.003   9.493   1.807   1.00 18.23 ? 86  PHE A CD1 1 
ATOM   629  C CD2 . PHE A 1 85  ? 2.992   10.743  1.390   1.00 18.33 ? 86  PHE A CD2 1 
ATOM   630  C CE1 . PHE A 1 85  ? 4.770   8.735   0.653   1.00 20.69 ? 86  PHE A CE1 1 
ATOM   631  C CE2 . PHE A 1 85  ? 2.795   10.006  0.231   1.00 19.00 ? 86  PHE A CE2 1 
ATOM   632  C CZ  . PHE A 1 85  ? 3.688   8.980   -0.113  1.00 18.25 ? 86  PHE A CZ  1 
ATOM   633  N N   . VAL A 1 86  ? 6.030   14.098  4.499   1.00 22.36 ? 87  VAL A N   1 
ATOM   634  C CA  . VAL A 1 86  ? 6.387   14.826  5.708   1.00 22.67 ? 87  VAL A CA  1 
ATOM   635  C C   . VAL A 1 86  ? 5.492   16.020  5.989   1.00 23.64 ? 87  VAL A C   1 
ATOM   636  O O   . VAL A 1 86  ? 5.025   16.178  7.110   1.00 23.39 ? 87  VAL A O   1 
ATOM   637  C CB  . VAL A 1 86  ? 7.881   15.264  5.670   1.00 24.15 ? 87  VAL A CB  1 
ATOM   638  C CG1 . VAL A 1 86  ? 8.246   16.196  6.832   1.00 25.19 ? 87  VAL A CG1 1 
ATOM   639  C CG2 . VAL A 1 86  ? 8.752   14.045  5.690   1.00 22.96 ? 87  VAL A CG2 1 
ATOM   640  N N   . LYS A 1 87  ? 5.245   16.850  4.978   1.00 22.38 ? 88  LYS A N   1 
ATOM   641  C CA  . LYS A 1 87  ? 4.361   18.002  5.153   1.00 24.31 ? 88  LYS A CA  1 
ATOM   642  C C   . LYS A 1 87  ? 2.962   17.612  5.630   1.00 23.33 ? 88  LYS A C   1 
ATOM   643  O O   . LYS A 1 87  ? 2.371   18.295  6.476   1.00 24.47 ? 88  LYS A O   1 
ATOM   644  C CB  . LYS A 1 87  ? 4.285   18.810  3.856   1.00 24.70 ? 88  LYS A CB  1 
ATOM   645  C CG  . LYS A 1 87  ? 5.517   19.672  3.648   1.00 27.94 ? 88  LYS A CG  1 
ATOM   646  C CD  . LYS A 1 87  ? 5.377   20.566  2.427   1.00 32.07 ? 88  LYS A CD  1 
ATOM   647  C CE  . LYS A 1 87  ? 6.574   21.498  2.293   1.00 35.80 ? 88  LYS A CE  1 
ATOM   648  N NZ  . LYS A 1 87  ? 7.873   20.772  2.074   1.00 37.15 ? 88  LYS A NZ  1 
ATOM   649  N N   . ALA A 1 88  ? 2.441   16.501  5.100   1.00 22.82 ? 89  ALA A N   1 
ATOM   650  C CA  . ALA A 1 88  ? 1.127   15.999  5.534   1.00 21.98 ? 89  ALA A CA  1 
ATOM   651  C C   . ALA A 1 88  ? 1.106   15.636  7.027   1.00 21.37 ? 89  ALA A C   1 
ATOM   652  O O   . ALA A 1 88  ? 0.112   15.910  7.735   1.00 22.35 ? 89  ALA A O   1 
ATOM   653  C CB  . ALA A 1 88  ? 0.654   14.794  4.671   1.00 21.66 ? 89  ALA A CB  1 
ATOM   654  N N   . PHE A 1 89  ? 2.181   15.002  7.499   1.00 20.26 ? 90  PHE A N   1 
ATOM   655  C CA  . PHE A 1 89  ? 2.284   14.658  8.916   1.00 19.92 ? 90  PHE A CA  1 
ATOM   656  C C   . PHE A 1 89  ? 2.523   15.941  9.743   1.00 19.79 ? 90  PHE A C   1 
ATOM   657  O O   . PHE A 1 89  ? 2.090   16.026  10.884  1.00 19.75 ? 90  PHE A O   1 
ATOM   658  C CB  . PHE A 1 89  ? 3.410   13.653  9.168   1.00 19.49 ? 90  PHE A CB  1 
ATOM   659  C CG  . PHE A 1 89  ? 3.017   12.239  8.890   1.00 18.59 ? 90  PHE A CG  1 
ATOM   660  C CD1 . PHE A 1 89  ? 3.227   11.669  7.643   1.00 22.32 ? 90  PHE A CD1 1 
ATOM   661  C CD2 . PHE A 1 89  ? 2.340   11.508  9.862   1.00 18.73 ? 90  PHE A CD2 1 
ATOM   662  C CE1 . PHE A 1 89  ? 2.847   10.357  7.397   1.00 23.29 ? 90  PHE A CE1 1 
ATOM   663  C CE2 . PHE A 1 89  ? 1.944   10.198  9.625   1.00 21.20 ? 90  PHE A CE2 1 
ATOM   664  C CZ  . PHE A 1 89  ? 2.201   9.623   8.379   1.00 21.74 ? 90  PHE A CZ  1 
ATOM   665  N N   . GLN A 1 90  ? 3.239   16.902  9.171   1.00 20.63 ? 91  GLN A N   1 
ATOM   666  C CA  . GLN A 1 90  ? 3.544   18.114  9.924   1.00 22.73 ? 91  GLN A CA  1 
ATOM   667  C C   . GLN A 1 90  ? 2.256   18.839  10.276  1.00 22.78 ? 91  GLN A C   1 
ATOM   668  O O   . GLN A 1 90  ? 2.195   19.554  11.260  1.00 22.94 ? 91  GLN A O   1 
ATOM   669  C CB  . GLN A 1 90  ? 4.542   19.004  9.198   1.00 23.24 ? 91  GLN A CB  1 
ATOM   670  C CG  . GLN A 1 90  ? 5.941   18.422  9.282   1.00 25.70 ? 91  GLN A CG  1 
ATOM   671  C CD  . GLN A 1 90  ? 6.995   19.246  8.548   1.00 30.74 ? 91  GLN A CD  1 
ATOM   672  O OE1 . GLN A 1 90  ? 8.194   18.972  8.675   1.00 37.09 ? 91  GLN A OE1 1 
ATOM   673  N NE2 . GLN A 1 90  ? 6.560   20.246  7.786   1.00 32.73 ? 91  GLN A NE2 1 
ATOM   674  N N   . VAL A 1 91  ? 1.218   18.595  9.491   1.00 22.32 ? 92  VAL A N   1 
ATOM   675  C CA  . VAL A 1 91  ? -0.096  19.172  9.772   1.00 22.61 ? 92  VAL A CA  1 
ATOM   676  C C   . VAL A 1 91  ? -0.633  18.706  11.132  1.00 22.77 ? 92  VAL A C   1 
ATOM   677  O O   . VAL A 1 91  ? -1.334  19.455  11.840  1.00 22.77 ? 92  VAL A O   1 
ATOM   678  C CB  . VAL A 1 91  ? -1.065  18.869  8.645   1.00 23.20 ? 92  VAL A CB  1 
ATOM   679  C CG1 . VAL A 1 91  ? -2.501  19.190  9.058   1.00 25.20 ? 92  VAL A CG1 1 
ATOM   680  C CG2 . VAL A 1 91  ? -0.670  19.639  7.394   1.00 21.17 ? 92  VAL A CG2 1 
ATOM   681  N N   . PHE A 1 92  ? -0.262  17.492  11.523  1.00 22.22 ? 93  PHE A N   1 
ATOM   682  C CA  . PHE A 1 92  ? -0.705  16.902  12.769  1.00 22.55 ? 93  PHE A CA  1 
ATOM   683  C C   . PHE A 1 92  ? 0.395   16.875  13.817  1.00 22.68 ? 93  PHE A C   1 
ATOM   684  O O   . PHE A 1 92  ? 0.278   16.226  14.834  1.00 21.97 ? 93  PHE A O   1 
ATOM   685  C CB  . PHE A 1 92  ? -1.228  15.486  12.503  1.00 22.51 ? 93  PHE A CB  1 
ATOM   686  C CG  . PHE A 1 92  ? -2.385  15.469  11.548  1.00 24.21 ? 93  PHE A CG  1 
ATOM   687  C CD1 . PHE A 1 92  ? -2.174  15.575  10.169  1.00 24.32 ? 93  PHE A CD1 1 
ATOM   688  C CD2 . PHE A 1 92  ? -3.687  15.351  12.023  1.00 24.19 ? 93  PHE A CD2 1 
ATOM   689  C CE1 . PHE A 1 92  ? -3.258  15.592  9.275   1.00 27.01 ? 93  PHE A CE1 1 
ATOM   690  C CE2 . PHE A 1 92  ? -4.767  15.355  11.144  1.00 27.96 ? 93  PHE A CE2 1 
ATOM   691  C CZ  . PHE A 1 92  ? -4.555  15.479  9.763   1.00 25.28 ? 93  PHE A CZ  1 
ATOM   692  N N   . ASP A 1 93  ? 1.481   17.600  13.549  1.00 24.22 ? 94  ASP A N   1 
ATOM   693  C CA  . ASP A 1 93  ? 2.606   17.621  14.465  1.00 25.76 ? 94  ASP A CA  1 
ATOM   694  C C   . ASP A 1 93  ? 2.495   18.908  15.273  1.00 28.72 ? 94  ASP A C   1 
ATOM   695  O O   . ASP A 1 93  ? 2.867   19.992  14.804  1.00 28.86 ? 94  ASP A O   1 
ATOM   696  C CB  . ASP A 1 93  ? 3.907   17.561  13.694  1.00 25.25 ? 94  ASP A CB  1 
ATOM   697  C CG  . ASP A 1 93  ? 5.099   17.310  14.566  1.00 27.06 ? 94  ASP A CG  1 
ATOM   698  O OD1 . ASP A 1 93  ? 5.070   17.587  15.792  1.00 27.02 ? 94  ASP A OD1 1 
ATOM   699  O OD2 . ASP A 1 93  ? 6.150   16.845  14.076  1.00 26.62 ? 94  ASP A OD2 1 
ATOM   700  N N   . LYS A 1 94  ? 1.992   18.752  16.494  1.00 30.64 ? 95  LYS A N   1 
ATOM   701  C CA  . LYS A 1 94  ? 1.664   19.876  17.347  1.00 33.01 ? 95  LYS A CA  1 
ATOM   702  C C   . LYS A 1 94  ? 2.884   20.726  17.724  1.00 33.34 ? 95  LYS A C   1 
ATOM   703  O O   . LYS A 1 94  ? 2.856   21.957  17.592  1.00 34.17 ? 95  LYS A O   1 
ATOM   704  C CB  . LYS A 1 94  ? 0.924   19.350  18.582  1.00 33.70 ? 95  LYS A CB  1 
ATOM   705  C CG  . LYS A 1 94  ? 0.516   20.416  19.591  1.00 37.52 ? 95  LYS A CG  1 
ATOM   706  C CD  . LYS A 1 94  ? -0.614  19.947  20.496  1.00 40.91 ? 95  LYS A CD  1 
ATOM   707  C CE  . LYS A 1 94  ? -0.329  18.599  21.133  1.00 44.41 ? 95  LYS A CE  1 
ATOM   708  N NZ  . LYS A 1 94  ? -0.486  17.480  20.146  1.00 44.81 ? 95  LYS A NZ  1 
ATOM   709  N N   A GLU A 1 95  ? 3.949   20.056  18.154  0.50 33.43 ? 96  GLU A N   1 
ATOM   710  N N   B GLU A 1 95  ? 3.954   20.076  18.170  0.50 32.94 ? 96  GLU A N   1 
ATOM   711  C CA  A GLU A 1 95  ? 5.160   20.721  18.622  0.50 33.79 ? 96  GLU A CA  1 
ATOM   712  C CA  B GLU A 1 95  ? 5.152   20.793  18.602  0.50 32.83 ? 96  GLU A CA  1 
ATOM   713  C C   A GLU A 1 95  ? 6.330   20.560  17.656  0.50 33.49 ? 96  GLU A C   1 
ATOM   714  C C   B GLU A 1 95  ? 6.339   20.577  17.672  0.50 32.84 ? 96  GLU A C   1 
ATOM   715  O O   A GLU A 1 95  ? 7.484   20.817  18.014  0.50 33.93 ? 96  GLU A O   1 
ATOM   716  O O   B GLU A 1 95  ? 7.496   20.770  18.062  0.50 33.25 ? 96  GLU A O   1 
ATOM   717  C CB  A GLU A 1 95  ? 5.556   20.178  19.999  0.50 34.36 ? 96  GLU A CB  1 
ATOM   718  C CB  B GLU A 1 95  ? 5.517   20.412  20.042  0.50 33.01 ? 96  GLU A CB  1 
ATOM   719  C CG  A GLU A 1 95  ? 4.415   20.068  20.997  0.50 35.93 ? 96  GLU A CG  1 
ATOM   720  C CG  B GLU A 1 95  ? 4.518   20.881  21.089  0.50 32.47 ? 96  GLU A CG  1 
ATOM   721  C CD  A GLU A 1 95  ? 4.794   19.245  22.210  0.50 38.25 ? 96  GLU A CD  1 
ATOM   722  C CD  B GLU A 1 95  ? 4.326   22.390  21.081  0.50 31.89 ? 96  GLU A CD  1 
ATOM   723  O OE1 A GLU A 1 95  ? 5.730   19.653  22.931  0.50 40.29 ? 96  GLU A OE1 1 
ATOM   724  O OE1 B GLU A 1 95  ? 5.327   23.119  21.181  0.50 30.20 ? 96  GLU A OE1 1 
ATOM   725  O OE2 A GLU A 1 95  ? 4.167   18.186  22.433  0.50 39.14 ? 96  GLU A OE2 1 
ATOM   726  O OE2 B GLU A 1 95  ? 3.174   22.851  20.958  0.50 32.55 ? 96  GLU A OE2 1 
ATOM   727  N N   A SER A 1 96  ? 6.047   20.123  16.433  0.50 32.71 ? 97  SER A N   1 
ATOM   728  N N   B SER A 1 96  ? 6.056   20.172  16.439  0.50 32.34 ? 97  SER A N   1 
ATOM   729  C CA  A SER A 1 96  ? 7.107   19.939  15.445  0.50 31.89 ? 97  SER A CA  1 
ATOM   730  C CA  B SER A 1 96  ? 7.115   19.947  15.464  0.50 31.85 ? 97  SER A CA  1 
ATOM   731  C C   A SER A 1 96  ? 8.202   19.032  16.013  0.50 30.90 ? 97  SER A C   1 
ATOM   732  C C   B SER A 1 96  ? 8.206   19.050  16.051  0.50 30.84 ? 97  SER A C   1 
ATOM   733  O O   A SER A 1 96  ? 9.397   19.322  15.891  0.50 31.64 ? 97  SER A O   1 
ATOM   734  O O   B SER A 1 96  ? 9.400   19.360  15.978  0.50 31.54 ? 97  SER A O   1 
ATOM   735  C CB  A SER A 1 96  ? 7.682   21.293  15.022  0.50 32.02 ? 97  SER A CB  1 
ATOM   736  C CB  B SER A 1 96  ? 7.697   21.279  15.000  0.50 32.03 ? 97  SER A CB  1 
ATOM   737  O OG  A SER A 1 96  ? 6.678   22.132  14.473  0.50 31.57 ? 97  SER A OG  1 
ATOM   738  O OG  B SER A 1 96  ? 8.620   21.068  13.954  0.50 32.73 ? 97  SER A OG  1 
ATOM   739  N N   . THR A 1 97  ? 7.787   17.944  16.646  1.00 29.50 ? 98  THR A N   1 
ATOM   740  C CA  . THR A 1 97  ? 8.696   16.978  17.238  1.00 27.59 ? 98  THR A CA  1 
ATOM   741  C C   . THR A 1 97  ? 9.034   15.818  16.303  1.00 25.41 ? 98  THR A C   1 
ATOM   742  O O   . THR A 1 97  ? 9.852   14.978  16.654  1.00 25.79 ? 98  THR A O   1 
ATOM   743  C CB  . THR A 1 97  ? 8.040   16.336  18.430  1.00 28.31 ? 98  THR A CB  1 
ATOM   744  O OG1 . THR A 1 97  ? 6.767   15.831  18.016  1.00 28.47 ? 98  THR A OG1 1 
ATOM   745  C CG2 . THR A 1 97  ? 7.712   17.368  19.531  1.00 28.58 ? 98  THR A CG2 1 
ATOM   746  N N   . GLY A 1 98  ? 8.356   15.702  15.166  1.00 22.36 ? 99  GLY A N   1 
ATOM   747  C CA  . GLY A 1 98  ? 8.617   14.555  14.304  1.00 20.81 ? 99  GLY A CA  1 
ATOM   748  C C   . GLY A 1 98  ? 7.750   13.383  14.717  1.00 20.96 ? 99  GLY A C   1 
ATOM   749  O O   . GLY A 1 98  ? 7.931   12.289  14.255  1.00 19.87 ? 99  GLY A O   1 
ATOM   750  N N   . LYS A 1 99  ? 6.793   13.634  15.594  1.00 20.96 ? 100 LYS A N   1 
ATOM   751  C CA  . LYS A 1 99  ? 5.917   12.589  16.070  1.00 20.54 ? 100 LYS A CA  1 
ATOM   752  C C   . LYS A 1 99  ? 4.451   12.934  15.900  1.00 19.42 ? 100 LYS A C   1 
ATOM   753  O O   . LYS A 1 99  ? 4.055   14.107  15.894  1.00 19.96 ? 100 LYS A O   1 
ATOM   754  C CB  . LYS A 1 99  ? 6.200   12.288  17.555  1.00 21.70 ? 100 LYS A CB  1 
ATOM   755  C CG  . LYS A 1 99  ? 7.605   11.734  17.798  1.00 24.38 ? 100 LYS A CG  1 
ATOM   756  C CD  . LYS A 1 99  ? 7.805   11.336  19.233  1.00 28.83 ? 100 LYS A CD  1 
ATOM   757  C CE  . LYS A 1 99  ? 9.117   10.592  19.416  1.00 30.09 ? 100 LYS A CE  1 
ATOM   758  N NZ  . LYS A 1 99  ? 10.286  11.423  19.101  1.00 32.78 ? 100 LYS A NZ  1 
ATOM   759  N N   A VAL A 1 100 ? 3.645   11.888  15.768  0.50 19.33 ? 101 VAL A N   1 
ATOM   760  N N   B VAL A 1 100 ? 3.645   11.888  15.755  0.50 18.63 ? 101 VAL A N   1 
ATOM   761  C CA  A VAL A 1 100 ? 2.202   12.017  15.681  0.50 18.53 ? 101 VAL A CA  1 
ATOM   762  C CA  B VAL A 1 100 ? 2.200   12.005  15.651  0.50 17.02 ? 101 VAL A CA  1 
ATOM   763  C C   A VAL A 1 100 ? 1.580   10.985  16.612  0.50 17.89 ? 101 VAL A C   1 
ATOM   764  C C   B VAL A 1 100 ? 1.575   10.983  16.603  0.50 17.10 ? 101 VAL A C   1 
ATOM   765  O O   A VAL A 1 100 ? 2.109   9.888   16.771  0.50 16.85 ? 101 VAL A O   1 
ATOM   766  O O   B VAL A 1 100 ? 2.104   9.887   16.770  0.50 16.00 ? 101 VAL A O   1 
ATOM   767  C CB  A VAL A 1 100 ? 1.749   11.847  14.219  0.50 19.19 ? 101 VAL A CB  1 
ATOM   768  C CB  B VAL A 1 100 ? 1.760   11.788  14.171  0.50 17.45 ? 101 VAL A CB  1 
ATOM   769  C CG1 A VAL A 1 100 ? 0.242   11.675  14.090  0.50 21.16 ? 101 VAL A CG1 1 
ATOM   770  C CG1 B VAL A 1 100 ? 2.017   10.361  13.693  0.50 13.54 ? 101 VAL A CG1 1 
ATOM   771  C CG2 A VAL A 1 100 ? 2.204   13.063  13.409  0.50 18.91 ? 101 VAL A CG2 1 
ATOM   772  C CG2 B VAL A 1 100 ? 0.322   12.241  13.910  0.50 17.89 ? 101 VAL A CG2 1 
ATOM   773  N N   . SER A 1 101 ? 0.457   11.344  17.235  1.00 17.50 ? 102 SER A N   1 
ATOM   774  C CA  . SER A 1 101 ? -0.236  10.407  18.106  1.00 17.49 ? 102 SER A CA  1 
ATOM   775  C C   . SER A 1 101 ? -0.844  9.304   17.249  1.00 17.08 ? 102 SER A C   1 
ATOM   776  O O   . SER A 1 101 ? -1.207  9.543   16.074  1.00 16.41 ? 102 SER A O   1 
ATOM   777  C CB  . SER A 1 101 ? -1.319  11.087  18.930  1.00 17.75 ? 102 SER A CB  1 
ATOM   778  O OG  . SER A 1 101 ? -2.368  11.535  18.095  1.00 17.30 ? 102 SER A OG  1 
ATOM   779  N N   . VAL A 1 102 ? -0.922  8.104   17.825  1.00 16.24 ? 103 VAL A N   1 
ATOM   780  C CA  . VAL A 1 102 ? -1.528  6.980   17.110  1.00 16.00 ? 103 VAL A CA  1 
ATOM   781  C C   . VAL A 1 102 ? -2.979  7.304   16.752  1.00 15.99 ? 103 VAL A C   1 
ATOM   782  O O   . VAL A 1 102 ? -3.473  6.908   15.689  1.00 15.54 ? 103 VAL A O   1 
ATOM   783  C CB  . VAL A 1 102 ? -1.364  5.653   17.867  1.00 18.08 ? 103 VAL A CB  1 
ATOM   784  C CG1 . VAL A 1 102 ? -2.080  5.676   19.203  1.00 17.05 ? 103 VAL A CG1 1 
ATOM   785  C CG2 . VAL A 1 102 ? -1.892  4.512   17.021  1.00 16.60 ? 103 VAL A CG2 1 
ATOM   786  N N   . GLY A 1 103 ? -3.659  8.038   17.634  1.00 15.38 ? 104 GLY A N   1 
ATOM   787  C CA  . GLY A 1 103 ? -5.024  8.456   17.331  1.00 15.83 ? 104 GLY A CA  1 
ATOM   788  C C   . GLY A 1 103 ? -5.096  9.399   16.130  1.00 14.89 ? 104 GLY A C   1 
ATOM   789  O O   . GLY A 1 103 ? -5.991  9.269   15.295  1.00 15.56 ? 104 GLY A O   1 
ATOM   790  N N   . ASP A 1 104 ? -4.175  10.359  16.047  1.00 15.84 ? 105 ASP A N   1 
ATOM   791  C CA  . ASP A 1 104 ? -4.156  11.258  14.892  1.00 15.92 ? 105 ASP A CA  1 
ATOM   792  C C   . ASP A 1 104 ? -3.792  10.499  13.611  1.00 15.63 ? 105 ASP A C   1 
ATOM   793  O O   . ASP A 1 104 ? -4.255  10.860  12.516  1.00 15.99 ? 105 ASP A O   1 
ATOM   794  C CB  . ASP A 1 104 ? -3.189  12.399  15.083  1.00 17.38 ? 105 ASP A CB  1 
ATOM   795  C CG  . ASP A 1 104 ? -3.720  13.458  16.024  1.00 18.82 ? 105 ASP A CG  1 
ATOM   796  O OD1 . ASP A 1 104 ? -4.947  13.519  16.251  1.00 24.06 ? 105 ASP A OD1 1 
ATOM   797  O OD2 . ASP A 1 104 ? -2.975  14.297  16.512  1.00 21.49 ? 105 ASP A OD2 1 
ATOM   798  N N   . LEU A 1 105 ? -2.947  9.468   13.745  1.00 15.69 ? 106 LEU A N   1 
ATOM   799  C CA  . LEU A 1 105 ? -2.574  8.709   12.552  1.00 15.41 ? 106 LEU A CA  1 
ATOM   800  C C   . LEU A 1 105 ? -3.791  7.973   12.044  1.00 15.69 ? 106 LEU A C   1 
ATOM   801  O O   . LEU A 1 105 ? -4.072  7.931   10.823  1.00 15.24 ? 106 LEU A O   1 
ATOM   802  C CB  . LEU A 1 105 ? -1.400  7.773   12.830  1.00 15.97 ? 106 LEU A CB  1 
ATOM   803  C CG  . LEU A 1 105 ? -0.998  6.855   11.661  1.00 15.98 ? 106 LEU A CG  1 
ATOM   804  C CD1 . LEU A 1 105 ? -0.690  7.698   10.425  1.00 18.21 ? 106 LEU A CD1 1 
ATOM   805  C CD2 . LEU A 1 105 ? 0.284   6.044   12.067  1.00 20.87 ? 106 LEU A CD2 1 
ATOM   806  N N   . ARG A 1 106 ? -4.527  7.366   12.976  1.00 15.97 ? 107 ARG A N   1 
ATOM   807  C CA  . ARG A 1 106 ? -5.769  6.698   12.559  1.00 14.79 ? 107 ARG A CA  1 
ATOM   808  C C   . ARG A 1 106 ? -6.733  7.676   11.909  1.00 14.06 ? 107 ARG A C   1 
ATOM   809  O O   . ARG A 1 106 ? -7.395  7.345   10.892  1.00 15.46 ? 107 ARG A O   1 
ATOM   810  C CB  . ARG A 1 106 ? -6.418  5.975   13.732  1.00 14.42 ? 107 ARG A CB  1 
ATOM   811  C CG  . ARG A 1 106 ? -7.645  5.188   13.338  1.00 14.52 ? 107 ARG A CG  1 
ATOM   812  C CD  . ARG A 1 106 ? -8.135  4.288   14.466  1.00 16.56 ? 107 ARG A CD  1 
ATOM   813  N NE  . ARG A 1 106 ? -7.153  3.217   14.685  1.00 15.75 ? 107 ARG A NE  1 
ATOM   814  C CZ  . ARG A 1 106 ? -7.243  1.997   14.179  1.00 13.61 ? 107 ARG A CZ  1 
ATOM   815  N NH1 . ARG A 1 106 ? -8.263  1.643   13.404  1.00 14.60 ? 107 ARG A NH1 1 
ATOM   816  N NH2 . ARG A 1 106 ? -6.270  1.119   14.412  1.00 15.48 ? 107 ARG A NH2 1 
ATOM   817  N N   . TYR A 1 107 ? -6.861  8.868   12.509  1.00 14.16 ? 108 TYR A N   1 
ATOM   818  C CA  . TYR A 1 107 ? -7.682  9.918   11.951  1.00 14.58 ? 108 TYR A CA  1 
ATOM   819  C C   . TYR A 1 107 ? -7.291  10.260  10.518  1.00 14.52 ? 108 TYR A C   1 
ATOM   820  O O   . TYR A 1 107 ? -8.149  10.317  9.629   1.00 14.53 ? 108 TYR A O   1 
ATOM   821  C CB  . TYR A 1 107 ? -7.611  11.149  12.834  1.00 13.87 ? 108 TYR A CB  1 
ATOM   822  C CG  . TYR A 1 107 ? -8.321  12.378  12.269  1.00 16.06 ? 108 TYR A CG  1 
ATOM   823  C CD1 . TYR A 1 107 ? -9.654  12.627  12.563  1.00 19.73 ? 108 TYR A CD1 1 
ATOM   824  C CD2 . TYR A 1 107 ? -7.633  13.299  11.496  1.00 19.28 ? 108 TYR A CD2 1 
ATOM   825  C CE1 . TYR A 1 107 ? -10.296 13.784  12.059  1.00 18.62 ? 108 TYR A CE1 1 
ATOM   826  C CE2 . TYR A 1 107 ? -8.260  14.441  10.983  1.00 20.23 ? 108 TYR A CE2 1 
ATOM   827  C CZ  . TYR A 1 107 ? -9.565  14.661  11.281  1.00 17.85 ? 108 TYR A CZ  1 
ATOM   828  O OH  . TYR A 1 107 ? -10.160 15.777  10.803  1.00 19.21 ? 108 TYR A OH  1 
ATOM   829  N N   A MET A 1 108 ? -5.996  10.469  10.299  0.50 14.06 ? 109 MET A N   1 
ATOM   830  N N   B MET A 1 108 ? -6.000  10.467  10.297  0.50 15.03 ? 109 MET A N   1 
ATOM   831  C CA  A MET A 1 108 ? -5.484  10.785  8.973   0.50 14.34 ? 109 MET A CA  1 
ATOM   832  C CA  B MET A 1 108 ? -5.506  10.788  8.974   0.50 16.25 ? 109 MET A CA  1 
ATOM   833  C C   A MET A 1 108 ? -5.855  9.711   7.961   0.50 14.16 ? 109 MET A C   1 
ATOM   834  C C   B MET A 1 108 ? -5.853  9.709   7.955   0.50 15.23 ? 109 MET A C   1 
ATOM   835  O O   A MET A 1 108 ? -6.327  10.016  6.872   0.50 14.74 ? 109 MET A O   1 
ATOM   836  O O   B MET A 1 108 ? -6.296  10.012  6.852   0.50 15.73 ? 109 MET A O   1 
ATOM   837  C CB  A MET A 1 108 ? -3.958  10.926  8.987   0.50 14.15 ? 109 MET A CB  1 
ATOM   838  C CB  B MET A 1 108 ? -3.995  10.964  9.007   0.50 16.86 ? 109 MET A CB  1 
ATOM   839  C CG  A MET A 1 108 ? -3.397  12.106  9.802   0.50 12.03 ? 109 MET A CG  1 
ATOM   840  C CG  B MET A 1 108 ? -3.409  11.333  7.681   0.50 20.85 ? 109 MET A CG  1 
ATOM   841  S SD  A MET A 1 108 ? -1.577  11.988  9.865   0.50 15.51 ? 109 MET A SD  1 
ATOM   842  S SD  B MET A 1 108 ? -1.689  10.854  7.592   0.50 28.42 ? 109 MET A SD  1 
ATOM   843  C CE  A MET A 1 108 ? -1.146  12.418  8.191   0.50 18.03 ? 109 MET A CE  1 
ATOM   844  C CE  B MET A 1 108 ? -0.907  12.124  8.604   0.50 25.80 ? 109 MET A CE  1 
ATOM   845  N N   . LEU A 1 109 ? -5.620  8.453   8.322   1.00 13.64 ? 110 LEU A N   1 
ATOM   846  C CA  . LEU A 1 109 ? -5.801  7.356   7.408   1.00 12.89 ? 110 LEU A CA  1 
ATOM   847  C C   . LEU A 1 109 ? -7.230  6.891   7.159   1.00 13.47 ? 110 LEU A C   1 
ATOM   848  O O   . LEU A 1 109 ? -7.520  6.433   6.074   1.00 14.14 ? 110 LEU A O   1 
ATOM   849  C CB  . LEU A 1 109 ? -4.950  6.158   7.842   1.00 12.17 ? 110 LEU A CB  1 
ATOM   850  C CG  . LEU A 1 109 ? -3.459  6.520   7.903   1.00 15.03 ? 110 LEU A CG  1 
ATOM   851  C CD1 . LEU A 1 109 ? -2.718  5.286   8.315   1.00 15.32 ? 110 LEU A CD1 1 
ATOM   852  C CD2 . LEU A 1 109 ? -2.937  6.979   6.522   1.00 12.64 ? 110 LEU A CD2 1 
ATOM   853  N N   . THR A 1 110 ? -8.094  7.028   8.160   1.00 14.29 ? 111 THR A N   1 
ATOM   854  C CA  . THR A 1 110 ? -9.477  6.600   8.013   1.00 14.62 ? 111 THR A CA  1 
ATOM   855  C C   . THR A 1 110 ? -10.455 7.718   7.749   1.00 16.15 ? 111 THR A C   1 
ATOM   856  O O   . THR A 1 110 ? -11.563 7.463   7.287   1.00 16.38 ? 111 THR A O   1 
ATOM   857  C CB  . THR A 1 110 ? -9.978  5.850   9.244   1.00 14.04 ? 111 THR A CB  1 
ATOM   858  O OG1 . THR A 1 110 ? -10.026 6.742   10.363  1.00 14.55 ? 111 THR A OG1 1 
ATOM   859  C CG2 . THR A 1 110 ? -9.071  4.683   9.609   1.00 14.96 ? 111 THR A CG2 1 
ATOM   860  N N   . GLY A 1 111 ? -10.078 8.933   8.089   1.00 17.03 ? 112 GLY A N   1 
ATOM   861  C CA  . GLY A 1 111 ? -10.986 10.069  7.909   1.00 17.94 ? 112 GLY A CA  1 
ATOM   862  C C   . GLY A 1 111 ? -10.702 10.965  6.724   1.00 18.30 ? 112 GLY A C   1 
ATOM   863  O O   . GLY A 1 111 ? -11.522 11.811  6.390   1.00 18.04 ? 112 GLY A O   1 
ATOM   864  N N   . LEU A 1 112 ? -9.519  10.830  6.128   1.00 17.20 ? 113 LEU A N   1 
ATOM   865  C CA  . LEU A 1 112 ? -9.115  11.669  5.001   1.00 18.62 ? 113 LEU A CA  1 
ATOM   866  C C   . LEU A 1 112 ? -8.711  10.823  3.798   1.00 18.81 ? 113 LEU A C   1 
ATOM   867  O O   . LEU A 1 112 ? -8.607  9.598   3.903   1.00 16.88 ? 113 LEU A O   1 
ATOM   868  C CB  . LEU A 1 112 ? -7.944  12.589  5.413   1.00 18.89 ? 113 LEU A CB  1 
ATOM   869  C CG  . LEU A 1 112 ? -8.187  13.552  6.582   1.00 22.01 ? 113 LEU A CG  1 
ATOM   870  C CD1 . LEU A 1 112 ? -6.888  14.155  7.117   1.00 23.65 ? 113 LEU A CD1 1 
ATOM   871  C CD2 . LEU A 1 112 ? -9.171  14.640  6.174   1.00 24.63 ? 113 LEU A CD2 1 
ATOM   872  N N   . GLY A 1 113 ? -8.478  11.487  2.664   1.00 19.97 ? 114 GLY A N   1 
ATOM   873  C CA  . GLY A 1 113 ? -8.056  10.821  1.441   1.00 20.38 ? 114 GLY A CA  1 
ATOM   874  C C   . GLY A 1 113 ? -9.026  9.749   0.991   1.00 20.86 ? 114 GLY A C   1 
ATOM   875  O O   . GLY A 1 113 ? -10.237 9.946   0.950   1.00 20.74 ? 114 GLY A O   1 
ATOM   876  N N   . GLU A 1 114 ? -8.499  8.580   0.649   1.00 20.31 ? 115 GLU A N   1 
ATOM   877  C CA  . GLU A 1 114 ? -9.357  7.489   0.225   1.00 22.24 ? 115 GLU A CA  1 
ATOM   878  C C   . GLU A 1 114 ? -10.064 6.719   1.396   1.00 21.54 ? 115 GLU A C   1 
ATOM   879  O O   . GLU A 1 114 ? -10.798 5.756   1.152   1.00 25.08 ? 115 GLU A O   1 
ATOM   880  C CB  . GLU A 1 114 ? -8.567  6.551   -0.666  1.00 24.13 ? 115 GLU A CB  1 
ATOM   881  C CG  . GLU A 1 114 ? -7.677  5.633   0.134   1.00 29.14 ? 115 GLU A CG  1 
ATOM   882  C CD  . GLU A 1 114 ? -7.239  4.427   -0.666  1.00 32.64 ? 115 GLU A CD  1 
ATOM   883  O OE1 . GLU A 1 114 ? -8.120  3.623   -1.072  1.00 39.89 ? 115 GLU A OE1 1 
ATOM   884  O OE2 . GLU A 1 114 ? -6.027  4.300   -0.917  1.00 33.34 ? 115 GLU A OE2 1 
ATOM   885  N N   . LYS A 1 115 ? -9.876  7.191   2.621   1.00 20.02 ? 116 LYS A N   1 
ATOM   886  C CA  . LYS A 1 115 ? -10.420 6.581   3.829   1.00 21.03 ? 116 LYS A CA  1 
ATOM   887  C C   . LYS A 1 115 ? -10.194 5.066   3.971   1.00 19.15 ? 116 LYS A C   1 
ATOM   888  O O   . LYS A 1 115 ? -11.031 4.260   3.546   1.00 22.28 ? 116 LYS A O   1 
ATOM   889  C CB  . LYS A 1 115 ? -11.912 6.904   3.962   1.00 20.31 ? 116 LYS A CB  1 
ATOM   890  C CG  . LYS A 1 115 ? -12.158 8.364   4.209   1.00 25.66 ? 116 LYS A CG  1 
ATOM   891  C CD  . LYS A 1 115 ? -13.677 8.495   4.530   1.00 27.92 ? 116 LYS A CD  1 
ATOM   892  C CE  . LYS A 1 115 ? -14.029 9.922   4.823   1.00 33.13 ? 116 LYS A CE  1 
ATOM   893  N NZ  . LYS A 1 115 ? -15.453 10.008  5.252   1.00 32.81 ? 116 LYS A NZ  1 
ATOM   894  N N   . LEU A 1 116 ? -9.056  4.670   4.540   1.00 16.64 ? 117 LEU A N   1 
ATOM   895  C CA  . LEU A 1 116 ? -8.841  3.254   4.806   1.00 14.74 ? 117 LEU A CA  1 
ATOM   896  C C   . LEU A 1 116 ? -9.803  2.817   5.906   1.00 13.90 ? 117 LEU A C   1 
ATOM   897  O O   . LEU A 1 116 ? -10.360 3.658   6.672   1.00 15.15 ? 117 LEU A O   1 
ATOM   898  C CB  . LEU A 1 116 ? -7.390  3.005   5.235   1.00 13.79 ? 117 LEU A CB  1 
ATOM   899  C CG  . LEU A 1 116 ? -6.317  3.383   4.222   1.00 14.42 ? 117 LEU A CG  1 
ATOM   900  C CD1 . LEU A 1 116 ? -4.982  3.043   4.828   1.00 16.31 ? 117 LEU A CD1 1 
ATOM   901  C CD2 . LEU A 1 116 ? -6.500  2.646   2.886   1.00 16.89 ? 117 LEU A CD2 1 
ATOM   902  N N   . THR A 1 117 ? -10.023 1.522   6.000   1.00 13.35 ? 118 THR A N   1 
ATOM   903  C CA  . THR A 1 117 ? -10.905 1.012   7.059   1.00 13.76 ? 118 THR A CA  1 
ATOM   904  C C   . THR A 1 117 ? -10.158 0.940   8.367   1.00 13.53 ? 118 THR A C   1 
ATOM   905  O O   . THR A 1 117 ? -8.910  0.957   8.387   1.00 14.88 ? 118 THR A O   1 
ATOM   906  C CB  . THR A 1 117 ? -11.488 -0.376  6.747   1.00 14.16 ? 118 THR A CB  1 
ATOM   907  O OG1 . THR A 1 117 ? -10.425 -1.366  6.749   1.00 14.65 ? 118 THR A OG1 1 
ATOM   908  C CG2 . THR A 1 117 ? -12.078 -0.446  5.308   1.00 14.94 ? 118 THR A CG2 1 
ATOM   909  N N   . ASP A 1 118 ? -10.914 0.846   9.458   1.00 13.95 ? 119 ASP A N   1 
ATOM   910  C CA  . ASP A 1 118 ? -10.280 0.674   10.766  1.00 13.98 ? 119 ASP A CA  1 
ATOM   911  C C   . ASP A 1 118 ? -9.507  -0.658  10.801  1.00 13.61 ? 119 ASP A C   1 
ATOM   912  O O   . ASP A 1 118 ? -8.435  -0.739  11.404  1.00 13.96 ? 119 ASP A O   1 
ATOM   913  C CB  . ASP A 1 118 ? -11.319 0.754   11.884  1.00 14.38 ? 119 ASP A CB  1 
ATOM   914  C CG  . ASP A 1 118 ? -11.692 2.173   12.205  1.00 17.78 ? 119 ASP A CG  1 
ATOM   915  O OD1 . ASP A 1 118 ? -10.799 2.986   12.512  1.00 15.44 ? 119 ASP A OD1 1 
ATOM   916  O OD2 . ASP A 1 118 ? -12.871 2.571   12.186  1.00 22.38 ? 119 ASP A OD2 1 
ATOM   917  N N   . ALA A 1 119 ? -10.033 -1.692  10.170  1.00 13.81 ? 120 ALA A N   1 
ATOM   918  C CA  . ALA A 1 119 ? -9.295  -2.963  10.050  1.00 14.97 ? 120 ALA A CA  1 
ATOM   919  C C   . ALA A 1 119 ? -7.984  -2.815  9.318   1.00 14.32 ? 120 ALA A C   1 
ATOM   920  O O   . ALA A 1 119 ? -6.959  -3.402  9.746   1.00 14.97 ? 120 ALA A O   1 
ATOM   921  C CB  . ALA A 1 119 ? -10.151 -4.039  9.372   1.00 14.46 ? 120 ALA A CB  1 
ATOM   922  N N   . GLU A 1 120 ? -7.975  -2.082  8.208   1.00 13.67 ? 121 GLU A N   1 
ATOM   923  C CA  . GLU A 1 120 ? -6.711  -1.877  7.484   1.00 12.91 ? 121 GLU A CA  1 
ATOM   924  C C   . GLU A 1 120 ? -5.684  -1.161  8.361   1.00 12.69 ? 121 GLU A C   1 
ATOM   925  O O   . GLU A 1 120 ? -4.506  -1.477  8.342   1.00 13.54 ? 121 GLU A O   1 
ATOM   926  C CB  . GLU A 1 120 ? -6.948  -1.065  6.210   1.00 13.04 ? 121 GLU A CB  1 
ATOM   927  C CG  . GLU A 1 120 ? -7.593  -1.908  5.110   1.00 16.35 ? 121 GLU A CG  1 
ATOM   928  C CD  . GLU A 1 120 ? -7.973  -1.068  3.893   1.00 19.88 ? 121 GLU A CD  1 
ATOM   929  O OE1 . GLU A 1 120 ? -8.648  -0.020  4.033   1.00 16.34 ? 121 GLU A OE1 1 
ATOM   930  O OE2 . GLU A 1 120 ? -7.557  -1.427  2.767   1.00 21.40 ? 121 GLU A OE2 1 
ATOM   931  N N   . VAL A 1 121 ? -6.151  -0.170  9.136   1.00 12.14 ? 122 VAL A N   1 
ATOM   932  C CA  . VAL A 1 121 ? -5.252  0.536   10.015  1.00 12.94 ? 122 VAL A CA  1 
ATOM   933  C C   . VAL A 1 121 ? -4.767  -0.373  11.161  1.00 11.93 ? 122 VAL A C   1 
ATOM   934  O O   . VAL A 1 121 ? -3.599  -0.304  11.532  1.00 12.62 ? 122 VAL A O   1 
ATOM   935  C CB  . VAL A 1 121 ? -5.850  1.866   10.497  1.00 12.46 ? 122 VAL A CB  1 
ATOM   936  C CG1 . VAL A 1 121 ? -4.870  2.563   11.463  1.00 12.68 ? 122 VAL A CG1 1 
ATOM   937  C CG2 . VAL A 1 121 ? -6.114  2.764   9.280   1.00 14.41 ? 122 VAL A CG2 1 
ATOM   938  N N   . ASP A 1 122 ? -5.655  -1.222  11.685  1.00 12.69 ? 123 ASP A N   1 
ATOM   939  C CA  . ASP A 1 122 ? -5.195  -2.209  12.687  1.00 13.91 ? 123 ASP A CA  1 
ATOM   940  C C   . ASP A 1 122 ? -4.074  -3.065  12.100  1.00 14.38 ? 123 ASP A C   1 
ATOM   941  O O   . ASP A 1 122 ? -3.038  -3.269  12.732  1.00 15.50 ? 123 ASP A O   1 
ATOM   942  C CB  . ASP A 1 122 ? -6.303  -3.170  13.143  1.00 13.73 ? 123 ASP A CB  1 
ATOM   943  C CG  . ASP A 1 122 ? -7.440  -2.497  13.890  1.00 17.32 ? 123 ASP A CG  1 
ATOM   944  O OD1 . ASP A 1 122 ? -7.257  -1.398  14.426  1.00 18.25 ? 123 ASP A OD1 1 
ATOM   945  O OD2 . ASP A 1 122 ? -8.576  -3.040  13.963  1.00 19.46 ? 123 ASP A OD2 1 
ATOM   946  N N   . GLU A 1 123 ? -4.281  -3.566  10.872  1.00 15.64 ? 124 GLU A N   1 
ATOM   947  C CA  . GLU A 1 123 ? -3.273  -4.417  10.259  1.00 16.02 ? 124 GLU A CA  1 
ATOM   948  C C   . GLU A 1 123 ? -1.963  -3.661  10.037  1.00 15.87 ? 124 GLU A C   1 
ATOM   949  O O   . GLU A 1 123 ? -0.876  -4.177  10.330  1.00 15.67 ? 124 GLU A O   1 
ATOM   950  C CB  . GLU A 1 123 ? -3.773  -5.061  8.947   1.00 18.27 ? 124 GLU A CB  1 
ATOM   951  C CG  . GLU A 1 123 ? -2.957  -6.310  8.533   1.00 20.64 ? 124 GLU A CG  1 
ATOM   952  C CD  . GLU A 1 123 ? -3.625  -7.105  7.415   1.00 21.82 ? 124 GLU A CD  1 
ATOM   953  O OE1 . GLU A 1 123 ? -4.746  -6.708  7.006   1.00 26.23 ? 124 GLU A OE1 1 
ATOM   954  O OE2 . GLU A 1 123 ? -3.068  -8.119  6.943   1.00 17.36 ? 124 GLU A OE2 1 
ATOM   955  N N   . LEU A 1 124 ? -2.064  -2.441  9.546   1.00 14.43 ? 125 LEU A N   1 
ATOM   956  C CA  . LEU A 1 124 ? -0.896  -1.614  9.333   1.00 15.69 ? 125 LEU A CA  1 
ATOM   957  C C   . LEU A 1 124 ? -0.065  -1.409  10.604  1.00 17.11 ? 125 LEU A C   1 
ATOM   958  O O   . LEU A 1 124 ? 1.170   -1.485  10.559  1.00 16.97 ? 125 LEU A O   1 
ATOM   959  C CB  . LEU A 1 124 ? -1.312  -0.212  8.871   1.00 15.68 ? 125 LEU A CB  1 
ATOM   960  C CG  . LEU A 1 124 ? -0.264  0.896   8.872   1.00 14.47 ? 125 LEU A CG  1 
ATOM   961  C CD1 . LEU A 1 124 ? 0.811   0.638   7.802   1.00 14.76 ? 125 LEU A CD1 1 
ATOM   962  C CD2 . LEU A 1 124 ? -0.964  2.215   8.590   1.00 15.08 ? 125 LEU A CD2 1 
ATOM   963  N N   . LEU A 1 125 ? -0.754  -1.123  11.709  1.00 17.51 ? 126 LEU A N   1 
ATOM   964  C CA  . LEU A 1 125 ? -0.059  -0.744  12.958  1.00 18.74 ? 126 LEU A CA  1 
ATOM   965  C C   . LEU A 1 125 ? 0.464   -1.893  13.787  1.00 19.79 ? 126 LEU A C   1 
ATOM   966  O O   . LEU A 1 125 ? 1.200   -1.677  14.769  1.00 18.33 ? 126 LEU A O   1 
ATOM   967  C CB  . LEU A 1 125 ? -0.963  0.124   13.821  1.00 19.66 ? 126 LEU A CB  1 
ATOM   968  C CG  . LEU A 1 125 ? -1.343  1.454   13.193  1.00 22.04 ? 126 LEU A CG  1 
ATOM   969  C CD1 . LEU A 1 125 ? -2.288  2.226   14.109  1.00 23.44 ? 126 LEU A CD1 1 
ATOM   970  C CD2 . LEU A 1 125 ? -0.068  2.301   12.863  1.00 21.40 ? 126 LEU A CD2 1 
ATOM   971  N N   . LYS A 1 126 ? 0.119   -3.111  13.388  1.00 20.90 ? 127 LYS A N   1 
ATOM   972  C CA  . LYS A 1 126 ? 0.524   -4.284  14.146  1.00 23.72 ? 127 LYS A CA  1 
ATOM   973  C C   . LYS A 1 126 ? 1.963   -4.305  14.619  1.00 24.30 ? 127 LYS A C   1 
ATOM   974  O O   . LYS A 1 126 ? 2.228   -4.667  15.765  1.00 25.04 ? 127 LYS A O   1 
ATOM   975  C CB  . LYS A 1 126 ? 0.241   -5.555  13.350  1.00 23.86 ? 127 LYS A CB  1 
ATOM   976  C CG  . LYS A 1 126 ? -1.016  -6.267  13.797  1.00 30.23 ? 127 LYS A CG  1 
ATOM   977  C CD  . LYS A 1 126 ? -0.780  -6.956  15.141  1.00 36.15 ? 127 LYS A CD  1 
ATOM   978  C CE  . LYS A 1 126 ? -1.975  -7.773  15.616  1.00 40.70 ? 127 LYS A CE  1 
ATOM   979  N NZ  . LYS A 1 126 ? -2.426  -8.781  14.606  1.00 43.64 ? 127 LYS A NZ  1 
ATOM   980  N N   . GLY A 1 127 ? 2.887   -3.920  13.743  1.00 24.39 ? 128 GLY A N   1 
ATOM   981  C CA  . GLY A 1 127 ? 4.294   -3.878  14.104  1.00 24.42 ? 128 GLY A CA  1 
ATOM   982  C C   . GLY A 1 127 ? 4.893   -2.485  14.270  1.00 24.18 ? 128 GLY A C   1 
ATOM   983  O O   . GLY A 1 127 ? 6.111   -2.349  14.383  1.00 25.87 ? 128 GLY A O   1 
ATOM   984  N N   . VAL A 1 128 ? 4.056   -1.457  14.303  1.00 24.25 ? 129 VAL A N   1 
ATOM   985  C CA  . VAL A 1 128 ? 4.534   -0.081  14.387  1.00 22.79 ? 129 VAL A CA  1 
ATOM   986  C C   . VAL A 1 128 ? 4.716   0.254   15.845  1.00 23.85 ? 129 VAL A C   1 
ATOM   987  O O   . VAL A 1 128 ? 3.811   0.037   16.667  1.00 23.75 ? 129 VAL A O   1 
ATOM   988  C CB  . VAL A 1 128 ? 3.527   0.891   13.728  1.00 22.13 ? 129 VAL A CB  1 
ATOM   989  C CG1 . VAL A 1 128 ? 3.998   2.353   13.903  1.00 20.77 ? 129 VAL A CG1 1 
ATOM   990  C CG2 . VAL A 1 128 ? 3.405   0.589   12.230  1.00 20.77 ? 129 VAL A CG2 1 
ATOM   991  N N   A GLU A 1 129 ? 5.887   0.803   16.158  0.50 24.54 ? 130 GLU A N   1 
ATOM   992  N N   B GLU A 1 129 ? 5.892   0.776   16.173  0.50 24.44 ? 130 GLU A N   1 
ATOM   993  C CA  A GLU A 1 129 ? 6.226   1.151   17.523  0.50 25.06 ? 130 GLU A CA  1 
ATOM   994  C CA  B GLU A 1 129 ? 6.196   1.090   17.549  0.50 24.82 ? 130 GLU A CA  1 
ATOM   995  C C   A GLU A 1 129 ? 5.498   2.400   17.954  0.50 24.38 ? 130 GLU A C   1 
ATOM   996  C C   B GLU A 1 129 ? 5.507   2.375   17.960  0.50 24.28 ? 130 GLU A C   1 
ATOM   997  O O   A GLU A 1 129 ? 5.476   3.416   17.241  0.50 23.08 ? 130 GLU A O   1 
ATOM   998  O O   B GLU A 1 129 ? 5.521   3.386   17.239  0.50 23.06 ? 130 GLU A O   1 
ATOM   999  C CB  A GLU A 1 129 ? 7.736   1.328   17.678  0.50 25.77 ? 130 GLU A CB  1 
ATOM   1000 C CB  B GLU A 1 129 ? 7.701   1.168   17.775  0.50 25.50 ? 130 GLU A CB  1 
ATOM   1001 C CG  A GLU A 1 129 ? 8.531   0.044   17.482  0.50 29.42 ? 130 GLU A CG  1 
ATOM   1002 C CG  B GLU A 1 129 ? 8.098   1.147   19.243  0.50 28.07 ? 130 GLU A CG  1 
ATOM   1003 C CD  A GLU A 1 129 ? 8.283   -0.974  18.576  0.50 32.22 ? 130 GLU A CD  1 
ATOM   1004 C CD  B GLU A 1 129 ? 9.594   1.008   19.430  0.50 30.38 ? 130 GLU A CD  1 
ATOM   1005 O OE1 A GLU A 1 129 ? 7.200   -1.592  18.606  0.50 34.46 ? 130 GLU A OE1 1 
ATOM   1006 O OE1 B GLU A 1 129 ? 10.345  1.876   18.937  0.50 32.59 ? 130 GLU A OE1 1 
ATOM   1007 O OE2 A GLU A 1 129 ? 9.187   -1.159  19.413  0.50 35.77 ? 130 GLU A OE2 1 
ATOM   1008 O OE2 B GLU A 1 129 ? 10.015  0.020   20.064  0.50 32.65 ? 130 GLU A OE2 1 
ATOM   1009 N N   . VAL A 1 130 ? 4.877   2.307   19.123  1.00 24.33 ? 131 VAL A N   1 
ATOM   1010 C CA  . VAL A 1 130 ? 4.171   3.439   19.712  1.00 24.68 ? 131 VAL A CA  1 
ATOM   1011 C C   . VAL A 1 130 ? 4.841   3.690   21.063  1.00 25.45 ? 131 VAL A C   1 
ATOM   1012 O O   . VAL A 1 130 ? 4.993   2.746   21.845  1.00 27.01 ? 131 VAL A O   1 
ATOM   1013 C CB  . VAL A 1 130 ? 2.659   3.137   19.888  1.00 24.53 ? 131 VAL A CB  1 
ATOM   1014 C CG1 . VAL A 1 130 ? 1.962   4.301   20.510  1.00 23.24 ? 131 VAL A CG1 1 
ATOM   1015 C CG2 . VAL A 1 130 ? 2.009   2.805   18.564  1.00 24.65 ? 131 VAL A CG2 1 
ATOM   1016 N N   . ASP A 1 131 ? 5.246   4.932   21.322  1.00 25.20 ? 132 ASP A N   1 
ATOM   1017 C CA  . ASP A 1 131 ? 5.974   5.232   22.553  1.00 25.64 ? 132 ASP A CA  1 
ATOM   1018 C C   . ASP A 1 131 ? 5.076   5.397   23.789  1.00 26.70 ? 132 ASP A C   1 
ATOM   1019 O O   . ASP A 1 131 ? 3.845   5.204   23.722  1.00 25.84 ? 132 ASP A O   1 
ATOM   1020 C CB  . ASP A 1 131 ? 6.956   6.404   22.352  1.00 25.49 ? 132 ASP A CB  1 
ATOM   1021 C CG  . ASP A 1 131 ? 6.265   7.737   22.198  1.00 24.92 ? 132 ASP A CG  1 
ATOM   1022 O OD1 . ASP A 1 131 ? 5.101   7.876   22.630  1.00 23.52 ? 132 ASP A OD1 1 
ATOM   1023 O OD2 . ASP A 1 131 ? 6.793   8.730   21.654  1.00 28.53 ? 132 ASP A OD2 1 
ATOM   1024 N N   . SER A 1 132 ? 5.685   5.758   24.918  1.00 27.74 ? 133 SER A N   1 
ATOM   1025 C CA  . SER A 1 132 ? 4.954   5.880   26.176  1.00 28.18 ? 133 SER A CA  1 
ATOM   1026 C C   . SER A 1 132 ? 3.954   7.036   26.187  1.00 27.61 ? 133 SER A C   1 
ATOM   1027 O O   . SER A 1 132 ? 3.158   7.183   27.125  1.00 27.73 ? 133 SER A O   1 
ATOM   1028 C CB  . SER A 1 132 ? 5.954   5.997   27.341  1.00 28.73 ? 133 SER A CB  1 
ATOM   1029 O OG  . SER A 1 132 ? 6.754   7.166   27.210  1.00 30.41 ? 133 SER A OG  1 
ATOM   1030 N N   . ASN A 1 133 ? 3.999   7.871   25.158  1.00 26.27 ? 134 ASN A N   1 
ATOM   1031 C CA  . ASN A 1 133 ? 3.061   8.964   25.045  1.00 26.49 ? 134 ASN A CA  1 
ATOM   1032 C C   . ASN A 1 133 ? 2.018   8.651   23.970  1.00 23.99 ? 134 ASN A C   1 
ATOM   1033 O O   . ASN A 1 133 ? 1.252   9.516   23.580  1.00 24.16 ? 134 ASN A O   1 
ATOM   1034 C CB  . ASN A 1 133 ? 3.780   10.282  24.723  1.00 27.61 ? 134 ASN A CB  1 
ATOM   1035 C CG  . ASN A 1 133 ? 4.873   10.612  25.743  1.00 32.03 ? 134 ASN A CG  1 
ATOM   1036 O OD1 . ASN A 1 133 ? 6.009   10.125  25.654  1.00 38.40 ? 134 ASN A OD1 1 
ATOM   1037 N ND2 . ASN A 1 133 ? 4.518   11.410  26.730  1.00 34.73 ? 134 ASN A ND2 1 
ATOM   1038 N N   . GLY A 1 134 ? 1.991   7.406   23.517  1.00 22.07 ? 135 GLY A N   1 
ATOM   1039 C CA  . GLY A 1 134 ? 1.076   7.047   22.452  1.00 21.14 ? 135 GLY A CA  1 
ATOM   1040 C C   . GLY A 1 134 ? 1.454   7.680   21.126  1.00 20.36 ? 135 GLY A C   1 
ATOM   1041 O O   . GLY A 1 134 ? 0.609   7.736   20.246  1.00 19.78 ? 135 GLY A O   1 
ATOM   1042 N N   . GLU A 1 135 ? 2.726   8.047   20.945  1.00 20.80 ? 136 GLU A N   1 
ATOM   1043 C CA  . GLU A 1 135 ? 3.189   8.665   19.697  1.00 20.22 ? 136 GLU A CA  1 
ATOM   1044 C C   . GLU A 1 135 ? 4.066   7.798   18.807  1.00 19.81 ? 136 GLU A C   1 
ATOM   1045 O O   . GLU A 1 135 ? 4.742   6.870   19.268  1.00 20.44 ? 136 GLU A O   1 
ATOM   1046 C CB  . GLU A 1 135 ? 3.902   9.979   19.981  1.00 21.32 ? 136 GLU A CB  1 
ATOM   1047 C CG  . GLU A 1 135 ? 2.952   10.987  20.612  1.00 24.03 ? 136 GLU A CG  1 
ATOM   1048 C CD  . GLU A 1 135 ? 3.531   12.382  20.657  1.00 30.77 ? 136 GLU A CD  1 
ATOM   1049 O OE1 . GLU A 1 135 ? 4.687   12.534  21.068  1.00 31.34 ? 136 GLU A OE1 1 
ATOM   1050 O OE2 . GLU A 1 135 ? 2.827   13.323  20.259  1.00 36.15 ? 136 GLU A OE2 1 
ATOM   1051 N N   . ILE A 1 136 ? 4.079   8.157   17.520  1.00 18.49 ? 137 ILE A N   1 
ATOM   1052 C CA  . ILE A 1 136 ? 4.826   7.413   16.509  1.00 18.37 ? 137 ILE A CA  1 
ATOM   1053 C C   . ILE A 1 136 ? 5.771   8.375   15.820  1.00 18.50 ? 137 ILE A C   1 
ATOM   1054 O O   . ILE A 1 136 ? 5.373   9.488   15.494  1.00 18.83 ? 137 ILE A O   1 
ATOM   1055 C CB  . ILE A 1 136 ? 3.815   6.855   15.463  1.00 18.34 ? 137 ILE A CB  1 
ATOM   1056 C CG1 . ILE A 1 136 ? 2.982   5.743   16.071  1.00 19.08 ? 137 ILE A CG1 1 
ATOM   1057 C CG2 . ILE A 1 136 ? 4.545   6.289   14.210  1.00 17.77 ? 137 ILE A CG2 1 
ATOM   1058 C CD1 . ILE A 1 136 ? 1.702   5.446   15.253  1.00 17.95 ? 137 ILE A CD1 1 
ATOM   1059 N N   . ASP A 1 137 ? 7.014   7.933   15.586  1.00 18.29 ? 138 ASP A N   1 
ATOM   1060 C CA  . ASP A 1 137 ? 7.995   8.715   14.825  1.00 18.69 ? 138 ASP A CA  1 
ATOM   1061 C C   . ASP A 1 137 ? 7.576   8.572   13.359  1.00 18.00 ? 138 ASP A C   1 
ATOM   1062 O O   . ASP A 1 137 ? 7.690   7.490   12.802  1.00 18.25 ? 138 ASP A O   1 
ATOM   1063 C CB  . ASP A 1 137 ? 9.407   8.131   15.030  1.00 19.00 ? 138 ASP A CB  1 
ATOM   1064 C CG  . ASP A 1 137 ? 10.466  8.943   14.329  1.00 24.20 ? 138 ASP A CG  1 
ATOM   1065 O OD1 . ASP A 1 137 ? 10.333  9.156   13.120  1.00 23.23 ? 138 ASP A OD1 1 
ATOM   1066 O OD2 . ASP A 1 137 ? 11.447  9.465   14.916  1.00 29.76 ? 138 ASP A OD2 1 
ATOM   1067 N N   . TYR A 1 138 ? 7.052   9.638   12.762  1.00 18.00 ? 139 TYR A N   1 
ATOM   1068 C CA  . TYR A 1 138 ? 6.446   9.459   11.436  1.00 17.40 ? 139 TYR A CA  1 
ATOM   1069 C C   . TYR A 1 138 ? 7.441   9.288   10.313  1.00 17.65 ? 139 TYR A C   1 
ATOM   1070 O O   . TYR A 1 138 ? 7.156   8.578   9.363   1.00 15.93 ? 139 TYR A O   1 
ATOM   1071 C CB  . TYR A 1 138 ? 5.428   10.514  11.095  1.00 17.48 ? 139 TYR A CB  1 
ATOM   1072 C CG  . TYR A 1 138 ? 5.801   11.963  11.269  1.00 14.79 ? 139 TYR A CG  1 
ATOM   1073 C CD1 . TYR A 1 138 ? 6.566   12.624  10.306  1.00 18.68 ? 139 TYR A CD1 1 
ATOM   1074 C CD2 . TYR A 1 138 ? 5.268   12.709  12.322  1.00 16.58 ? 139 TYR A CD2 1 
ATOM   1075 C CE1 . TYR A 1 138 ? 6.837   13.986  10.419  1.00 19.62 ? 139 TYR A CE1 1 
ATOM   1076 C CE2 . TYR A 1 138 ? 5.539   14.065  12.444  1.00 18.88 ? 139 TYR A CE2 1 
ATOM   1077 C CZ  . TYR A 1 138 ? 6.322   14.697  11.492  1.00 20.73 ? 139 TYR A CZ  1 
ATOM   1078 O OH  . TYR A 1 138 ? 6.585   16.035  11.636  1.00 21.90 ? 139 TYR A OH  1 
ATOM   1079 N N   . LYS A 1 139 ? 8.617   9.894   10.431  1.00 18.91 ? 140 LYS A N   1 
ATOM   1080 C CA  . LYS A 1 139 ? 9.631   9.620   9.403   1.00 20.29 ? 140 LYS A CA  1 
ATOM   1081 C C   . LYS A 1 139 ? 10.033  8.147   9.384   1.00 20.39 ? 140 LYS A C   1 
ATOM   1082 O O   . LYS A 1 139 ? 10.243  7.581   8.297   1.00 20.34 ? 140 LYS A O   1 
ATOM   1083 C CB  . LYS A 1 139 ? 10.875  10.483  9.603   1.00 20.50 ? 140 LYS A CB  1 
ATOM   1084 C CG  . LYS A 1 139 ? 10.700  11.902  9.104   1.00 24.00 ? 140 LYS A CG  1 
ATOM   1085 C CD  . LYS A 1 139 ? 12.023  12.654  9.203   1.00 28.40 ? 140 LYS A CD  1 
ATOM   1086 C CE  . LYS A 1 139 ? 11.913  14.014  8.607   1.00 33.19 ? 140 LYS A CE  1 
ATOM   1087 N NZ  . LYS A 1 139 ? 11.595  13.959  7.171   1.00 37.81 ? 140 LYS A NZ  1 
ATOM   1088 N N   . LYS A 1 140 ? 10.181  7.552   10.564  1.00 19.25 ? 141 LYS A N   1 
ATOM   1089 C CA  . LYS A 1 140 ? 10.510  6.137   10.646  1.00 19.52 ? 141 LYS A CA  1 
ATOM   1090 C C   . LYS A 1 140 ? 9.358   5.292   10.115  1.00 17.99 ? 141 LYS A C   1 
ATOM   1091 O O   . LYS A 1 140 ? 9.567   4.299   9.403   1.00 17.36 ? 141 LYS A O   1 
ATOM   1092 C CB  . LYS A 1 140 ? 10.879  5.746   12.080  1.00 20.21 ? 141 LYS A CB  1 
ATOM   1093 C CG  . LYS A 1 140 ? 11.178  4.277   12.219  1.00 26.04 ? 141 LYS A CG  1 
ATOM   1094 C CD  . LYS A 1 140 ? 11.531  3.897   13.671  1.00 32.47 ? 141 LYS A CD  1 
ATOM   1095 C CE  . LYS A 1 140 ? 12.195  2.509   13.720  1.00 37.36 ? 141 LYS A CE  1 
ATOM   1096 N NZ  . LYS A 1 140 ? 11.322  1.402   13.187  1.00 37.68 ? 141 LYS A NZ  1 
ATOM   1097 N N   . PHE A 1 141 ? 8.139   5.705   10.440  1.00 15.86 ? 142 PHE A N   1 
ATOM   1098 C CA  . PHE A 1 141 ? 6.961   5.024   9.957   1.00 16.02 ? 142 PHE A CA  1 
ATOM   1099 C C   . PHE A 1 141 ? 6.928   5.061   8.434   1.00 15.90 ? 142 PHE A C   1 
ATOM   1100 O O   . PHE A 1 141 ? 6.738   4.021   7.798   1.00 14.86 ? 142 PHE A O   1 
ATOM   1101 C CB  . PHE A 1 141 ? 5.708   5.670   10.563  1.00 15.98 ? 142 PHE A CB  1 
ATOM   1102 C CG  . PHE A 1 141 ? 4.431   5.265   9.884   1.00 17.10 ? 142 PHE A CG  1 
ATOM   1103 C CD1 . PHE A 1 141 ? 3.873   4.012   10.129  1.00 19.30 ? 142 PHE A CD1 1 
ATOM   1104 C CD2 . PHE A 1 141 ? 3.779   6.151   9.023   1.00 18.57 ? 142 PHE A CD2 1 
ATOM   1105 C CE1 . PHE A 1 141 ? 2.663   3.636   9.485   1.00 16.62 ? 142 PHE A CE1 1 
ATOM   1106 C CE2 . PHE A 1 141 ? 2.592   5.792   8.367   1.00 17.01 ? 142 PHE A CE2 1 
ATOM   1107 C CZ  . PHE A 1 141 ? 2.032   4.530   8.602   1.00 17.12 ? 142 PHE A CZ  1 
ATOM   1108 N N   . ILE A 1 142 ? 7.102   6.254   7.853   1.00 14.91 ? 143 ILE A N   1 
ATOM   1109 C CA  . ILE A 1 142 ? 7.091   6.391   6.395   1.00 15.78 ? 143 ILE A CA  1 
ATOM   1110 C C   . ILE A 1 142 ? 8.161   5.505   5.770   1.00 15.75 ? 143 ILE A C   1 
ATOM   1111 O O   . ILE A 1 142 ? 7.919   4.838   4.740   1.00 15.76 ? 143 ILE A O   1 
ATOM   1112 C CB  . ILE A 1 142 ? 7.282   7.835   5.984   1.00 16.43 ? 143 ILE A CB  1 
ATOM   1113 C CG1 . ILE A 1 142 ? 6.051   8.651   6.418   1.00 15.93 ? 143 ILE A CG1 1 
ATOM   1114 C CG2 . ILE A 1 142 ? 7.423   7.942   4.468   1.00 18.17 ? 143 ILE A CG2 1 
ATOM   1115 C CD1 . ILE A 1 142 ? 6.344   10.187  6.454   1.00 16.83 ? 143 ILE A CD1 1 
ATOM   1116 N N   . GLU A 1 143 ? 9.352   5.498   6.373   1.00 16.18 ? 144 GLU A N   1 
ATOM   1117 C CA  . GLU A 1 143 ? 10.450  4.658   5.836   1.00 17.51 ? 144 GLU A CA  1 
ATOM   1118 C C   . GLU A 1 143 ? 10.062  3.181   5.794   1.00 17.90 ? 144 GLU A C   1 
ATOM   1119 O O   . GLU A 1 143 ? 10.322  2.477   4.809   1.00 18.96 ? 144 GLU A O   1 
ATOM   1120 C CB  . GLU A 1 143 ? 11.733  4.835   6.635   1.00 18.26 ? 144 GLU A CB  1 
ATOM   1121 C CG  . GLU A 1 143 ? 12.264  6.246   6.499   1.00 22.23 ? 144 GLU A CG  1 
ATOM   1122 C CD  . GLU A 1 143 ? 12.843  6.524   5.131   1.00 31.09 ? 144 GLU A CD  1 
ATOM   1123 O OE1 . GLU A 1 143 ? 13.382  5.584   4.491   1.00 32.34 ? 144 GLU A OE1 1 
ATOM   1124 O OE2 . GLU A 1 143 ? 12.750  7.680   4.691   1.00 34.97 ? 144 GLU A OE2 1 
ATOM   1125 N N   . ASP A 1 144 ? 9.407   2.726   6.855   1.00 16.53 ? 145 ASP A N   1 
ATOM   1126 C CA  . ASP A 1 144 ? 8.974   1.334   6.894   1.00 16.42 ? 145 ASP A CA  1 
ATOM   1127 C C   . ASP A 1 144 ? 7.941   1.027   5.815   1.00 16.07 ? 145 ASP A C   1 
ATOM   1128 O O   . ASP A 1 144 ? 7.992   -0.016  5.141   1.00 16.80 ? 145 ASP A O   1 
ATOM   1129 C CB  . ASP A 1 144 ? 8.397   1.023   8.285   1.00 16.25 ? 145 ASP A CB  1 
ATOM   1130 C CG  . ASP A 1 144 ? 9.481   0.855   9.344   1.00 21.05 ? 145 ASP A CG  1 
ATOM   1131 O OD1 . ASP A 1 144 ? 9.117   0.760   10.549  1.00 26.15 ? 145 ASP A OD1 1 
ATOM   1132 O OD2 . ASP A 1 144 ? 10.708  0.857   9.106   1.00 23.68 ? 145 ASP A OD2 1 
ATOM   1133 N N   . VAL A 1 145 ? 6.985   1.928   5.639   1.00 16.01 ? 146 VAL A N   1 
ATOM   1134 C CA  . VAL A 1 145 ? 5.911   1.697   4.687   1.00 15.77 ? 146 VAL A CA  1 
ATOM   1135 C C   . VAL A 1 145 ? 6.469   1.676   3.266   1.00 17.22 ? 146 VAL A C   1 
ATOM   1136 O O   . VAL A 1 145 ? 5.966   0.933   2.435   1.00 17.64 ? 146 VAL A O   1 
ATOM   1137 C CB  . VAL A 1 145 ? 4.813   2.785   4.836   1.00 16.76 ? 146 VAL A CB  1 
ATOM   1138 C CG1 . VAL A 1 145 ? 3.825   2.820   3.637   1.00 17.13 ? 146 VAL A CG1 1 
ATOM   1139 C CG2 . VAL A 1 145 ? 4.058   2.564   6.172   1.00 15.77 ? 146 VAL A CG2 1 
ATOM   1140 N N   . LEU A 1 146 ? 7.464   2.528   3.005   1.00 16.81 ? 147 LEU A N   1 
ATOM   1141 C CA  . LEU A 1 146 ? 8.045   2.628   1.685   1.00 17.94 ? 147 LEU A CA  1 
ATOM   1142 C C   . LEU A 1 146 ? 9.174   1.645   1.372   1.00 18.80 ? 147 LEU A C   1 
ATOM   1143 O O   . LEU A 1 146 ? 9.590   1.533   0.195   1.00 18.37 ? 147 LEU A O   1 
ATOM   1144 C CB  . LEU A 1 146 ? 8.477   4.064   1.418   1.00 17.99 ? 147 LEU A CB  1 
ATOM   1145 C CG  . LEU A 1 146 ? 7.385   5.144   1.465   1.00 17.16 ? 147 LEU A CG  1 
ATOM   1146 C CD1 . LEU A 1 146 ? 8.093   6.462   1.127   1.00 17.67 ? 147 LEU A CD1 1 
ATOM   1147 C CD2 . LEU A 1 146 ? 6.217   4.847   0.510   1.00 19.02 ? 147 LEU A CD2 1 
ATOM   1148 N N   . ARG A 1 147 ? 9.636   0.894   2.373   1.00 19.87 ? 148 ARG A N   1 
ATOM   1149 C CA  . ARG A 1 147 ? 10.770  -0.038  2.139   1.00 22.01 ? 148 ARG A CA  1 
ATOM   1150 C C   . ARG A 1 147 ? 10.387  -1.157  1.173   1.00 22.84 ? 148 ARG A C   1 
ATOM   1151 O O   . ARG A 1 147 ? 9.345   -1.801  1.333   1.00 22.51 ? 148 ARG A O   1 
ATOM   1152 C CB  . ARG A 1 147 ? 11.250  -0.642  3.447   1.00 22.31 ? 148 ARG A CB  1 
ATOM   1153 C CG  . ARG A 1 147 ? 12.630  -1.314  3.367   1.00 26.52 ? 148 ARG A CG  1 
ATOM   1154 C CD  . ARG A 1 147 ? 13.191  -1.689  4.744   1.00 28.27 ? 148 ARG A CD  1 
ATOM   1155 N NE  . ARG A 1 147 ? 13.565  -0.482  5.503   1.00 31.60 ? 148 ARG A NE  1 
ATOM   1156 C CZ  . ARG A 1 147 ? 12.870  0.000   6.534   1.00 32.43 ? 148 ARG A CZ  1 
ATOM   1157 N NH1 . ARG A 1 147 ? 11.777  -0.629  6.958   1.00 31.71 ? 148 ARG A NH1 1 
ATOM   1158 N NH2 . ARG A 1 147 ? 13.277  1.104   7.149   1.00 33.01 ? 148 ARG A NH2 1 
ATOM   1159 N N   . GLN A 1 148 ? 11.240  -1.377  0.169   1.00 25.14 ? 149 GLN A N   1 
ATOM   1160 C CA  . GLN A 1 148 ? 10.967  -2.369  -0.869  1.00 28.13 ? 149 GLN A CA  1 
ATOM   1161 C C   . GLN A 1 148 ? 11.531  -3.738  -0.576  1.00 30.27 ? 149 GLN A C   1 
ATOM   1162 O O   . GLN A 1 148 ? 12.237  -4.316  -1.393  1.00 31.68 ? 149 GLN A O   1 
ATOM   1163 C CB  . GLN A 1 148 ? 11.440  -1.866  -2.233  1.00 27.17 ? 149 GLN A CB  1 
ATOM   1164 C CG  . GLN A 1 148 ? 10.601  -0.703  -2.701  1.00 25.64 ? 149 GLN A CG  1 
ATOM   1165 C CD  . GLN A 1 148 ? 10.892  -0.250  -4.100  1.00 27.62 ? 149 GLN A CD  1 
ATOM   1166 O OE1 . GLN A 1 148 ? 11.360  -1.022  -4.935  1.00 27.25 ? 149 GLN A OE1 1 
ATOM   1167 N NE2 . GLN A 1 148 ? 10.569  1.002   -4.376  1.00 24.99 ? 149 GLN A NE2 1 
ATOM   1168 O OXT . GLN A 1 148 ? 11.277  -4.288  0.479   1.00 34.09 ? 149 GLN A OXT 1 
ATOM   1169 N N   . GLN B 2 1   ? -1.123  20.105  -1.037  1.00 37.25 ? 806 GLN B N   1 
ATOM   1170 C CA  . GLN B 2 1   ? -2.300  19.843  -0.173  1.00 35.94 ? 806 GLN B CA  1 
ATOM   1171 C C   . GLN B 2 1   ? -2.190  18.484  0.488   1.00 35.08 ? 806 GLN B C   1 
ATOM   1172 O O   . GLN B 2 1   ? -1.454  17.578  0.023   1.00 35.27 ? 806 GLN B O   1 
ATOM   1173 C CB  . GLN B 2 1   ? -3.609  19.937  -0.956  1.00 36.12 ? 806 GLN B CB  1 
ATOM   1174 C CG  . GLN B 2 1   ? -4.001  21.330  -1.411  1.00 38.93 ? 806 GLN B CG  1 
ATOM   1175 C CD  . GLN B 2 1   ? -5.408  21.367  -2.015  1.00 42.79 ? 806 GLN B CD  1 
ATOM   1176 O OE1 . GLN B 2 1   ? -5.785  20.497  -2.824  1.00 42.03 ? 806 GLN B OE1 1 
ATOM   1177 N NE2 . GLN B 2 1   ? -6.191  22.380  -1.610  1.00 44.73 ? 806 GLN B NE2 1 
ATOM   1178 N N   . ILE B 2 2   ? -2.968  18.308  1.547   1.00 32.00 ? 807 ILE B N   1 
ATOM   1179 C CA  . ILE B 2 2   ? -2.814  17.090  2.310   1.00 30.21 ? 807 ILE B CA  1 
ATOM   1180 C C   . ILE B 2 2   ? -3.610  15.962  1.716   1.00 28.40 ? 807 ILE B C   1 
ATOM   1181 O O   . ILE B 2 2   ? -3.168  14.809  1.785   1.00 28.08 ? 807 ILE B O   1 
ATOM   1182 C CB  . ILE B 2 2   ? -3.112  17.303  3.808   1.00 30.61 ? 807 ILE B CB  1 
ATOM   1183 C CG1 . ILE B 2 2   ? -4.595  17.608  4.023   1.00 32.16 ? 807 ILE B CG1 1 
ATOM   1184 C CG2 . ILE B 2 2   ? -2.181  18.403  4.333   1.00 32.24 ? 807 ILE B CG2 1 
ATOM   1185 C CD1 . ILE B 2 2   ? -5.122  17.430  5.434   1.00 36.20 ? 807 ILE B CD1 1 
ATOM   1186 N N   . SER B 2 3   ? -4.754  16.278  1.104   1.00 26.05 ? 808 SER B N   1 
ATOM   1187 C CA  . SER B 2 3   ? -5.607  15.192  0.589   1.00 24.09 ? 808 SER B CA  1 
ATOM   1188 C C   . SER B 2 3   ? -4.834  14.317  -0.406  1.00 21.96 ? 808 SER B C   1 
ATOM   1189 O O   . SER B 2 3   ? -4.833  13.084  -0.300  1.00 21.64 ? 808 SER B O   1 
ATOM   1190 C CB  . SER B 2 3   ? -6.885  15.712  -0.037  1.00 24.26 ? 808 SER B CB  1 
ATOM   1191 O OG  . SER B 2 3   ? -7.788  14.626  -0.196  1.00 27.14 ? 808 SER B OG  1 
ATOM   1192 N N   . GLN B 2 4   ? -4.200  14.958  -1.375  1.00 20.01 ? 809 GLN B N   1 
ATOM   1193 C CA  . GLN B 2 4   ? -3.364  14.262  -2.367  1.00 20.15 ? 809 GLN B CA  1 
ATOM   1194 C C   . GLN B 2 4   ? -2.224  13.449  -1.730  1.00 19.03 ? 809 GLN B C   1 
ATOM   1195 O O   . GLN B 2 4   ? -2.002  12.293  -2.138  1.00 17.98 ? 809 GLN B O   1 
ATOM   1196 C CB  . GLN B 2 4   ? -2.778  15.252  -3.386  1.00 21.97 ? 809 GLN B CB  1 
ATOM   1197 C CG  . GLN B 2 4   ? -3.833  16.056  -4.169  1.00 25.13 ? 809 GLN B CG  1 
ATOM   1198 C CD  . GLN B 2 4   ? -4.285  17.374  -3.471  1.00 28.39 ? 809 GLN B CD  1 
ATOM   1199 O OE1 . GLN B 2 4   ? -4.077  17.562  -2.274  1.00 28.58 ? 809 GLN B OE1 1 
ATOM   1200 N NE2 . GLN B 2 4   ? -4.927  18.256  -4.229  1.00 29.29 ? 809 GLN B NE2 1 
ATOM   1201 N N   . ALA B 2 5   ? -1.502  14.053  -0.777  1.00 17.35 ? 810 ALA B N   1 
ATOM   1202 C CA  . ALA B 2 5   ? -0.360  13.421  -0.110  1.00 17.12 ? 810 ALA B CA  1 
ATOM   1203 C C   . ALA B 2 5   ? -0.862  12.205  0.651   1.00 16.57 ? 810 ALA B C   1 
ATOM   1204 O O   . ALA B 2 5   ? -0.279  11.126  0.599   1.00 16.65 ? 810 ALA B O   1 
ATOM   1205 C CB  . ALA B 2 5   ? 0.317   14.412  0.857   1.00 18.01 ? 810 ALA B CB  1 
ATOM   1206 N N   . ILE B 2 6   ? -1.977  12.381  1.329   1.00 14.97 ? 811 ILE B N   1 
ATOM   1207 C CA  . ILE B 2 6   ? -2.536  11.264  2.112   1.00 14.70 ? 811 ILE B CA  1 
ATOM   1208 C C   . ILE B 2 6   ? -2.973  10.125  1.179   1.00 14.73 ? 811 ILE B C   1 
ATOM   1209 O O   . ILE B 2 6   ? -2.718  8.953   1.480   1.00 13.37 ? 811 ILE B O   1 
ATOM   1210 C CB  . ILE B 2 6   ? -3.727  11.763  2.975   1.00 15.13 ? 811 ILE B CB  1 
ATOM   1211 C CG1 . ILE B 2 6   ? -3.187  12.704  4.062   1.00 19.17 ? 811 ILE B CG1 1 
ATOM   1212 C CG2 . ILE B 2 6   ? -4.479  10.592  3.586   1.00 15.84 ? 811 ILE B CG2 1 
ATOM   1213 C CD1 . ILE B 2 6   ? -4.269  13.335  4.908   1.00 23.02 ? 811 ILE B CD1 1 
ATOM   1214 N N   . LYS B 2 7   ? -3.621  10.462  0.062   1.00 13.04 ? 812 LYS B N   1 
ATOM   1215 C CA  . LYS B 2 7   ? -4.036  9.428   -0.885  1.00 12.61 ? 812 LYS B CA  1 
ATOM   1216 C C   . LYS B 2 7   ? -2.847  8.616   -1.401  1.00 13.43 ? 812 LYS B C   1 
ATOM   1217 O O   . LYS B 2 7   ? -2.910  7.379   -1.463  1.00 12.75 ? 812 LYS B O   1 
ATOM   1218 C CB  . LYS B 2 7   ? -4.874  9.980   -2.064  1.00 14.55 ? 812 LYS B CB  1 
ATOM   1219 C CG  . LYS B 2 7   ? -6.205  10.543  -1.629  1.00 13.37 ? 812 LYS B CG  1 
ATOM   1220 C CD  . LYS B 2 7   ? -6.887  11.168  -2.867  1.00 17.73 ? 812 LYS B CD  1 
ATOM   1221 C CE  . LYS B 2 7   ? -8.235  11.746  -2.519  1.00 22.34 ? 812 LYS B CE  1 
ATOM   1222 N NZ  . LYS B 2 7   ? -8.880  12.316  -3.739  1.00 24.22 ? 812 LYS B NZ  1 
ATOM   1223 N N   . TYR B 2 8   ? -1.780  9.296   -1.768  1.00 14.33 ? 813 TYR B N   1 
ATOM   1224 C CA  . TYR B 2 8   ? -0.572  8.656   -2.245  1.00 15.10 ? 813 TYR B CA  1 
ATOM   1225 C C   . TYR B 2 8   ? -0.007  7.749   -1.134  1.00 13.41 ? 813 TYR B C   1 
ATOM   1226 O O   . TYR B 2 8   ? 0.385   6.596   -1.394  1.00 13.02 ? 813 TYR B O   1 
ATOM   1227 C CB  . TYR B 2 8   ? 0.419   9.781   -2.592  1.00 15.38 ? 813 TYR B CB  1 
ATOM   1228 C CG  . TYR B 2 8   ? 1.596   9.445   -3.448  1.00 20.22 ? 813 TYR B CG  1 
ATOM   1229 C CD1 . TYR B 2 8   ? 1.527   8.459   -4.439  1.00 24.14 ? 813 TYR B CD1 1 
ATOM   1230 C CD2 . TYR B 2 8   ? 2.812   10.157  -3.295  1.00 23.65 ? 813 TYR B CD2 1 
ATOM   1231 C CE1 . TYR B 2 8   ? 2.652   8.192   -5.268  1.00 26.25 ? 813 TYR B CE1 1 
ATOM   1232 C CE2 . TYR B 2 8   ? 3.917   9.897   -4.114  1.00 22.34 ? 813 TYR B CE2 1 
ATOM   1233 C CZ  . TYR B 2 8   ? 3.819   8.898   -5.079  1.00 26.04 ? 813 TYR B CZ  1 
ATOM   1234 O OH  . TYR B 2 8   ? 4.902   8.646   -5.853  1.00 26.54 ? 813 TYR B OH  1 
ATOM   1235 N N   . LEU B 2 9   ? 0.014   8.242   0.095   1.00 12.51 ? 814 LEU B N   1 
ATOM   1236 C CA  . LEU B 2 9   ? 0.507   7.433   1.218   1.00 12.43 ? 814 LEU B CA  1 
ATOM   1237 C C   . LEU B 2 9   ? -0.373  6.198   1.399   1.00 12.78 ? 814 LEU B C   1 
ATOM   1238 O O   . LEU B 2 9   ? 0.117   5.097   1.620   1.00 11.78 ? 814 LEU B O   1 
ATOM   1239 C CB  . LEU B 2 9   ? 0.494   8.271   2.499   1.00 12.93 ? 814 LEU B CB  1 
ATOM   1240 C CG  . LEU B 2 9   ? 0.864   7.588   3.819   1.00 13.07 ? 814 LEU B CG  1 
ATOM   1241 C CD1 . LEU B 2 9   ? 2.296   7.045   3.739   1.00 14.65 ? 814 LEU B CD1 1 
ATOM   1242 C CD2 . LEU B 2 9   ? 0.767   8.581   4.923   1.00 16.03 ? 814 LEU B CD2 1 
ATOM   1243 N N   . GLN B 2 10  ? -1.699  6.382   1.297   1.00 11.51 ? 815 GLN B N   1 
ATOM   1244 C CA  . GLN B 2 10  ? -2.672  5.273   1.445   1.00 10.95 ? 815 GLN B CA  1 
ATOM   1245 C C   . GLN B 2 10  ? -2.435  4.185   0.406   1.00 12.37 ? 815 GLN B C   1 
ATOM   1246 O O   . GLN B 2 10  ? -2.526  2.995   0.730   1.00 12.04 ? 815 GLN B O   1 
ATOM   1247 C CB  . GLN B 2 10  ? -4.141  5.753   1.459   1.00 10.85 ? 815 GLN B CB  1 
ATOM   1248 C CG  . GLN B 2 10  ? -4.420  6.607   2.683   1.00 11.32 ? 815 GLN B CG  1 
ATOM   1249 C CD  . GLN B 2 10  ? -5.669  7.450   2.537   1.00 13.67 ? 815 GLN B CD  1 
ATOM   1250 O OE1 . GLN B 2 10  ? -5.905  8.055   1.483   1.00 14.44 ? 815 GLN B OE1 1 
ATOM   1251 N NE2 . GLN B 2 10  ? -6.465  7.507   3.601   1.00 15.30 ? 815 GLN B NE2 1 
ATOM   1252 N N   . ASN B 2 11  ? -2.119  4.577   -0.831  1.00 11.72 ? 816 ASN B N   1 
ATOM   1253 C CA  . ASN B 2 11  ? -1.826  3.553   -1.828  1.00 13.51 ? 816 ASN B CA  1 
ATOM   1254 C C   . ASN B 2 11  ? -0.634  2.692   -1.406  1.00 12.87 ? 816 ASN B C   1 
ATOM   1255 O O   . ASN B 2 11  ? -0.647  1.476   -1.602  1.00 12.25 ? 816 ASN B O   1 
ATOM   1256 C CB  . ASN B 2 11  ? -1.446  4.140   -3.173  1.00 13.82 ? 816 ASN B CB  1 
ATOM   1257 C CG  . ASN B 2 11  ? -2.509  4.996   -3.755  1.00 16.46 ? 816 ASN B CG  1 
ATOM   1258 O OD1 . ASN B 2 11  ? -3.714  4.816   -3.520  1.00 18.24 ? 816 ASN B OD1 1 
ATOM   1259 N ND2 . ASN B 2 11  ? -2.053  5.967   -4.579  1.00 20.24 ? 816 ASN B ND2 1 
ATOM   1260 N N   . ASN B 2 12  ? 0.399   3.372   -0.872  1.00 11.91 ? 817 ASN B N   1 
ATOM   1261 C CA  . ASN B 2 12  ? 1.615   2.694   -0.397  1.00 11.89 ? 817 ASN B CA  1 
ATOM   1262 C C   . ASN B 2 12  ? 1.312   1.850   0.835   1.00 11.99 ? 817 ASN B C   1 
ATOM   1263 O O   . ASN B 2 12  ? 1.870   0.767   0.999   1.00 13.59 ? 817 ASN B O   1 
ATOM   1264 C CB  . ASN B 2 12  ? 2.719   3.693   -0.145  1.00 11.61 ? 817 ASN B CB  1 
ATOM   1265 C CG  . ASN B 2 12  ? 3.374   4.129   -1.425  1.00 15.47 ? 817 ASN B CG  1 
ATOM   1266 O OD1 . ASN B 2 12  ? 4.259   3.461   -1.923  1.00 15.35 ? 817 ASN B OD1 1 
ATOM   1267 N ND2 . ASN B 2 12  ? 2.892   5.251   -1.996  1.00 13.03 ? 817 ASN B ND2 1 
ATOM   1268 N N   . ILE B 2 13  ? 0.377   2.320   1.672   1.00 12.24 ? 818 ILE B N   1 
ATOM   1269 C CA  . ILE B 2 13  ? -0.006  1.561   2.897   1.00 10.53 ? 818 ILE B CA  1 
ATOM   1270 C C   . ILE B 2 13  ? -0.724  0.286   2.493   1.00 10.76 ? 818 ILE B C   1 
ATOM   1271 O O   . ILE B 2 13  ? -0.502  -0.781  3.091   1.00 11.79 ? 818 ILE B O   1 
ATOM   1272 C CB  . ILE B 2 13  ? -0.861  2.423   3.829   1.00 10.54 ? 818 ILE B CB  1 
ATOM   1273 C CG1 . ILE B 2 13  ? 0.049   3.438   4.506   1.00 12.53 ? 818 ILE B CG1 1 
ATOM   1274 C CG2 . ILE B 2 13  ? -1.625  1.513   4.870   1.00 12.70 ? 818 ILE B CG2 1 
ATOM   1275 C CD1 . ILE B 2 13  ? -0.661  4.506   5.313   1.00 12.93 ? 818 ILE B CD1 1 
ATOM   1276 N N   . LYS B 2 14  ? -1.576  0.376   1.470   1.00 10.69 ? 819 LYS B N   1 
ATOM   1277 C CA  . LYS B 2 14  ? -2.284  -0.824  1.005   1.00 9.80  ? 819 LYS B CA  1 
ATOM   1278 C C   . LYS B 2 14  ? -1.260  -1.868  0.518   1.00 11.87 ? 819 LYS B C   1 
ATOM   1279 O O   . LYS B 2 14  ? -1.406  -3.085  0.788   1.00 11.57 ? 819 LYS B O   1 
ATOM   1280 C CB  . LYS B 2 14  ? -3.237  -0.461  -0.113  1.00 12.94 ? 819 LYS B CB  1 
ATOM   1281 C CG  . LYS B 2 14  ? -4.469  0.228   0.375   1.00 15.23 ? 819 LYS B CG  1 
ATOM   1282 C CD  . LYS B 2 14  ? -5.474  0.296   -0.779  1.00 22.46 ? 819 LYS B CD  1 
ATOM   1283 C CE  . LYS B 2 14  ? -6.640  1.108   -0.426  1.00 28.48 ? 819 LYS B CE  1 
ATOM   1284 N NZ  . LYS B 2 14  ? -7.492  1.215   -1.631  1.00 33.51 ? 819 LYS B NZ  1 
ATOM   1285 N N   . GLY B 2 15  ? -0.244  -1.374  -0.206  1.00 10.46 ? 820 GLY B N   1 
ATOM   1286 C CA  . GLY B 2 15  ? 0.849   -2.215  -0.706  1.00 11.38 ? 820 GLY B CA  1 
ATOM   1287 C C   . GLY B 2 15  ? 1.540   -2.900  0.470   1.00 10.33 ? 820 GLY B C   1 
ATOM   1288 O O   . GLY B 2 15  ? 1.726   -4.139  0.485   1.00 12.06 ? 820 GLY B O   1 
ATOM   1289 N N   . PHE B 2 16  ? 1.923   -2.100  1.447   1.00 11.40 ? 821 PHE B N   1 
ATOM   1290 C CA  . PHE B 2 16  ? 2.628   -2.550  2.641   1.00 11.16 ? 821 PHE B CA  1 
ATOM   1291 C C   . PHE B 2 16  ? 1.816   -3.605  3.407   1.00 13.32 ? 821 PHE B C   1 
ATOM   1292 O O   . PHE B 2 16  ? 2.353   -4.643  3.822   1.00 12.87 ? 821 PHE B O   1 
ATOM   1293 C CB  . PHE B 2 16  ? 2.987   -1.348  3.517   1.00 11.71 ? 821 PHE B CB  1 
ATOM   1294 C CG  . PHE B 2 16  ? 3.549   -1.709  4.870   1.00 11.68 ? 821 PHE B CG  1 
ATOM   1295 C CD1 . PHE B 2 16  ? 4.906   -1.861  5.036   1.00 15.71 ? 821 PHE B CD1 1 
ATOM   1296 C CD2 . PHE B 2 16  ? 2.704   -1.884  5.966   1.00 15.94 ? 821 PHE B CD2 1 
ATOM   1297 C CE1 . PHE B 2 16  ? 5.442   -2.184  6.268   1.00 15.27 ? 821 PHE B CE1 1 
ATOM   1298 C CE2 . PHE B 2 16  ? 3.244   -2.204  7.243   1.00 16.62 ? 821 PHE B CE2 1 
ATOM   1299 C CZ  . PHE B 2 16  ? 4.603   -2.325  7.378   1.00 16.13 ? 821 PHE B CZ  1 
ATOM   1300 N N   . ILE B 2 17  ? 0.519   -3.357  3.561   1.00 11.34 ? 822 ILE B N   1 
ATOM   1301 C CA  . ILE B 2 17  ? -0.322  -4.299  4.297   1.00 11.68 ? 822 ILE B CA  1 
ATOM   1302 C C   . ILE B 2 17  ? -0.297  -5.647  3.611   1.00 12.24 ? 822 ILE B C   1 
ATOM   1303 O O   . ILE B 2 17  ? -0.124  -6.694  4.257   1.00 13.64 ? 822 ILE B O   1 
ATOM   1304 C CB  . ILE B 2 17  ? -1.743  -3.798  4.393   1.00 10.76 ? 822 ILE B CB  1 
ATOM   1305 C CG1 . ILE B 2 17  ? -1.788  -2.610  5.359   1.00 11.81 ? 822 ILE B CG1 1 
ATOM   1306 C CG2 . ILE B 2 17  ? -2.694  -4.933  4.834   1.00 13.04 ? 822 ILE B CG2 1 
ATOM   1307 C CD1 . ILE B 2 17  ? -3.159  -1.958  5.299   1.00 11.88 ? 822 ILE B CD1 1 
ATOM   1308 N N   . ILE B 2 18  ? -0.463  -5.645  2.296   1.00 12.29 ? 823 ILE B N   1 
ATOM   1309 C CA  . ILE B 2 18  ? -0.475  -6.932  1.573   1.00 12.52 ? 823 ILE B CA  1 
ATOM   1310 C C   . ILE B 2 18  ? 0.883   -7.634  1.621   1.00 12.80 ? 823 ILE B C   1 
ATOM   1311 O O   . ILE B 2 18  ? 0.968   -8.850  1.795   1.00 13.23 ? 823 ILE B O   1 
ATOM   1312 C CB  . ILE B 2 18  ? -0.946  -6.755  0.124   1.00 12.26 ? 823 ILE B CB  1 
ATOM   1313 C CG1 . ILE B 2 18  ? -2.413  -6.302  0.101   1.00 13.13 ? 823 ILE B CG1 1 
ATOM   1314 C CG2 . ILE B 2 18  ? -0.728  -8.091  -0.657  1.00 12.44 ? 823 ILE B CG2 1 
ATOM   1315 C CD1 . ILE B 2 18  ? -3.408  -7.252  0.839   1.00 13.69 ? 823 ILE B CD1 1 
ATOM   1316 N N   . ARG B 2 19  ? 1.959   -6.859  1.492   1.00 12.06 ? 824 ARG B N   1 
ATOM   1317 C CA  . ARG B 2 19  ? 3.280   -7.460  1.506   1.00 12.29 ? 824 ARG B CA  1 
ATOM   1318 C C   . ARG B 2 19  ? 3.578   -8.069  2.891   1.00 13.49 ? 824 ARG B C   1 
ATOM   1319 O O   . ARG B 2 19  ? 4.155   -9.156  2.972   1.00 14.85 ? 824 ARG B O   1 
ATOM   1320 C CB  . ARG B 2 19  ? 4.351   -6.480  1.035   1.00 12.12 ? 824 ARG B CB  1 
ATOM   1321 C CG  . ARG B 2 19  ? 4.243   -6.249  -0.462  1.00 13.14 ? 824 ARG B CG  1 
ATOM   1322 C CD  . ARG B 2 19  ? 5.272   -5.359  -1.091  1.00 12.22 ? 824 ARG B CD  1 
ATOM   1323 N NE  . ARG B 2 19  ? 5.206   -3.979  -0.617  1.00 13.57 ? 824 ARG B NE  1 
ATOM   1324 C CZ  . ARG B 2 19  ? 4.536   -3.016  -1.266  1.00 12.89 ? 824 ARG B CZ  1 
ATOM   1325 N NH1 . ARG B 2 19  ? 3.824   -3.271  -2.360  1.00 12.14 ? 824 ARG B NH1 1 
ATOM   1326 N NH2 . ARG B 2 19  ? 4.560   -1.801  -0.790  1.00 13.26 ? 824 ARG B NH2 1 
ATOM   1327 N N   . GLN B 2 20  ? 3.138   -7.400  3.963   1.00 14.09 ? 825 GLN B N   1 
ATOM   1328 C CA  . GLN B 2 20  ? 3.341   -7.936  5.314   1.00 15.58 ? 825 GLN B CA  1 
ATOM   1329 C C   . GLN B 2 20  ? 2.524   -9.222  5.471   1.00 15.10 ? 825 GLN B C   1 
ATOM   1330 O O   . GLN B 2 20  ? 2.985   -10.217 6.085   1.00 15.21 ? 825 GLN B O   1 
ATOM   1331 C CB  . GLN B 2 20  ? 2.915   -6.902  6.361   1.00 17.49 ? 825 GLN B CB  1 
ATOM   1332 C CG  . GLN B 2 20  ? 3.847   -5.696  6.445   1.00 22.03 ? 825 GLN B CG  1 
ATOM   1333 C CD  . GLN B 2 20  ? 5.217   -6.023  7.072   1.00 30.16 ? 825 GLN B CD  1 
ATOM   1334 O OE1 . GLN B 2 20  ? 6.272   -5.820  6.445   1.00 32.29 ? 825 GLN B OE1 1 
ATOM   1335 N NE2 . GLN B 2 20  ? 5.194   -6.565  8.296   1.00 32.85 ? 825 GLN B NE2 1 
ATOM   1336 N N   . ARG B 2 21  ? 1.329   -9.221  4.892   1.00 13.52 ? 826 ARG B N   1 
ATOM   1337 C CA  . ARG B 2 21  ? 0.433   -10.361 4.986   1.00 14.11 ? 826 ARG B CA  1 
ATOM   1338 C C   . ARG B 2 21  ? 1.024   -11.595 4.285   1.00 15.40 ? 826 ARG B C   1 
ATOM   1339 O O   . ARG B 2 21  ? 0.965   -12.696 4.804   1.00 14.22 ? 826 ARG B O   1 
ATOM   1340 C CB  . ARG B 2 21  ? -0.928  -10.005 4.365   1.00 13.27 ? 826 ARG B CB  1 
ATOM   1341 C CG  . ARG B 2 21  ? -2.019  -11.004 4.644   1.00 13.77 ? 826 ARG B CG  1 
ATOM   1342 C CD  . ARG B 2 21  ? -3.358  -10.673 3.955   1.00 16.62 ? 826 ARG B CD  1 
ATOM   1343 N NE  . ARG B 2 21  ? -3.939  -9.467  4.514   1.00 15.89 ? 826 ARG B NE  1 
ATOM   1344 C CZ  . ARG B 2 21  ? -4.958  -8.821  3.978   1.00 16.49 ? 826 ARG B CZ  1 
ATOM   1345 N NH1 . ARG B 2 21  ? -5.533  -9.275  2.855   1.00 19.09 ? 826 ARG B NH1 1 
ATOM   1346 N NH2 . ARG B 2 21  ? -5.423  -7.754  4.595   1.00 17.33 ? 826 ARG B NH2 1 
ATOM   1347 N N   . VAL B 2 22  ? 1.578   -11.384 3.095   1.00 15.84 ? 827 VAL B N   1 
ATOM   1348 C CA  . VAL B 2 22  ? 2.155   -12.469 2.326   1.00 17.80 ? 827 VAL B CA  1 
ATOM   1349 C C   . VAL B 2 22  ? 3.338   -13.046 3.114   1.00 17.75 ? 827 VAL B C   1 
ATOM   1350 O O   . VAL B 2 22  ? 3.496   -14.264 3.186   1.00 18.19 ? 827 VAL B O   1 
ATOM   1351 C CB  . VAL B 2 22  ? 2.617   -11.970 0.962   1.00 18.87 ? 827 VAL B CB  1 
ATOM   1352 C CG1 . VAL B 2 22  ? 3.545   -12.953 0.347   1.00 22.18 ? 827 VAL B CG1 1 
ATOM   1353 C CG2 . VAL B 2 22  ? 1.427   -11.732 0.110   1.00 21.56 ? 827 VAL B CG2 1 
ATOM   1354 N N   . ASN B 2 23  ? 4.151   -12.170 3.709   1.00 17.67 ? 828 ASN B N   1 
ATOM   1355 C CA  . ASN B 2 23  ? 5.260   -12.596 4.561   1.00 18.78 ? 828 ASN B CA  1 
ATOM   1356 C C   . ASN B 2 23  ? 4.711   -13.456 5.702   1.00 18.36 ? 828 ASN B C   1 
ATOM   1357 O O   . ASN B 2 23  ? 5.228   -14.556 5.969   1.00 20.58 ? 828 ASN B O   1 
ATOM   1358 C CB  . ASN B 2 23  ? 6.044   -11.387 5.129   1.00 19.41 ? 828 ASN B CB  1 
ATOM   1359 C CG  . ASN B 2 23  ? 7.298   -11.813 5.896   1.00 25.39 ? 828 ASN B CG  1 
ATOM   1360 O OD1 . ASN B 2 23  ? 7.647   -11.232 6.945   1.00 32.19 ? 828 ASN B OD1 1 
ATOM   1361 N ND2 . ASN B 2 23  ? 7.991   -12.832 5.372   1.00 29.99 ? 828 ASN B ND2 1 
ATOM   1362 N N   . ASP B 2 24  ? 3.651   -13.009 6.357   1.00 15.86 ? 829 ASP B N   1 
ATOM   1363 C CA  . ASP B 2 24  ? 3.095   -13.761 7.502   1.00 16.88 ? 829 ASP B CA  1 
ATOM   1364 C C   . ASP B 2 24  ? 2.474   -15.098 7.073   1.00 16.56 ? 829 ASP B C   1 
ATOM   1365 O O   . ASP B 2 24  ? 2.451   -16.066 7.845   1.00 16.99 ? 829 ASP B O   1 
ATOM   1366 C CB  . ASP B 2 24  ? 2.065   -12.929 8.273   1.00 16.04 ? 829 ASP B CB  1 
ATOM   1367 C CG  . ASP B 2 24  ? 2.697   -11.813 9.100   1.00 19.75 ? 829 ASP B CG  1 
ATOM   1368 O OD1 . ASP B 2 24  ? 3.874   -11.958 9.513   1.00 23.86 ? 829 ASP B OD1 1 
ATOM   1369 O OD2 . ASP B 2 24  ? 2.057   -10.789 9.392   1.00 20.01 ? 829 ASP B OD2 1 
ATOM   1370 N N   . GLU B 2 25  ? 1.990   -15.159 5.835   1.00 17.49 ? 830 GLU B N   1 
ATOM   1371 C CA  . GLU B 2 25  ? 1.364   -16.368 5.293   1.00 18.99 ? 830 GLU B CA  1 
ATOM   1372 C C   . GLU B 2 25  ? 2.397   -17.406 4.886   1.00 20.49 ? 830 GLU B C   1 
ATOM   1373 O O   . GLU B 2 25  ? 1.943   -18.530 4.696   1.00 21.20 ? 830 GLU B O   1 
ATOM   1374 C CB  . GLU B 2 25  ? 0.542   -16.004 4.070   1.00 19.95 ? 830 GLU B CB  1 
ATOM   1375 C CG  . GLU B 2 25  ? -0.761  -15.349 4.436   1.00 21.06 ? 830 GLU B CG  1 
ATOM   1376 C CD  . GLU B 2 25  ? -1.650  -15.145 3.235   1.00 26.15 ? 830 GLU B CD  1 
ATOM   1377 O OE1 . GLU B 2 25  ? -1.803  -16.079 2.427   1.00 30.71 ? 830 GLU B OE1 1 
ATOM   1378 O OE2 . GLU B 2 25  ? -2.218  -14.065 3.118   1.00 28.08 ? 830 GLU B OE2 1 
ATOM   1379 O OXT . GLU B 2 25  ? 3.595   -17.100 4.762   1.00 20.56 ? 830 GLU B OXT 1 
HETATM 1380 O O   . HOH C 3 .   ? -1.743  -0.159  -3.717  1.00 14.25 ? 150 HOH A O   1 
HETATM 1381 O O   . HOH C 3 .   ? -7.234  -7.151  -5.192  1.00 16.87 ? 151 HOH A O   1 
HETATM 1382 O O   . HOH C 3 .   ? -0.478  -7.251  7.077   1.00 17.56 ? 152 HOH A O   1 
HETATM 1383 O O   . HOH C 3 .   ? 3.305   5.282   -4.978  1.00 17.80 ? 153 HOH A O   1 
HETATM 1384 O O   . HOH C 3 .   ? 6.891   0.157   -2.390  1.00 19.33 ? 154 HOH A O   1 
HETATM 1385 O O   . HOH C 3 .   ? 12.058  3.288   2.801   1.00 19.97 ? 155 HOH A O   1 
HETATM 1386 O O   . HOH C 3 .   ? 11.974  18.470  -2.115  1.00 20.02 ? 156 HOH A O   1 
HETATM 1387 O O   . HOH C 3 .   ? -1.794  3.860   -9.378  1.00 20.62 ? 157 HOH A O   1 
HETATM 1388 O O   . HOH C 3 .   ? -10.819 -3.641  5.475   1.00 21.16 ? 158 HOH A O   1 
HETATM 1389 O O   . HOH C 3 .   ? -0.399  5.920   -8.231  1.00 21.25 ? 159 HOH A O   1 
HETATM 1390 O O   . HOH C 3 .   ? 9.748   11.964  12.287  1.00 22.09 ? 160 HOH A O   1 
HETATM 1391 O O   . HOH C 3 .   ? 3.055   15.785  2.330   1.00 22.41 ? 161 HOH A O   1 
HETATM 1392 O O   . HOH C 3 .   ? -10.015 0.938   1.954   1.00 22.48 ? 162 HOH A O   1 
HETATM 1393 O O   . HOH C 3 .   ? -2.819  -3.291  15.469  1.00 22.51 ? 163 HOH A O   1 
HETATM 1394 O O   . HOH C 3 .   ? 10.128  4.490   -3.551  1.00 22.61 ? 164 HOH A O   1 
HETATM 1395 O O   . HOH C 3 .   ? 1.164   5.010   -12.271 1.00 22.85 ? 165 HOH A O   1 
HETATM 1396 O O   . HOH C 3 .   ? 11.143  2.005   -7.488  1.00 23.01 ? 166 HOH A O   1 
HETATM 1397 O O   . HOH C 3 .   ? 0.724   4.866   -5.758  1.00 23.14 ? 167 HOH A O   1 
HETATM 1398 O O   . HOH C 3 .   ? -3.861  -3.652  -19.737 1.00 23.60 ? 168 HOH A O   1 
HETATM 1399 O O   . HOH C 3 .   ? 8.832   2.463   -2.302  1.00 23.69 ? 169 HOH A O   1 
HETATM 1400 O O   . HOH C 3 .   ? 3.108   -3.307  11.024  1.00 24.06 ? 170 HOH A O   1 
HETATM 1401 O O   . HOH C 3 .   ? -3.439  8.684   20.439  1.00 24.24 ? 171 HOH A O   1 
HETATM 1402 O O   . HOH C 3 .   ? -6.000  -5.131  6.892   1.00 24.91 ? 172 HOH A O   1 
HETATM 1403 O O   . HOH C 3 .   ? 7.577   -2.163  -3.334  1.00 25.31 ? 173 HOH A O   1 
HETATM 1404 O O   . HOH C 3 .   ? 12.732  11.854  0.855   1.00 25.41 ? 174 HOH A O   1 
HETATM 1405 O O   . HOH C 3 .   ? -11.273 5.555   12.879  1.00 25.49 ? 175 HOH A O   1 
HETATM 1406 O O   . HOH C 3 .   ? 3.728   -19.222 -6.923  1.00 25.56 ? 176 HOH A O   1 
HETATM 1407 O O   . HOH C 3 .   ? 12.693  8.443   0.147   1.00 25.64 ? 177 HOH A O   1 
HETATM 1408 O O   . HOH C 3 .   ? -10.081 -26.004 -12.551 1.00 25.74 ? 178 HOH A O   1 
HETATM 1409 O O   . HOH C 3 .   ? -8.301  -6.389  -8.159  1.00 26.01 ? 179 HOH A O   1 
HETATM 1410 O O   . HOH C 3 .   ? -9.856  -2.082  -8.565  1.00 26.13 ? 180 HOH A O   1 
HETATM 1411 O O   . HOH C 3 .   ? 7.393   5.130   16.395  1.00 26.21 ? 181 HOH A O   1 
HETATM 1412 O O   . HOH C 3 .   ? -13.891 6.630   8.337   1.00 26.53 ? 182 HOH A O   1 
HETATM 1413 O O   . HOH C 3 .   ? 8.414   -9.509  -6.008  1.00 27.09 ? 183 HOH A O   1 
HETATM 1414 O O   . HOH C 3 .   ? 6.656   -1.352  1.380   1.00 27.12 ? 184 HOH A O   1 
HETATM 1415 O O   . HOH C 3 .   ? 0.223   0.498   -20.966 1.00 27.23 ? 185 HOH A O   1 
HETATM 1416 O O   . HOH C 3 .   ? -6.446  -3.708  2.455   1.00 27.26 ? 186 HOH A O   1 
HETATM 1417 O O   . HOH C 3 .   ? 0.746   -5.292  8.640   1.00 27.28 ? 187 HOH A O   1 
HETATM 1418 O O   . HOH C 3 .   ? -6.183  -4.599  -0.356  1.00 27.28 ? 188 HOH A O   1 
HETATM 1419 O O   . HOH C 3 .   ? 1.750   6.579   -9.804  1.00 27.43 ? 189 HOH A O   1 
HETATM 1420 O O   . HOH C 3 .   ? 1.544   22.163  11.429  1.00 27.72 ? 190 HOH A O   1 
HETATM 1421 O O   . HOH C 3 .   ? -5.285  -13.147 -22.250 1.00 27.88 ? 191 HOH A O   1 
HETATM 1422 O O   . HOH C 3 .   ? -8.738  4.595   -7.108  1.00 27.97 ? 192 HOH A O   1 
HETATM 1423 O O   . HOH C 3 .   ? -7.630  -3.307  -6.347  1.00 27.98 ? 193 HOH A O   1 
HETATM 1424 O O   . HOH C 3 .   ? -8.627  8.399   15.665  1.00 28.25 ? 194 HOH A O   1 
HETATM 1425 O O   . HOH C 3 .   ? -5.827  -10.576 -1.096  1.00 28.30 ? 195 HOH A O   1 
HETATM 1426 O O   . HOH C 3 .   ? 5.743   -2.170  11.035  1.00 28.31 ? 196 HOH A O   1 
HETATM 1427 O O   . HOH C 3 .   ? -7.684  12.517  16.153  1.00 28.46 ? 197 HOH A O   1 
HETATM 1428 O O   . HOH C 3 .   ? 11.640  6.110   -1.074  1.00 28.55 ? 198 HOH A O   1 
HETATM 1429 O O   . HOH C 3 .   ? -0.311  14.030  16.602  1.00 28.60 ? 199 HOH A O   1 
HETATM 1430 O O   . HOH C 3 .   ? -13.117 -12.441 -9.702  1.00 29.14 ? 200 HOH A O   1 
HETATM 1431 O O   . HOH C 3 .   ? 2.245   6.860   -14.256 1.00 29.44 ? 201 HOH A O   1 
HETATM 1432 O O   . HOH C 3 .   ? 2.732   21.110  6.510   1.00 29.46 ? 202 HOH A O   1 
HETATM 1433 O O   . HOH C 3 .   ? -8.889  0.401   -19.570 1.00 29.49 ? 203 HOH A O   1 
HETATM 1434 O O   . HOH C 3 .   ? 15.994  0.242   3.537   1.00 29.53 ? 204 HOH A O   1 
HETATM 1435 O O   . HOH C 3 .   ? -1.346  9.884   22.233  1.00 29.69 ? 205 HOH A O   1 
HETATM 1436 O O   . HOH C 3 .   ? 9.308   -1.760  -10.363 1.00 29.79 ? 206 HOH A O   1 
HETATM 1437 O O   . HOH C 3 .   ? -1.287  -15.449 -21.317 1.00 30.05 ? 207 HOH A O   1 
HETATM 1438 O O   . HOH C 3 .   ? 7.833   4.652   13.621  1.00 30.15 ? 208 HOH A O   1 
HETATM 1439 O O   . HOH C 3 .   ? 7.851   4.303   -14.371 1.00 30.22 ? 209 HOH A O   1 
HETATM 1440 O O   . HOH C 3 .   ? -1.130  -19.004 4.020   1.00 30.29 ? 210 HOH A O   1 
HETATM 1441 O O   . HOH C 3 .   ? 2.620   14.376  -1.513  1.00 30.33 ? 211 HOH A O   1 
HETATM 1442 O O   . HOH C 3 .   ? -11.580 9.021   11.324  1.00 30.71 ? 212 HOH A O   1 
HETATM 1443 O O   . HOH C 3 .   ? -8.421  -18.898 -15.817 1.00 30.80 ? 213 HOH A O   1 
HETATM 1444 O O   . HOH C 3 .   ? 2.180   10.596  28.037  1.00 30.81 ? 214 HOH A O   1 
HETATM 1445 O O   . HOH C 3 .   ? -8.875  -5.768  13.169  1.00 31.21 ? 215 HOH A O   1 
HETATM 1446 O O   . HOH C 3 .   ? -11.790 -9.648  -23.696 1.00 31.28 ? 216 HOH A O   1 
HETATM 1447 O O   . HOH C 3 .   ? -9.931  -26.871 -5.835  1.00 31.33 ? 217 HOH A O   1 
HETATM 1448 O O   . HOH C 3 .   ? 9.077   12.139  -5.057  1.00 31.48 ? 218 HOH A O   1 
HETATM 1449 O O   . HOH C 3 .   ? 11.779  7.042   -5.925  1.00 31.55 ? 219 HOH A O   1 
HETATM 1450 O O   . HOH C 3 .   ? 4.216   0.526   -19.827 1.00 31.61 ? 220 HOH A O   1 
HETATM 1451 O O   . HOH C 3 .   ? -12.803 -2.889  12.106  1.00 31.70 ? 221 HOH A O   1 
HETATM 1452 O O   . HOH C 3 .   ? -0.972  -19.850 -13.847 1.00 31.76 ? 222 HOH A O   1 
HETATM 1453 O O   . HOH C 3 .   ? 8.471   -4.543  -2.347  1.00 31.98 ? 223 HOH A O   1 
HETATM 1454 O O   . HOH C 3 .   ? -8.551  -23.242 -14.732 1.00 32.09 ? 224 HOH A O   1 
HETATM 1455 O O   . HOH C 3 .   ? -7.720  -17.333 -18.007 1.00 32.11 ? 225 HOH A O   1 
HETATM 1456 O O   . HOH C 3 .   ? 13.008  -3.242  -5.257  1.00 32.12 ? 226 HOH A O   1 
HETATM 1457 O O   . HOH C 3 .   ? -7.949  -19.879 -7.147  1.00 32.26 ? 227 HOH A O   1 
HETATM 1458 O O   . HOH C 3 .   ? -5.387  -26.656 -12.373 1.00 32.50 ? 228 HOH A O   1 
HETATM 1459 O O   . HOH C 3 .   ? -10.096 -22.545 -12.681 1.00 32.62 ? 229 HOH A O   1 
HETATM 1460 O O   . HOH C 3 .   ? -15.713 -12.609 -19.121 1.00 32.64 ? 230 HOH A O   1 
HETATM 1461 O O   . HOH C 3 .   ? -7.484  6.925   -7.911  1.00 32.91 ? 231 HOH A O   1 
HETATM 1462 O O   . HOH C 3 .   ? -6.290  7.777   -5.367  1.00 33.05 ? 232 HOH A O   1 
HETATM 1463 O O   . HOH C 3 .   ? -10.845 -7.637  -21.438 1.00 33.08 ? 233 HOH A O   1 
HETATM 1464 O O   . HOH C 3 .   ? -10.912 -2.178  14.059  1.00 33.32 ? 234 HOH A O   1 
HETATM 1465 O O   . HOH C 3 .   ? 9.428   -2.117  6.166   1.00 33.41 ? 235 HOH A O   1 
HETATM 1466 O O   . HOH C 3 .   ? 8.628   -3.286  -12.739 1.00 33.44 ? 236 HOH A O   1 
HETATM 1467 O O   . HOH C 3 .   ? 7.775   7.555   18.944  1.00 33.45 ? 237 HOH A O   1 
HETATM 1468 O O   . HOH C 3 .   ? 5.865   16.830  2.232   1.00 33.91 ? 238 HOH A O   1 
HETATM 1469 O O   . HOH C 3 .   ? -13.846 -9.361  -22.355 1.00 33.96 ? 239 HOH A O   1 
HETATM 1470 O O   . HOH C 3 .   ? 11.530  -1.683  10.674  1.00 34.08 ? 240 HOH A O   1 
HETATM 1471 O O   . HOH C 3 .   ? -7.421  2.906   -4.496  1.00 34.10 ? 241 HOH A O   1 
HETATM 1472 O O   . HOH C 3 .   ? 7.368   -7.777  -2.747  1.00 34.41 ? 242 HOH A O   1 
HETATM 1473 O O   . HOH C 3 .   ? 5.979   15.833  -2.526  1.00 34.44 ? 243 HOH A O   1 
HETATM 1474 O O   . HOH C 3 .   ? -2.390  -10.861 -20.586 1.00 34.57 ? 244 HOH A O   1 
HETATM 1475 O O   . HOH C 3 .   ? 6.524   11.128  22.619  1.00 34.66 ? 245 HOH A O   1 
HETATM 1476 O O   . HOH C 3 .   ? 8.747   -9.815  -3.400  1.00 34.75 ? 246 HOH A O   1 
HETATM 1477 O O   . HOH C 3 .   ? -3.362  21.521  19.274  1.00 34.83 ? 247 HOH A O   1 
HETATM 1478 O O   . HOH C 3 .   ? -12.567 12.883  4.004   1.00 34.84 ? 248 HOH A O   1 
HETATM 1479 O O   . HOH C 3 .   ? 12.622  16.101  5.892   1.00 34.86 ? 249 HOH A O   1 
HETATM 1480 O O   . HOH C 3 .   ? 4.456   21.024  12.839  1.00 35.15 ? 250 HOH A O   1 
HETATM 1481 O O   . HOH C 3 .   ? -7.361  -7.931  0.862   1.00 35.47 ? 251 HOH A O   1 
HETATM 1482 O O   . HOH C 3 .   ? 2.726   15.367  17.782  1.00 35.49 ? 252 HOH A O   1 
HETATM 1483 O O   . HOH C 3 .   ? 14.571  12.946  -0.364  1.00 35.53 ? 253 HOH A O   1 
HETATM 1484 O O   . HOH C 3 .   ? -1.547  5.066   -12.074 1.00 35.72 ? 254 HOH A O   1 
HETATM 1485 O O   . HOH C 3 .   ? -1.892  -17.911 -20.141 1.00 35.90 ? 255 HOH A O   1 
HETATM 1486 O O   . HOH C 3 .   ? -10.879 -3.225  2.730   1.00 35.95 ? 256 HOH A O   1 
HETATM 1487 O O   . HOH C 3 .   ? 1.360   22.514  8.493   1.00 36.05 ? 257 HOH A O   1 
HETATM 1488 O O   . HOH C 3 .   ? 11.585  15.846  -5.176  1.00 36.18 ? 258 HOH A O   1 
HETATM 1489 O O   . HOH C 3 .   ? -11.389 3.528   -7.920  1.00 36.19 ? 259 HOH A O   1 
HETATM 1490 O O   . HOH C 3 .   ? 11.592  14.708  4.132   1.00 36.21 ? 260 HOH A O   1 
HETATM 1491 O O   . HOH C 3 .   ? 8.182   0.796   14.386  1.00 37.02 ? 261 HOH A O   1 
HETATM 1492 O O   . HOH C 3 .   ? 10.995  20.045  0.190   1.00 37.14 ? 262 HOH A O   1 
HETATM 1493 O O   . HOH C 3 .   ? 8.969   17.055  10.959  1.00 37.15 ? 263 HOH A O   1 
HETATM 1494 O O   . HOH C 3 .   ? 9.870   -4.369  4.700   1.00 37.22 ? 264 HOH A O   1 
HETATM 1495 O O   . HOH C 3 .   ? -3.507  -22.030 -15.650 1.00 37.28 ? 265 HOH A O   1 
HETATM 1496 O O   . HOH C 3 .   ? -2.700  12.379  22.366  1.00 37.40 ? 266 HOH A O   1 
HETATM 1497 O O   . HOH C 3 .   ? -7.022  -15.134 -5.011  1.00 37.43 ? 267 HOH A O   1 
HETATM 1498 O O   . HOH C 3 .   ? -11.166 9.495   13.889  1.00 37.62 ? 268 HOH A O   1 
HETATM 1499 O O   . HOH C 3 .   ? -14.275 -5.248  -19.460 1.00 37.77 ? 269 HOH A O   1 
HETATM 1500 O O   . HOH C 3 .   ? -11.034 -6.475  -5.718  1.00 37.86 ? 270 HOH A O   1 
HETATM 1501 O O   . HOH C 3 .   ? 11.733  -8.698  -8.733  1.00 37.89 ? 271 HOH A O   1 
HETATM 1502 O O   . HOH C 3 .   ? -9.421  -1.478  0.311   1.00 37.93 ? 272 HOH A O   1 
HETATM 1503 O O   . HOH C 3 .   ? 12.411  2.947   9.400   1.00 37.98 ? 273 HOH A O   1 
HETATM 1504 O O   . HOH C 3 .   ? 8.785   22.257  20.562  1.00 38.00 ? 274 HOH A O   1 
HETATM 1505 O O   . HOH C 3 .   ? 10.032  4.988   17.377  1.00 38.08 ? 275 HOH A O   1 
HETATM 1506 O O   . HOH C 3 .   ? -7.641  -6.598  10.560  1.00 38.22 ? 276 HOH A O   1 
HETATM 1507 O O   . HOH C 3 .   ? -18.140 -17.249 -13.377 1.00 38.23 ? 277 HOH A O   1 
HETATM 1508 O O   . HOH C 3 .   ? 4.183   17.403  18.633  1.00 38.32 ? 278 HOH A O   1 
HETATM 1509 O O   . HOH C 3 .   ? -0.169  -19.666 -16.342 1.00 38.40 ? 279 HOH A O   1 
HETATM 1510 O O   . HOH C 3 .   ? -12.186 -7.027  -19.251 1.00 38.52 ? 280 HOH A O   1 
HETATM 1511 O O   . HOH C 3 .   ? -9.245  -15.662 -20.220 1.00 38.71 ? 281 HOH A O   1 
HETATM 1512 O O   . HOH C 3 .   ? 15.232  3.271   5.947   1.00 38.77 ? 282 HOH A O   1 
HETATM 1513 O O   . HOH C 3 .   ? 6.001   -9.814  -1.019  1.00 38.85 ? 283 HOH A O   1 
HETATM 1514 O O   . HOH C 3 .   ? 5.929   -10.627 -13.061 1.00 38.90 ? 284 HOH A O   1 
HETATM 1515 O O   . HOH C 3 .   ? -3.391  -5.151  -22.414 1.00 39.00 ? 285 HOH A O   1 
HETATM 1516 O O   . HOH C 3 .   ? -1.133  -23.781 -4.192  1.00 39.26 ? 286 HOH A O   1 
HETATM 1517 O O   . HOH C 3 .   ? -7.590  -28.281 -9.208  1.00 39.29 ? 287 HOH A O   1 
HETATM 1518 O O   . HOH C 3 .   ? -13.299 3.129   5.093   1.00 39.34 ? 288 HOH A O   1 
HETATM 1519 O O   . HOH C 3 .   ? -8.822  0.607   -22.282 1.00 39.59 ? 289 HOH A O   1 
HETATM 1520 O O   . HOH C 3 .   ? 10.088  10.043  -6.688  1.00 39.72 ? 290 HOH A O   1 
HETATM 1521 O O   . HOH C 3 .   ? 8.127   -11.982 -1.815  1.00 39.91 ? 291 HOH A O   1 
HETATM 1522 O O   . HOH C 3 .   ? 7.430   7.330   -12.877 1.00 39.95 ? 292 HOH A O   1 
HETATM 1523 O O   . HOH C 3 .   ? 14.052  5.229   9.275   1.00 40.06 ? 293 HOH A O   1 
HETATM 1524 O O   . HOH C 3 .   ? 9.187   17.993  2.292   1.00 40.14 ? 294 HOH A O   1 
HETATM 1525 O O   . HOH C 3 .   ? -5.421  -4.448  -23.492 1.00 40.15 ? 295 HOH A O   1 
HETATM 1526 O O   . HOH C 3 .   ? -11.470 1.246   -16.541 1.00 40.35 ? 296 HOH A O   1 
HETATM 1527 O O   . HOH C 3 .   ? 4.374   7.827   30.600  1.00 40.47 ? 297 HOH A O   1 
HETATM 1528 O O   . HOH C 3 .   ? -0.277  5.096   -19.307 1.00 40.59 ? 298 HOH A O   1 
HETATM 1529 O O   . HOH C 3 .   ? 3.914   -12.240 -12.296 1.00 40.65 ? 299 HOH A O   1 
HETATM 1530 O O   . HOH C 3 .   ? 3.452   13.560  23.997  1.00 40.79 ? 300 HOH A O   1 
HETATM 1531 O O   . HOH C 3 .   ? -5.978  6.607   -10.057 1.00 40.94 ? 301 HOH A O   1 
HETATM 1532 O O   . HOH C 3 .   ? 3.981   -7.399  15.139  1.00 41.03 ? 302 HOH A O   1 
HETATM 1533 O O   . HOH C 3 .   ? 1.973   17.945  1.146   1.00 41.37 ? 303 HOH A O   1 
HETATM 1534 O O   . HOH C 3 .   ? 8.020   -1.052  12.257  1.00 41.46 ? 304 HOH A O   1 
HETATM 1535 O O   . HOH C 3 .   ? 5.900   -14.905 -13.512 1.00 41.46 ? 305 HOH A O   1 
HETATM 1536 O O   . HOH C 3 .   ? 15.404  9.081   -7.156  1.00 41.47 ? 306 HOH A O   1 
HETATM 1537 O O   . HOH C 3 .   ? -12.535 4.229   0.795   1.00 41.65 ? 307 HOH A O   1 
HETATM 1538 O O   . HOH C 3 .   ? 15.666  -2.168  9.184   1.00 41.72 ? 308 HOH A O   1 
HETATM 1539 O O   . HOH C 3 .   ? 4.282   6.073   -16.031 1.00 41.75 ? 309 HOH A O   1 
HETATM 1540 O O   . HOH C 3 .   ? 13.489  9.880   12.490  1.00 42.33 ? 310 HOH A O   1 
HETATM 1541 O O   . HOH C 3 .   ? 10.278  5.201   22.548  1.00 42.51 ? 311 HOH A O   1 
HETATM 1542 O O   . HOH C 3 .   ? -3.846  19.129  19.233  1.00 42.53 ? 312 HOH A O   1 
HETATM 1543 O O   . HOH C 3 .   ? -9.155  -7.685  -24.010 1.00 42.61 ? 313 HOH A O   1 
HETATM 1544 O O   . HOH C 3 .   ? 13.447  9.825   6.211   1.00 43.18 ? 314 HOH A O   1 
HETATM 1545 O O   . HOH C 3 .   ? -2.934  -25.481 -4.745  1.00 43.35 ? 315 HOH A O   1 
HETATM 1546 O O   . HOH C 3 .   ? 9.634   9.058   22.608  1.00 43.37 ? 316 HOH A O   1 
HETATM 1547 O O   . HOH C 3 .   ? -5.142  -27.373 -3.952  1.00 43.53 ? 317 HOH A O   1 
HETATM 1548 O O   . HOH C 3 .   ? 9.380   -6.331  -5.008  1.00 43.89 ? 318 HOH A O   1 
HETATM 1549 O O   . HOH C 3 .   ? 1.407   21.499  4.408   1.00 44.05 ? 319 HOH A O   1 
HETATM 1550 O O   . HOH C 3 .   ? -3.842  17.447  21.961  1.00 44.05 ? 320 HOH A O   1 
HETATM 1551 O O   . HOH C 3 .   ? 5.552   14.438  25.559  1.00 44.69 ? 321 HOH A O   1 
HETATM 1552 O O   . HOH C 3 .   ? -8.275  -16.902 -6.429  1.00 44.76 ? 322 HOH A O   1 
HETATM 1553 O O   . HOH C 3 .   ? 4.659   -16.033 -16.120 1.00 45.03 ? 323 HOH A O   1 
HETATM 1554 O O   . HOH C 3 .   ? 7.787   15.120  22.829  1.00 45.18 ? 324 HOH A O   1 
HETATM 1555 O O   . HOH C 3 .   ? -14.730 8.887   -3.062  1.00 45.32 ? 325 HOH A O   1 
HETATM 1556 O O   . HOH C 3 .   ? -16.416 -15.056 -16.772 1.00 45.37 ? 326 HOH A O   1 
HETATM 1557 O O   . HOH C 3 .   ? -13.501 -4.429  -14.574 1.00 45.43 ? 327 HOH A O   1 
HETATM 1558 O O   . HOH C 3 .   ? -6.933  -9.311  -23.619 1.00 45.55 ? 328 HOH A O   1 
HETATM 1559 O O   . HOH C 3 .   ? -14.392 -10.458 -19.365 1.00 45.56 ? 329 HOH A O   1 
HETATM 1560 O O   . HOH C 3 .   ? 3.867   16.061  24.077  1.00 45.59 ? 330 HOH A O   1 
HETATM 1561 O O   . HOH C 3 .   ? -5.212  -8.693  -21.903 1.00 45.80 ? 331 HOH A O   1 
HETATM 1562 O O   . HOH C 3 .   ? -1.369  22.230  3.401   1.00 46.30 ? 332 HOH A O   1 
HETATM 1563 O O   . HOH C 3 .   ? 9.743   1.248   -16.090 1.00 47.30 ? 333 HOH A O   1 
HETATM 1564 O O   . HOH C 3 .   ? 7.313   2.389   12.003  1.00 47.31 ? 334 HOH A O   1 
HETATM 1565 O O   . HOH C 3 .   ? 1.408   20.718  1.851   1.00 47.36 ? 335 HOH A O   1 
HETATM 1566 O O   . HOH C 3 .   ? 9.119   -8.700  -17.935 1.00 47.53 ? 336 HOH A O   1 
HETATM 1567 O O   . HOH C 3 .   ? 13.779  -0.254  10.201  1.00 47.89 ? 337 HOH A O   1 
HETATM 1568 O O   . HOH C 3 .   ? 5.693   9.182   28.578  1.00 48.10 ? 338 HOH A O   1 
HETATM 1569 O O   . HOH C 3 .   ? -8.552  -27.268 -2.712  1.00 48.23 ? 339 HOH A O   1 
HETATM 1570 O O   . HOH C 3 .   ? 0.434   -8.685  -23.564 1.00 48.63 ? 340 HOH A O   1 
HETATM 1571 O O   . HOH C 3 .   ? -0.930  -13.165 -22.258 1.00 49.02 ? 341 HOH A O   1 
HETATM 1572 O O   . HOH C 3 .   ? 6.164   14.723  20.618  1.00 49.10 ? 342 HOH A O   1 
HETATM 1573 O O   . HOH C 3 .   ? -13.932 -0.265  -13.822 1.00 49.32 ? 343 HOH A O   1 
HETATM 1574 O O   . HOH C 3 .   ? 10.571  8.362   -12.710 1.00 49.76 ? 344 HOH A O   1 
HETATM 1575 O O   . HOH C 3 .   ? -12.675 8.510   -0.554  1.00 49.95 ? 345 HOH A O   1 
HETATM 1576 O O   . HOH C 3 .   ? 11.516  1.863   -9.900  1.00 50.00 ? 346 HOH A O   1 
HETATM 1577 O O   . HOH C 3 .   ? -14.046 -2.305  2.822   1.00 50.20 ? 347 HOH A O   1 
HETATM 1578 O O   . HOH C 3 .   ? 8.528   -2.926  8.795   1.00 50.32 ? 348 HOH A O   1 
HETATM 1579 O O   . HOH C 3 .   ? -17.295 -13.811 -14.433 1.00 51.38 ? 349 HOH A O   1 
HETATM 1580 O O   . HOH C 3 .   ? 0.697   -20.664 -11.283 1.00 51.59 ? 350 HOH A O   1 
HETATM 1581 O O   . HOH C 3 .   ? -2.588  -14.443 -0.449  1.00 52.02 ? 351 HOH A O   1 
HETATM 1582 O O   . HOH C 3 .   ? -2.325  -8.494  -22.201 1.00 52.58 ? 352 HOH A O   1 
HETATM 1583 O O   . HOH C 3 .   ? -7.889  -20.221 -4.326  1.00 52.64 ? 353 HOH A O   1 
HETATM 1584 O O   . HOH C 3 .   ? 7.264   21.279  -3.685  1.00 53.37 ? 354 HOH A O   1 
HETATM 1585 O O   . HOH C 3 .   ? 0.235   22.961  21.392  1.00 53.68 ? 355 HOH A O   1 
HETATM 1586 O O   . HOH C 3 .   ? 4.592   17.485  -0.697  1.00 53.77 ? 356 HOH A O   1 
HETATM 1587 O O   . HOH C 3 .   ? -2.575  15.203  21.290  1.00 54.06 ? 357 HOH A O   1 
HETATM 1588 O O   . HOH C 3 .   ? 7.800   -13.911 -12.205 1.00 54.19 ? 358 HOH A O   1 
HETATM 1589 O O   . HOH C 3 .   ? 5.559   2.222   -22.110 1.00 54.44 ? 359 HOH A O   1 
HETATM 1590 O O   . HOH C 3 .   ? 7.702   19.990  -1.298  1.00 55.30 ? 360 HOH A O   1 
HETATM 1591 O O   . HOH C 3 .   ? -9.457  -6.765  -10.239 1.00 55.87 ? 361 HOH A O   1 
HETATM 1592 O O   . HOH C 3 .   ? 7.550   8.567   30.951  1.00 55.94 ? 362 HOH A O   1 
HETATM 1593 O O   . HOH C 3 .   ? -8.407  -6.659  -2.849  1.00 56.06 ? 363 HOH A O   1 
HETATM 1594 O O   . HOH C 3 .   ? -9.152  -4.569  -1.444  1.00 56.24 ? 364 HOH A O   1 
HETATM 1595 O O   . HOH C 3 .   ? -9.734  -21.835 -6.379  1.00 59.11 ? 365 HOH A O   1 
HETATM 1596 O O   . HOH C 3 .   ? 11.374  18.073  8.185   1.00 60.37 ? 366 HOH A O   1 
HETATM 1597 O O   . HOH C 3 .   ? -10.447 -4.949  -8.567  1.00 60.52 ? 367 HOH A O   1 
HETATM 1598 O O   . HOH C 3 .   ? 11.417  -2.916  -15.672 1.00 60.55 ? 368 HOH A O   1 
HETATM 1599 O O   . HOH C 3 .   ? 6.682   18.622  0.570   1.00 64.21 ? 369 HOH A O   1 
HETATM 1600 O O   . HOH D 3 .   ? 6.516   3.898   -3.632  1.00 17.13 ? 3   HOH B O   1 
HETATM 1601 O O   . HOH D 3 .   ? 6.403   -3.867  1.997   1.00 21.66 ? 12  HOH B O   1 
HETATM 1602 O O   . HOH D 3 .   ? 5.371   1.198   -0.565  1.00 22.16 ? 14  HOH B O   1 
HETATM 1603 O O   . HOH D 3 .   ? -0.175  -9.865  8.138   1.00 23.08 ? 21  HOH B O   1 
HETATM 1604 O O   . HOH D 3 .   ? 6.417   -9.784  1.380   1.00 23.38 ? 23  HOH B O   1 
HETATM 1605 O O   . HOH D 3 .   ? -3.346  8.435   -5.521  1.00 25.28 ? 29  HOH B O   1 
HETATM 1606 O O   . HOH D 3 .   ? 7.264   -16.349 5.913   1.00 25.96 ? 36  HOH B O   1 
HETATM 1607 O O   . HOH D 3 .   ? 5.105   6.322   -6.725  1.00 26.10 ? 38  HOH B O   1 
HETATM 1608 O O   . HOH D 3 .   ? -9.031  14.501  2.362   1.00 26.20 ? 40  HOH B O   1 
HETATM 1609 O O   . HOH D 3 .   ? 5.146   -9.461  8.414   1.00 27.38 ? 49  HOH B O   1 
HETATM 1610 O O   . HOH D 3 .   ? -7.006  -5.846  3.658   1.00 27.41 ? 50  HOH B O   1 
HETATM 1611 O O   . HOH D 3 .   ? 3.242   -5.406  9.518   1.00 27.69 ? 52  HOH B O   1 
HETATM 1612 O O   . HOH D 3 .   ? -5.567  6.314   -2.693  1.00 29.96 ? 70  HOH B O   1 
HETATM 1613 O O   . HOH D 3 .   ? -8.770  9.489   -5.071  1.00 30.82 ? 79  HOH B O   1 
HETATM 1614 O O   . HOH D 3 .   ? 5.424   -4.988  4.180   1.00 31.31 ? 82  HOH B O   1 
HETATM 1615 O O   . HOH D 3 .   ? 5.238   -15.689 1.748   1.00 32.45 ? 94  HOH B O   1 
HETATM 1616 O O   . HOH D 3 .   ? 4.646   -11.022 11.725  1.00 33.67 ? 105 HOH B O   1 
HETATM 1617 O O   . HOH D 3 .   ? -4.080  -14.061 1.366   1.00 33.86 ? 106 HOH B O   1 
HETATM 1618 O O   . HOH D 3 .   ? -2.061  7.914   -7.700  1.00 34.01 ? 109 HOH B O   1 
HETATM 1619 O O   . HOH D 3 .   ? -4.533  -3.638  1.225   1.00 36.06 ? 128 HOH B O   1 
HETATM 1620 O O   . HOH D 3 .   ? -4.656  2.495   -3.375  1.00 36.68 ? 132 HOH B O   1 
HETATM 1621 O O   . HOH D 3 .   ? 1.669   -8.435  10.851  1.00 36.98 ? 133 HOH B O   1 
HETATM 1622 O O   . HOH D 3 .   ? -8.072  -2.018  -1.811  1.00 39.75 ? 164 HOH B O   1 
HETATM 1623 O O   . HOH D 3 .   ? -2.755  11.035  -4.492  1.00 40.15 ? 169 HOH B O   1 
HETATM 1624 O O   . HOH D 3 .   ? -8.178  22.505  -3.222  1.00 40.58 ? 173 HOH B O   1 
HETATM 1625 O O   . HOH D 3 .   ? 8.319   -7.068  8.416   1.00 41.94 ? 186 HOH B O   1 
HETATM 1626 O O   . HOH D 3 .   ? 7.066   -10.107 11.860  1.00 42.27 ? 187 HOH B O   1 
HETATM 1627 O O   . HOH D 3 .   ? -3.814  -11.127 0.710   1.00 43.19 ? 193 HOH B O   1 
HETATM 1628 O O   . HOH D 3 .   ? 9.922   -11.898 8.073   1.00 45.93 ? 211 HOH B O   1 
HETATM 1629 O O   . HOH D 3 .   ? 7.816   -11.976 1.838   1.00 46.77 ? 213 HOH B O   1 
HETATM 1630 O O   . HOH D 3 .   ? 8.358   -7.947  2.558   1.00 51.06 ? 230 HOH B O   1 
HETATM 1631 O O   . HOH D 3 .   ? -0.192  9.760   -6.611  1.00 56.42 ? 247 HOH B O   1 
# 
